data_5TEQ
#
_entry.id   5TEQ
#
_cell.length_a   95.110
_cell.length_b   73.100
_cell.length_c   131.120
_cell.angle_alpha   90.00
_cell.angle_beta   97.89
_cell.angle_gamma   90.00
#
_symmetry.space_group_name_H-M   'P 1 21 1'
#
loop_
_entity.id
_entity.type
_entity.pdbx_description
1 polymer 'ATP-citrate synthase'
2 non-polymer 'CITRATE ANION'
3 non-polymer 'PHOSPHATE ION'
4 non-polymer 'SODIUM ION'
5 water water
#
_entity_poly.entity_id   1
_entity_poly.type   'polypeptide(L)'
_entity_poly.pdbx_seq_one_letter_code
;MSAKAISEQTGKELLYKFISTTSAIQNRFKYARVTPDTDWARLLQDHPWLLSQNLVVKPDQLIKRRGKLGLVGVNLTLDG
VKSWLKPRLGQEATVGKATGFLKNFLIEPFVPHSQAEEFYVCIYATREGDYVLFHHEGGVDVGDVDAKAQKLLVGVDEKL
NPEDIKKHLLVHAPEDKKEILASFISGLFNFYEDLYFTYLEINPLVVTKDGVYVLDLAAKVDATADYICKVKWGDIEFPP
PFGREAYPEEAYIADLDAKSGASLKLTLLNPKGRIWTMVAGGGASVVYSDTIGDLGGVNELANYGEYSGAPSEQQTYDYA
KTILSLMTREKHPDGKILIIGGSIANFTNVAATFKGIVRAIRDYQGPLKEHEVTIFVRRGGPNYQEGLRVMGEVGKTTGI
PIHVFGTETHMTAIVGMALGHRPIPNQPPTAAHTANFLLNASGSTSTPAPSRTASFSESRADEVAPAKKAKPAMPQDSVP
SPRSLQGKSTTLFSRHTKAIVWGMQTRAVQGMLDFDYVCSRDEPSVAAMVYPFTGDHKQKFYWGHKEILIPVFKNMADAM
RKHPEVDVLINFASLRSAYDSTMETMNYAQIRTIAIIAEGIPEALTRKLIKKADQKGVTIIGPATVGGIKPGCFKIGNTG
GMLDNILASKLYRPGSVAYVSRSGGMSNELNNIISRTTDGVYEGVAIGGDRYPGSTFMDHVLRYQDTPGVKMIVVLGEIG
GTEEYKICRGIKEGRLTKPIVCWCIGTCATMFSSEVQFGHAGACANQASETAVAKNQALKEAGVFVPRSFDELGEIIQSV
YEDLVANGVIVPAQEVPAALEHHHHHHH
;
_entity_poly.pdbx_strand_id   A,B
#
# COMPACT_ATOMS: atom_id res chain seq x y z
N SER A 2 5.06 32.38 5.08
CA SER A 2 4.13 31.74 6.00
C SER A 2 3.71 32.69 7.12
N ALA A 3 2.44 32.60 7.52
CA ALA A 3 1.98 33.27 8.73
C ALA A 3 2.42 32.48 9.94
N LYS A 4 2.93 33.18 10.96
CA LYS A 4 3.46 32.55 12.16
C LYS A 4 2.86 33.21 13.39
N ALA A 5 2.55 32.40 14.39
CA ALA A 5 2.02 32.92 15.64
C ALA A 5 3.12 33.61 16.44
N ILE A 6 2.70 34.58 17.25
CA ILE A 6 3.59 35.24 18.20
C ILE A 6 2.98 35.09 19.58
N SER A 7 3.83 35.24 20.59
CA SER A 7 3.35 35.13 21.97
C SER A 7 2.43 36.30 22.30
N GLU A 8 1.67 36.14 23.40
CA GLU A 8 0.78 37.19 23.85
C GLU A 8 1.58 38.42 24.29
N GLN A 9 2.74 38.20 24.93
CA GLN A 9 3.57 39.31 25.36
C GLN A 9 4.09 40.09 24.17
N THR A 10 4.60 39.40 23.15
CA THR A 10 5.09 40.06 21.95
C THR A 10 3.98 40.88 21.29
N GLY A 11 2.78 40.30 21.18
CA GLY A 11 1.67 41.03 20.57
C GLY A 11 1.25 42.24 21.38
N LYS A 12 1.20 42.10 22.71
CA LYS A 12 0.87 43.24 23.55
C LYS A 12 1.99 44.27 23.52
N GLU A 13 3.25 43.83 23.48
CA GLU A 13 4.37 44.72 23.27
C GLU A 13 4.16 45.57 22.02
N LEU A 14 3.93 44.91 20.88
CA LEU A 14 3.72 45.64 19.64
C LEU A 14 2.51 46.56 19.74
N LEU A 15 1.45 46.09 20.39
CA LEU A 15 0.22 46.87 20.47
C LEU A 15 0.42 48.11 21.34
N TYR A 16 1.05 47.95 22.50
CA TYR A 16 1.28 49.09 23.39
C TYR A 16 2.19 50.13 22.76
N LYS A 17 3.14 49.71 21.92
CA LYS A 17 4.09 50.65 21.34
C LYS A 17 3.50 51.38 20.13
N PHE A 18 2.69 50.70 19.32
CA PHE A 18 2.40 51.19 17.99
C PHE A 18 0.94 51.43 17.66
N ILE A 19 0.01 51.05 18.54
CA ILE A 19 -1.40 51.35 18.26
C ILE A 19 -1.59 52.86 18.32
N SER A 20 -2.22 53.40 17.29
CA SER A 20 -2.48 54.83 17.17
C SER A 20 -3.96 55.06 17.45
N THR A 21 -4.27 55.51 18.66
CA THR A 21 -5.67 55.65 19.05
C THR A 21 -5.80 56.77 20.08
N THR A 22 -6.94 57.45 20.05
CA THR A 22 -7.31 58.42 21.08
C THR A 22 -8.02 57.76 22.25
N SER A 23 -8.21 56.45 22.22
CA SER A 23 -8.79 55.74 23.35
C SER A 23 -7.74 55.51 24.43
N ALA A 24 -8.21 55.37 25.66
CA ALA A 24 -7.33 55.11 26.80
C ALA A 24 -7.14 53.60 26.95
N ILE A 25 -5.90 53.15 26.79
CA ILE A 25 -5.56 51.74 26.86
C ILE A 25 -4.87 51.54 28.21
N GLN A 26 -5.60 50.97 29.16
CA GLN A 26 -5.13 50.86 30.53
C GLN A 26 -4.13 49.72 30.69
N ASN A 27 -3.31 49.84 31.73
CA ASN A 27 -2.31 48.81 32.07
C ASN A 27 -1.31 48.58 30.94
N ARG A 28 -1.09 49.60 30.09
CA ARG A 28 -0.06 49.49 29.08
C ARG A 28 1.30 49.24 29.74
N PHE A 29 2.04 48.30 29.17
CA PHE A 29 3.36 47.91 29.66
C PHE A 29 3.34 47.39 31.09
N LYS A 30 2.17 47.07 31.62
CA LYS A 30 2.06 46.41 32.93
C LYS A 30 1.98 44.90 32.70
N TYR A 31 3.13 44.31 32.39
CA TYR A 31 3.26 42.87 32.31
C TYR A 31 4.65 42.49 32.79
N ALA A 32 4.77 41.24 33.24
CA ALA A 32 6.02 40.73 33.77
C ALA A 32 6.17 39.28 33.34
N ARG A 33 7.29 38.98 32.71
CA ARG A 33 7.54 37.65 32.16
C ARG A 33 8.27 36.80 33.19
N VAL A 34 7.81 35.57 33.38
CA VAL A 34 8.31 34.69 34.42
C VAL A 34 8.82 33.41 33.76
N THR A 35 10.11 33.14 33.92
CA THR A 35 10.79 31.96 33.45
C THR A 35 11.45 31.26 34.63
N PRO A 36 11.83 29.98 34.50
CA PRO A 36 12.58 29.35 35.59
C PRO A 36 13.86 30.09 35.97
N ASP A 37 14.37 30.97 35.11
CA ASP A 37 15.60 31.70 35.38
C ASP A 37 15.36 33.14 35.82
N THR A 38 14.12 33.50 36.13
CA THR A 38 13.80 34.89 36.47
C THR A 38 14.56 35.35 37.70
N ASP A 39 15.08 36.57 37.64
CA ASP A 39 15.64 37.25 38.81
C ASP A 39 14.50 38.02 39.47
N TRP A 40 13.89 37.41 40.49
CA TRP A 40 12.67 37.97 41.06
C TRP A 40 12.90 39.31 41.75
N ALA A 41 14.15 39.62 42.16
CA ALA A 41 14.41 40.94 42.70
C ALA A 41 14.35 41.99 41.61
N ARG A 42 15.03 41.74 40.49
CA ARG A 42 14.92 42.63 39.33
C ARG A 42 13.48 42.75 38.88
N LEU A 43 12.75 41.64 38.82
CA LEU A 43 11.37 41.66 38.37
C LEU A 43 10.54 42.65 39.17
N LEU A 44 10.69 42.63 40.49
CA LEU A 44 9.95 43.56 41.34
C LEU A 44 10.47 44.98 41.17
N GLN A 45 11.77 45.14 40.96
CA GLN A 45 12.33 46.46 40.71
C GLN A 45 11.80 47.03 39.39
N ASP A 46 11.81 46.21 38.33
CA ASP A 46 11.40 46.69 37.02
C ASP A 46 9.88 46.83 36.91
N HIS A 47 9.11 46.08 37.71
CA HIS A 47 7.66 46.11 37.65
C HIS A 47 7.10 46.29 39.05
N PRO A 48 7.26 47.48 39.64
CA PRO A 48 6.86 47.67 41.04
C PRO A 48 5.37 47.52 41.27
N TRP A 49 4.54 47.71 40.25
CA TRP A 49 3.10 47.50 40.40
C TRP A 49 2.78 46.07 40.83
N LEU A 50 3.72 45.14 40.70
CA LEU A 50 3.50 43.77 41.17
C LEU A 50 3.19 43.73 42.66
N LEU A 51 3.69 44.70 43.43
CA LEU A 51 3.60 44.68 44.88
C LEU A 51 2.39 45.45 45.41
N SER A 52 1.68 46.19 44.56
CA SER A 52 0.65 47.11 45.04
C SER A 52 -0.74 46.82 44.48
N GLN A 53 -0.93 45.69 43.79
CA GLN A 53 -2.26 45.34 43.31
C GLN A 53 -2.31 43.84 43.03
N ASN A 54 -3.53 43.32 42.95
CA ASN A 54 -3.75 41.91 42.68
C ASN A 54 -3.49 41.61 41.21
N LEU A 55 -3.11 40.36 40.94
CA LEU A 55 -2.51 39.99 39.67
C LEU A 55 -3.24 38.82 39.04
N VAL A 56 -2.89 38.57 37.77
CA VAL A 56 -3.29 37.37 37.05
C VAL A 56 -2.02 36.75 36.47
N VAL A 57 -1.94 35.43 36.51
CA VAL A 57 -0.79 34.68 36.02
C VAL A 57 -1.28 33.59 35.09
N LYS A 58 -0.56 33.36 34.01
CA LYS A 58 -0.93 32.37 33.01
C LYS A 58 0.30 32.04 32.19
N PRO A 59 0.34 30.85 31.57
CA PRO A 59 1.43 30.56 30.64
C PRO A 59 1.24 31.31 29.33
N ASP A 60 2.36 31.67 28.72
CA ASP A 60 2.38 32.34 27.42
C ASP A 60 3.20 31.47 26.48
N GLN A 61 2.57 30.40 25.98
CA GLN A 61 3.24 29.40 25.17
C GLN A 61 2.34 28.87 24.07
N LEU A 62 1.47 29.72 23.53
CA LEU A 62 0.55 29.35 22.44
C LEU A 62 -0.42 28.25 22.88
N ILE A 63 -0.85 28.31 24.13
CA ILE A 63 -1.91 27.44 24.64
C ILE A 63 -3.18 28.27 24.69
N LYS A 64 -4.19 27.86 23.93
CA LYS A 64 -5.49 28.53 23.98
C LYS A 64 -6.43 27.81 24.94
N ARG A 65 -7.45 28.54 25.38
CA ARG A 65 -8.40 28.05 26.39
C ARG A 65 -7.68 27.75 27.70
N ARG A 66 -6.78 28.65 28.10
CA ARG A 66 -6.06 28.51 29.36
C ARG A 66 -6.98 28.57 30.56
N GLY A 67 -8.14 29.21 30.43
CA GLY A 67 -9.14 29.20 31.48
C GLY A 67 -9.74 27.82 31.67
N LYS A 68 -10.31 27.28 30.59
CA LYS A 68 -10.92 25.95 30.64
C LYS A 68 -9.93 24.89 31.12
N LEU A 69 -8.64 25.11 30.90
CA LEU A 69 -7.61 24.16 31.31
C LEU A 69 -7.12 24.39 32.73
N GLY A 70 -7.65 25.39 33.43
CA GLY A 70 -7.20 25.68 34.77
C GLY A 70 -5.77 26.14 34.85
N LEU A 71 -5.30 26.87 33.84
CA LEU A 71 -3.92 27.35 33.78
C LEU A 71 -3.83 28.86 34.02
N VAL A 72 -4.78 29.41 34.78
CA VAL A 72 -4.86 30.86 34.99
C VAL A 72 -5.14 31.11 36.46
N GLY A 73 -4.12 31.56 37.20
CA GLY A 73 -4.34 32.07 38.54
C GLY A 73 -4.94 33.46 38.48
N VAL A 74 -6.10 33.64 39.12
CA VAL A 74 -6.91 34.84 38.93
C VAL A 74 -7.03 35.57 40.26
N ASN A 75 -6.75 36.87 40.25
CA ASN A 75 -6.96 37.76 41.39
C ASN A 75 -6.18 37.24 42.61
N LEU A 76 -4.86 37.23 42.45
CA LEU A 76 -3.95 36.77 43.49
C LEU A 76 -3.00 37.89 43.87
N THR A 77 -2.53 37.86 45.10
CA THR A 77 -1.42 38.72 45.49
C THR A 77 -0.13 38.17 44.90
N LEU A 78 0.95 38.95 45.03
CA LEU A 78 2.22 38.50 44.50
C LEU A 78 2.69 37.23 45.18
N ASP A 79 2.47 37.12 46.49
CA ASP A 79 2.82 35.89 47.20
C ASP A 79 1.99 34.71 46.69
N GLY A 80 0.69 34.94 46.46
CA GLY A 80 -0.14 33.92 45.88
C GLY A 80 0.32 33.49 44.50
N VAL A 81 0.84 34.43 43.72
CA VAL A 81 1.38 34.11 42.40
C VAL A 81 2.57 33.17 42.54
N LYS A 82 3.52 33.52 43.42
CA LYS A 82 4.68 32.66 43.63
C LYS A 82 4.26 31.26 44.04
N SER A 83 3.17 31.14 44.81
CA SER A 83 2.70 29.82 45.24
C SER A 83 1.98 29.10 44.12
N TRP A 84 1.10 29.81 43.40
CA TRP A 84 0.46 29.22 42.23
C TRP A 84 1.49 28.67 41.25
N LEU A 85 2.66 29.31 41.15
CA LEU A 85 3.69 28.92 40.20
C LEU A 85 4.53 27.73 40.66
N LYS A 86 4.61 27.47 41.96
CA LYS A 86 5.58 26.49 42.44
C LYS A 86 5.24 25.08 41.96
N PRO A 87 3.97 24.65 42.01
CA PRO A 87 3.65 23.32 41.46
C PRO A 87 3.65 23.28 39.94
N ARG A 88 3.58 24.43 39.26
CA ARG A 88 3.36 24.48 37.83
C ARG A 88 4.62 24.80 37.04
N LEU A 89 5.45 25.71 37.52
CA LEU A 89 6.60 26.15 36.74
C LEU A 89 7.64 25.03 36.65
N GLY A 90 8.02 24.68 35.43
CA GLY A 90 8.95 23.59 35.21
C GLY A 90 8.33 22.21 35.17
N GLN A 91 7.00 22.11 35.23
CA GLN A 91 6.31 20.83 35.26
C GLN A 91 5.59 20.59 33.95
N GLU A 92 5.44 19.31 33.61
CA GLU A 92 4.80 18.93 32.35
C GLU A 92 3.30 19.20 32.41
N ALA A 93 2.72 19.41 31.23
CA ALA A 93 1.28 19.57 31.09
C ALA A 93 0.88 19.07 29.72
N THR A 94 -0.39 18.70 29.59
CA THR A 94 -0.92 18.16 28.34
C THR A 94 -2.14 18.96 27.89
N VAL A 95 -2.10 19.42 26.65
CA VAL A 95 -3.21 20.12 26.02
C VAL A 95 -3.53 19.36 24.75
N GLY A 96 -4.65 18.64 24.76
CA GLY A 96 -4.97 17.78 23.63
C GLY A 96 -3.90 16.71 23.46
N LYS A 97 -3.38 16.59 22.24
CA LYS A 97 -2.36 15.61 21.94
C LYS A 97 -0.98 16.01 22.45
N ALA A 98 -0.76 17.29 22.75
CA ALA A 98 0.57 17.81 23.01
C ALA A 98 0.93 17.75 24.49
N THR A 99 2.21 17.51 24.75
CA THR A 99 2.77 17.51 26.09
C THR A 99 4.07 18.30 26.09
N GLY A 100 4.24 19.18 27.07
CA GLY A 100 5.44 20.00 27.15
C GLY A 100 5.55 20.65 28.52
N PHE A 101 6.70 21.28 28.74
CA PHE A 101 6.98 21.93 30.02
C PHE A 101 6.36 23.32 30.06
N LEU A 102 5.71 23.64 31.17
CA LEU A 102 5.25 25.00 31.45
C LEU A 102 6.44 25.80 31.94
N LYS A 103 7.02 26.63 31.05
CA LYS A 103 8.25 27.33 31.34
C LYS A 103 8.20 28.84 31.10
N ASN A 104 7.13 29.36 30.50
CA ASN A 104 7.04 30.78 30.18
C ASN A 104 5.69 31.30 30.65
N PHE A 105 5.71 32.19 31.64
CA PHE A 105 4.51 32.72 32.25
C PHE A 105 4.49 34.24 32.15
N LEU A 106 3.28 34.80 32.22
CA LEU A 106 3.07 36.23 32.08
C LEU A 106 2.17 36.70 33.22
N ILE A 107 2.65 37.67 33.99
CA ILE A 107 1.88 38.26 35.09
C ILE A 107 1.33 39.61 34.62
N GLU A 108 0.07 39.87 34.94
CA GLU A 108 -0.56 41.14 34.61
C GLU A 108 -1.49 41.54 35.74
N PRO A 109 -1.84 42.82 35.83
CA PRO A 109 -2.78 43.24 36.88
C PRO A 109 -4.15 42.61 36.68
N PHE A 110 -4.81 42.31 37.78
CA PHE A 110 -6.19 41.85 37.72
C PHE A 110 -7.11 43.04 37.47
N VAL A 111 -8.09 42.85 36.61
CA VAL A 111 -8.99 43.93 36.19
C VAL A 111 -10.40 43.62 36.67
N PRO A 112 -10.85 44.18 37.80
CA PRO A 112 -12.24 43.99 38.21
C PRO A 112 -13.18 44.57 37.16
N HIS A 113 -14.12 43.75 36.71
CA HIS A 113 -15.03 44.16 35.64
C HIS A 113 -16.30 43.32 35.71
N SER A 114 -17.36 43.88 35.13
CA SER A 114 -18.61 43.15 35.00
C SER A 114 -18.50 42.11 33.89
N GLN A 115 -19.39 41.12 33.94
CA GLN A 115 -19.49 40.17 32.83
C GLN A 115 -19.90 40.87 31.54
N ALA A 116 -20.70 41.94 31.64
CA ALA A 116 -21.16 42.68 30.49
C ALA A 116 -20.08 43.59 29.90
N GLU A 117 -18.98 43.81 30.60
CA GLU A 117 -17.92 44.67 30.12
C GLU A 117 -16.87 43.91 29.32
N GLU A 118 -17.08 42.62 29.09
CA GLU A 118 -16.19 41.82 28.25
C GLU A 118 -16.72 41.78 26.83
N PHE A 119 -15.83 41.93 25.87
CA PHE A 119 -16.18 41.90 24.46
C PHE A 119 -15.20 41.02 23.71
N TYR A 120 -15.66 40.47 22.59
CA TYR A 120 -14.83 39.67 21.71
C TYR A 120 -14.50 40.49 20.47
N VAL A 121 -13.23 40.52 20.10
CA VAL A 121 -12.79 41.21 18.88
C VAL A 121 -11.77 40.31 18.19
N CYS A 122 -11.92 40.15 16.88
CA CYS A 122 -10.99 39.34 16.11
C CYS A 122 -10.87 39.93 14.72
N ILE A 123 -9.64 39.96 14.20
CA ILE A 123 -9.37 40.36 12.83
C ILE A 123 -8.55 39.26 12.20
N TYR A 124 -9.01 38.76 11.04
CA TYR A 124 -8.29 37.69 10.35
C TYR A 124 -8.40 37.93 8.85
N ALA A 125 -7.41 37.43 8.12
CA ALA A 125 -7.25 37.72 6.70
C ALA A 125 -7.85 36.60 5.84
N THR A 126 -8.45 37.01 4.72
CA THR A 126 -8.89 36.11 3.67
C THR A 126 -8.46 36.68 2.33
N ARG A 127 -8.73 35.92 1.27
CA ARG A 127 -8.39 36.38 -0.08
C ARG A 127 -9.07 37.70 -0.40
N GLU A 128 -10.32 37.87 0.02
CA GLU A 128 -11.11 39.04 -0.36
C GLU A 128 -10.91 40.24 0.59
N GLY A 129 -10.07 40.10 1.61
CA GLY A 129 -9.84 41.17 2.54
C GLY A 129 -9.77 40.65 3.95
N ASP A 130 -9.97 41.55 4.92
CA ASP A 130 -9.86 41.24 6.33
C ASP A 130 -11.22 41.38 7.00
N TYR A 131 -11.63 40.36 7.75
CA TYR A 131 -12.89 40.36 8.45
C TYR A 131 -12.70 40.83 9.90
N VAL A 132 -13.65 41.61 10.39
CA VAL A 132 -13.65 42.09 11.76
C VAL A 132 -14.87 41.51 12.47
N LEU A 133 -14.62 40.75 13.54
CA LEU A 133 -15.67 40.15 14.35
C LEU A 133 -15.80 40.91 15.66
N PHE A 134 -17.04 41.05 16.14
CA PHE A 134 -17.27 41.71 17.41
C PHE A 134 -18.55 41.16 18.03
N HIS A 135 -18.50 40.90 19.34
CA HIS A 135 -19.69 40.53 20.10
C HIS A 135 -19.40 40.50 21.60
N ALA A 149 -23.00 37.21 16.53
CA ALA A 149 -21.70 37.85 16.41
C ALA A 149 -21.61 38.70 15.14
N GLN A 150 -21.23 39.97 15.30
CA GLN A 150 -21.21 40.91 14.19
C GLN A 150 -19.94 40.74 13.38
N LYS A 151 -20.09 40.76 12.06
CA LYS A 151 -19.00 40.45 11.13
C LYS A 151 -18.99 41.48 10.00
N LEU A 152 -17.83 42.08 9.78
CA LEU A 152 -17.67 43.13 8.77
C LEU A 152 -16.43 42.85 7.95
N LEU A 153 -16.56 42.93 6.62
CA LEU A 153 -15.44 42.71 5.70
C LEU A 153 -14.84 44.05 5.31
N VAL A 154 -13.54 44.21 5.52
CA VAL A 154 -12.79 45.33 4.97
C VAL A 154 -12.07 44.81 3.74
N GLY A 155 -12.47 45.30 2.57
CA GLY A 155 -11.92 44.81 1.33
C GLY A 155 -10.46 45.17 1.15
N VAL A 156 -9.84 44.52 0.16
CA VAL A 156 -8.46 44.82 -0.19
C VAL A 156 -8.36 46.27 -0.63
N ASP A 157 -7.39 46.98 -0.08
CA ASP A 157 -7.12 48.38 -0.39
C ASP A 157 -8.24 49.32 0.04
N GLU A 158 -9.17 48.86 0.88
CA GLU A 158 -10.18 49.73 1.46
C GLU A 158 -9.72 50.22 2.83
N LYS A 159 -10.52 51.10 3.42
CA LYS A 159 -10.26 51.64 4.75
C LYS A 159 -11.45 51.32 5.64
N LEU A 160 -11.21 51.31 6.96
CA LEU A 160 -12.25 51.00 7.93
C LEU A 160 -12.74 52.32 8.53
N ASN A 161 -13.88 52.79 8.05
CA ASN A 161 -14.47 54.02 8.56
C ASN A 161 -14.99 53.80 9.97
N PRO A 162 -14.56 54.57 10.97
CA PRO A 162 -15.13 54.39 12.32
C PRO A 162 -16.64 54.45 12.33
N GLU A 163 -17.24 55.14 11.36
CA GLU A 163 -18.69 55.13 11.22
C GLU A 163 -19.18 53.78 10.70
N ASP A 164 -18.36 53.08 9.91
CA ASP A 164 -18.72 51.74 9.49
C ASP A 164 -18.72 50.76 10.65
N ILE A 165 -17.83 50.98 11.63
CA ILE A 165 -17.83 50.17 12.84
C ILE A 165 -19.10 50.41 13.63
N LYS A 166 -19.53 51.68 13.73
CA LYS A 166 -20.73 51.99 14.52
C LYS A 166 -21.98 51.39 13.90
N LYS A 167 -22.05 51.32 12.57
CA LYS A 167 -23.28 50.93 11.89
C LYS A 167 -23.47 49.42 11.76
N HIS A 168 -22.37 48.66 11.68
CA HIS A 168 -22.46 47.22 11.47
C HIS A 168 -22.01 46.40 12.67
N LEU A 169 -20.91 46.77 13.32
CA LEU A 169 -20.42 46.00 14.45
C LEU A 169 -21.16 46.35 15.74
N LEU A 170 -21.46 47.64 15.96
CA LEU A 170 -21.99 48.11 17.22
C LEU A 170 -23.49 48.41 17.15
N VAL A 171 -24.25 47.64 16.36
CA VAL A 171 -25.70 47.81 16.31
C VAL A 171 -26.31 47.54 17.67
N HIS A 172 -25.88 46.47 18.34
CA HIS A 172 -26.42 46.09 19.63
C HIS A 172 -25.57 46.58 20.79
N ALA A 173 -24.95 47.75 20.65
CA ALA A 173 -24.05 48.26 21.67
C ALA A 173 -24.63 49.51 22.34
N PRO A 174 -24.40 49.70 23.64
CA PRO A 174 -24.86 50.92 24.29
C PRO A 174 -24.22 52.15 23.67
N GLU A 175 -25.02 53.21 23.53
CA GLU A 175 -24.55 54.41 22.83
C GLU A 175 -23.36 55.05 23.54
N ASP A 176 -23.27 54.90 24.86
CA ASP A 176 -22.16 55.51 25.59
C ASP A 176 -20.84 54.79 25.30
N LYS A 177 -20.85 53.46 25.26
CA LYS A 177 -19.65 52.70 24.94
C LYS A 177 -19.35 52.66 23.45
N LYS A 178 -20.19 53.27 22.62
CA LYS A 178 -20.09 53.07 21.19
C LYS A 178 -18.92 53.84 20.59
N GLU A 179 -18.51 54.94 21.20
CA GLU A 179 -17.45 55.78 20.64
C GLU A 179 -16.05 55.31 21.03
N ILE A 180 -15.87 54.77 22.23
CA ILE A 180 -14.57 54.23 22.60
C ILE A 180 -14.32 52.91 21.91
N LEU A 181 -15.39 52.12 21.66
CA LEU A 181 -15.24 50.87 20.93
C LEU A 181 -14.84 51.11 19.49
N ALA A 182 -15.57 52.00 18.80
CA ALA A 182 -15.24 52.30 17.42
C ALA A 182 -13.83 52.86 17.29
N SER A 183 -13.42 53.71 18.24
CA SER A 183 -12.08 54.30 18.19
C SER A 183 -11.01 53.23 18.39
N PHE A 184 -11.19 52.38 19.39
CA PHE A 184 -10.22 51.32 19.65
C PHE A 184 -10.13 50.37 18.45
N ILE A 185 -11.27 49.95 17.92
CA ILE A 185 -11.27 49.00 16.81
C ILE A 185 -10.60 49.62 15.59
N SER A 186 -10.87 50.90 15.32
CA SER A 186 -10.21 51.58 14.21
C SER A 186 -8.71 51.58 14.39
N GLY A 187 -8.23 51.91 15.59
CA GLY A 187 -6.81 51.84 15.85
C GLY A 187 -6.27 50.44 15.74
N LEU A 188 -6.99 49.46 16.30
CA LEU A 188 -6.55 48.07 16.25
C LEU A 188 -6.46 47.57 14.82
N PHE A 189 -7.38 48.00 13.96
CA PHE A 189 -7.36 47.53 12.58
C PHE A 189 -6.19 48.14 11.80
N ASN A 190 -5.95 49.44 11.97
CA ASN A 190 -4.82 50.06 11.30
C ASN A 190 -3.51 49.48 11.82
N PHE A 191 -3.42 49.23 13.13
CA PHE A 191 -2.27 48.53 13.68
C PHE A 191 -2.13 47.14 13.07
N TYR A 192 -3.25 46.42 12.98
CA TYR A 192 -3.27 45.10 12.35
C TYR A 192 -2.69 45.16 10.95
N GLU A 193 -3.10 46.15 10.16
CA GLU A 193 -2.67 46.25 8.77
C GLU A 193 -1.24 46.79 8.67
N ASP A 194 -0.93 47.85 9.42
CA ASP A 194 0.39 48.46 9.32
C ASP A 194 1.50 47.46 9.64
N LEU A 195 1.28 46.61 10.64
CA LEU A 195 2.30 45.65 11.05
C LEU A 195 2.11 44.28 10.41
N TYR A 196 1.26 44.17 9.40
CA TYR A 196 1.15 42.97 8.57
C TYR A 196 0.75 41.75 9.39
N PHE A 197 -0.23 41.94 10.27
CA PHE A 197 -0.90 40.81 10.91
C PHE A 197 -1.80 40.09 9.91
N THR A 198 -1.98 38.78 10.15
CA THR A 198 -2.99 37.99 9.45
C THR A 198 -4.05 37.44 10.39
N TYR A 199 -3.82 37.49 11.70
CA TYR A 199 -4.78 37.04 12.69
C TYR A 199 -4.53 37.84 13.95
N LEU A 200 -5.60 38.40 14.54
CA LEU A 200 -5.47 39.18 15.77
C LEU A 200 -6.76 39.02 16.55
N GLU A 201 -6.68 38.38 17.72
CA GLU A 201 -7.84 38.06 18.53
C GLU A 201 -7.64 38.57 19.94
N ILE A 202 -8.64 39.28 20.46
CA ILE A 202 -8.65 39.76 21.83
C ILE A 202 -9.91 39.21 22.49
N ASN A 203 -9.73 38.33 23.47
CA ASN A 203 -10.86 37.59 24.04
C ASN A 203 -10.61 37.20 25.50
N PRO A 204 -11.10 38.00 26.45
CA PRO A 204 -11.96 39.18 26.27
C PRO A 204 -11.22 40.51 26.13
N LEU A 205 -11.88 41.47 25.48
CA LEU A 205 -11.53 42.86 25.56
C LEU A 205 -12.44 43.49 26.61
N VAL A 206 -11.86 44.06 27.65
CA VAL A 206 -12.62 44.63 28.77
C VAL A 206 -12.68 46.14 28.59
N VAL A 207 -13.89 46.69 28.60
CA VAL A 207 -14.11 48.13 28.49
C VAL A 207 -14.94 48.56 29.69
N THR A 208 -14.33 49.29 30.62
CA THR A 208 -14.99 49.82 31.79
C THR A 208 -15.08 51.34 31.67
N LYS A 209 -15.52 51.98 32.76
CA LYS A 209 -15.55 53.44 32.80
C LYS A 209 -14.15 54.04 32.70
N ASP A 210 -13.11 53.29 33.05
CA ASP A 210 -11.75 53.81 33.03
C ASP A 210 -11.06 53.66 31.68
N GLY A 211 -11.56 52.78 30.82
CA GLY A 211 -11.01 52.63 29.48
C GLY A 211 -11.01 51.22 28.96
N VAL A 212 -10.00 50.88 28.15
CA VAL A 212 -9.92 49.62 27.43
C VAL A 212 -8.79 48.80 28.04
N TYR A 213 -9.05 47.52 28.28
CA TYR A 213 -8.05 46.58 28.79
C TYR A 213 -7.93 45.41 27.81
N VAL A 214 -6.69 45.04 27.49
CA VAL A 214 -6.43 43.90 26.61
C VAL A 214 -6.09 42.74 27.53
N LEU A 215 -7.11 41.95 27.88
CA LEU A 215 -6.92 40.87 28.84
C LEU A 215 -6.25 39.65 28.22
N ASP A 216 -6.52 39.37 26.94
CA ASP A 216 -5.92 38.23 26.25
C ASP A 216 -5.65 38.63 24.81
N LEU A 217 -4.59 38.06 24.25
CA LEU A 217 -4.23 38.35 22.86
C LEU A 217 -3.58 37.12 22.24
N ALA A 218 -4.15 36.67 21.12
CA ALA A 218 -3.54 35.67 20.26
C ALA A 218 -3.43 36.28 18.87
N ALA A 219 -2.33 35.99 18.17
CA ALA A 219 -2.07 36.66 16.90
C ALA A 219 -1.08 35.87 16.06
N LYS A 220 -1.16 36.11 14.75
CA LYS A 220 -0.17 35.65 13.78
C LYS A 220 0.20 36.82 12.88
N VAL A 221 1.47 36.87 12.48
CA VAL A 221 1.94 37.88 11.53
C VAL A 221 2.51 37.18 10.31
N ASP A 222 2.49 37.87 9.18
CA ASP A 222 3.06 37.37 7.93
C ASP A 222 4.57 37.53 8.00
N ALA A 223 5.27 36.44 8.28
CA ALA A 223 6.72 36.50 8.48
C ALA A 223 7.45 36.97 7.23
N THR A 224 6.84 36.87 6.05
CA THR A 224 7.52 37.30 4.84
C THR A 224 7.60 38.82 4.72
N ALA A 225 6.87 39.56 5.55
CA ALA A 225 6.92 41.02 5.54
C ALA A 225 8.04 41.58 6.42
N ASP A 226 9.01 40.74 6.78
CA ASP A 226 10.14 41.20 7.60
C ASP A 226 10.79 42.45 7.01
N TYR A 227 11.09 42.41 5.71
CA TYR A 227 11.80 43.53 5.09
C TYR A 227 10.99 44.82 5.12
N ILE A 228 9.67 44.73 5.33
CA ILE A 228 8.85 45.93 5.45
C ILE A 228 8.71 46.38 6.90
N CYS A 229 8.58 45.43 7.83
CA CYS A 229 8.22 45.74 9.22
C CYS A 229 9.40 45.63 10.18
N LYS A 230 10.62 45.43 9.67
CA LYS A 230 11.80 45.26 10.53
C LYS A 230 11.82 46.27 11.68
N VAL A 231 11.64 47.54 11.37
CA VAL A 231 11.82 48.60 12.36
C VAL A 231 10.86 48.40 13.52
N LYS A 232 9.57 48.20 13.22
CA LYS A 232 8.57 48.11 14.27
C LYS A 232 8.54 46.73 14.92
N TRP A 233 8.78 45.66 14.15
CA TRP A 233 8.80 44.33 14.73
C TRP A 233 9.96 44.17 15.71
N GLY A 234 11.08 44.84 15.46
CA GLY A 234 12.24 44.58 16.27
C GLY A 234 12.70 43.14 16.11
N ASP A 235 13.32 42.61 17.17
CA ASP A 235 13.82 41.24 17.15
C ASP A 235 12.67 40.30 17.53
N ILE A 236 11.71 40.20 16.62
CA ILE A 236 10.45 39.53 16.91
C ILE A 236 10.68 38.02 17.03
N GLU A 237 9.94 37.40 17.94
CA GLU A 237 10.11 35.99 18.31
C GLU A 237 8.90 35.20 17.83
N PHE A 238 9.15 34.16 17.02
CA PHE A 238 8.10 33.26 16.55
C PHE A 238 8.19 31.94 17.30
N PRO A 239 7.42 31.72 18.36
CA PRO A 239 7.65 30.55 19.22
C PRO A 239 7.13 29.28 18.57
N PRO A 240 7.68 28.13 18.94
CA PRO A 240 7.15 26.86 18.43
C PRO A 240 5.79 26.57 19.04
N PRO A 241 4.98 25.74 18.40
CA PRO A 241 3.71 25.34 19.01
C PRO A 241 3.95 24.57 20.30
N PHE A 242 2.95 24.60 21.17
CA PHE A 242 3.11 23.91 22.45
C PHE A 242 3.28 22.41 22.20
N GLY A 243 4.21 21.81 22.95
CA GLY A 243 4.60 20.43 22.76
C GLY A 243 5.98 20.26 22.16
N ARG A 244 6.44 21.23 21.37
CA ARG A 244 7.76 21.19 20.75
C ARG A 244 8.66 22.27 21.34
N GLU A 245 9.95 22.10 21.10
CA GLU A 245 10.97 23.05 21.52
C GLU A 245 11.56 23.75 20.30
N ALA A 246 12.18 24.90 20.54
CA ALA A 246 12.95 25.59 19.52
C ALA A 246 14.42 25.20 19.66
N TYR A 247 15.10 25.11 18.52
CA TYR A 247 16.47 24.63 18.50
C TYR A 247 17.35 25.58 17.72
N PRO A 248 18.62 25.76 18.13
CA PRO A 248 19.46 26.75 17.44
C PRO A 248 19.67 26.45 15.97
N GLU A 249 19.63 25.19 15.57
CA GLU A 249 19.87 24.86 14.16
C GLU A 249 18.74 25.38 13.28
N GLU A 250 17.53 25.46 13.81
CA GLU A 250 16.43 26.03 13.05
C GLU A 250 16.67 27.52 12.77
N ALA A 251 17.13 28.25 13.78
CA ALA A 251 17.45 29.67 13.57
C ALA A 251 18.60 29.83 12.59
N TYR A 252 19.61 28.97 12.68
CA TYR A 252 20.72 29.03 11.74
C TYR A 252 20.22 28.86 10.30
N ILE A 253 19.38 27.85 10.07
CA ILE A 253 18.87 27.61 8.72
C ILE A 253 17.99 28.78 8.27
N ALA A 254 17.17 29.29 9.19
CA ALA A 254 16.34 30.45 8.85
C ALA A 254 17.19 31.64 8.46
N ASP A 255 18.39 31.76 9.04
CA ASP A 255 19.29 32.85 8.66
C ASP A 255 19.83 32.63 7.26
N LEU A 256 20.14 31.39 6.90
CA LEU A 256 20.50 31.09 5.51
C LEU A 256 19.35 31.44 4.57
N ASP A 257 18.12 31.20 5.00
CA ASP A 257 16.96 31.47 4.15
C ASP A 257 16.81 32.96 3.88
N ALA A 258 17.09 33.80 4.89
CA ALA A 258 16.96 35.25 4.70
C ALA A 258 18.00 35.79 3.74
N LYS A 259 19.20 35.21 3.72
CA LYS A 259 20.31 35.69 2.91
C LYS A 259 20.37 35.01 1.54
N SER A 260 19.25 34.53 1.02
CA SER A 260 19.25 33.79 -0.23
CA SER A 260 19.25 33.78 -0.23
C SER A 260 17.87 33.83 -0.86
N GLY A 261 17.84 34.03 -2.18
CA GLY A 261 16.59 33.96 -2.90
C GLY A 261 16.02 32.55 -2.96
N ALA A 262 16.88 31.54 -2.82
CA ALA A 262 16.42 30.17 -2.70
C ALA A 262 15.75 29.97 -1.34
N SER A 263 14.98 28.89 -1.24
CA SER A 263 14.21 28.58 -0.04
C SER A 263 14.93 27.51 0.75
N LEU A 264 15.08 27.74 2.06
CA LEU A 264 15.77 26.82 2.96
C LEU A 264 15.02 26.78 4.28
N LYS A 265 14.43 25.64 4.61
CA LYS A 265 13.59 25.52 5.80
C LYS A 265 13.90 24.21 6.50
N LEU A 266 13.79 24.25 7.83
CA LEU A 266 14.06 23.07 8.66
C LEU A 266 13.29 23.20 9.96
N THR A 267 12.49 22.19 10.27
CA THR A 267 11.78 22.08 11.54
C THR A 267 12.15 20.76 12.19
N LEU A 268 12.57 20.81 13.45
CA LEU A 268 12.90 19.60 14.19
C LEU A 268 11.65 19.05 14.88
N LEU A 269 11.36 17.78 14.61
CA LEU A 269 10.24 17.08 15.24
C LEU A 269 10.69 16.16 16.37
N ASN A 270 11.79 15.44 16.17
CA ASN A 270 12.29 14.50 17.17
C ASN A 270 13.80 14.40 16.99
N PRO A 271 14.58 15.18 17.77
CA PRO A 271 16.03 15.17 17.57
C PRO A 271 16.66 13.81 17.75
N LYS A 272 16.02 12.90 18.48
CA LYS A 272 16.55 11.57 18.71
C LYS A 272 16.03 10.54 17.71
N GLY A 273 15.01 10.88 16.93
CA GLY A 273 14.51 9.96 15.93
C GLY A 273 15.59 9.53 14.96
N ARG A 274 15.37 8.36 14.36
CA ARG A 274 16.36 7.74 13.49
C ARG A 274 16.07 7.93 12.01
N ILE A 275 14.96 8.57 11.65
CA ILE A 275 14.62 8.83 10.26
C ILE A 275 14.87 10.31 9.98
N TRP A 276 15.86 10.60 9.14
CA TRP A 276 16.22 11.97 8.77
C TRP A 276 16.04 12.15 7.27
N THR A 277 15.52 13.31 6.89
CA THR A 277 15.28 13.64 5.50
C THR A 277 16.05 14.90 5.09
N MET A 278 16.46 14.93 3.83
CA MET A 278 17.04 16.12 3.21
C MET A 278 16.50 16.15 1.78
N VAL A 279 15.25 16.62 1.65
CA VAL A 279 14.50 16.53 0.40
C VAL A 279 14.43 17.91 -0.24
N ALA A 280 14.53 17.93 -1.57
CA ALA A 280 14.39 19.16 -2.34
C ALA A 280 12.92 19.37 -2.71
N GLY A 281 12.44 20.59 -2.52
CA GLY A 281 11.09 20.94 -2.89
C GLY A 281 10.11 20.91 -1.74
N GLY A 282 9.31 21.97 -1.61
CA GLY A 282 8.30 21.99 -0.56
C GLY A 282 7.24 20.93 -0.75
N GLY A 283 6.86 20.68 -2.01
CA GLY A 283 5.90 19.63 -2.31
C GLY A 283 6.46 18.25 -2.07
N ALA A 284 7.60 17.94 -2.71
CA ALA A 284 8.17 16.60 -2.60
C ALA A 284 8.45 16.24 -1.15
N SER A 285 8.93 17.20 -0.35
CA SER A 285 9.27 16.87 1.03
C SER A 285 8.02 16.54 1.84
N VAL A 286 6.88 17.12 1.49
CA VAL A 286 5.63 16.72 2.13
C VAL A 286 5.26 15.31 1.72
N VAL A 287 5.58 14.91 0.49
CA VAL A 287 5.21 13.59 0.01
C VAL A 287 6.06 12.52 0.68
N TYR A 288 7.37 12.74 0.79
CA TYR A 288 8.22 11.80 1.50
C TYR A 288 7.75 11.65 2.95
N SER A 289 7.41 12.76 3.60
CA SER A 289 6.87 12.68 4.95
C SER A 289 5.56 11.89 4.97
N ASP A 290 4.69 12.11 3.99
CA ASP A 290 3.46 11.33 3.90
C ASP A 290 3.76 9.84 3.80
N THR A 291 4.70 9.48 2.93
CA THR A 291 5.08 8.08 2.77
C THR A 291 5.63 7.52 4.07
N ILE A 292 6.56 8.23 4.70
CA ILE A 292 7.11 7.80 5.98
C ILE A 292 5.99 7.57 6.98
N GLY A 293 5.03 8.50 7.04
CA GLY A 293 3.91 8.33 7.95
C GLY A 293 3.08 7.10 7.65
N ASP A 294 2.91 6.78 6.36
CA ASP A 294 2.10 5.64 5.98
C ASP A 294 2.77 4.32 6.34
N LEU A 295 4.09 4.31 6.54
CA LEU A 295 4.82 3.10 6.90
C LEU A 295 5.17 3.05 8.38
N GLY A 296 4.42 3.76 9.22
CA GLY A 296 4.56 3.66 10.67
C GLY A 296 5.74 4.40 11.26
N GLY A 297 6.51 5.14 10.45
CA GLY A 297 7.72 5.78 10.92
C GLY A 297 7.56 7.17 11.51
N VAL A 298 6.33 7.63 11.78
CA VAL A 298 6.15 9.01 12.23
C VAL A 298 6.88 9.25 13.55
N ASN A 299 6.83 8.28 14.46
CA ASN A 299 7.46 8.47 15.77
C ASN A 299 8.96 8.57 15.67
N GLU A 300 9.57 8.01 14.63
CA GLU A 300 11.01 8.09 14.42
C GLU A 300 11.41 9.18 13.44
N LEU A 301 10.46 9.95 12.92
CA LEU A 301 10.76 11.02 11.97
C LEU A 301 11.36 12.20 12.72
N ALA A 302 12.59 12.56 12.37
CA ALA A 302 13.35 13.54 13.12
C ALA A 302 13.08 14.97 12.69
N ASN A 303 12.87 15.20 11.40
CA ASN A 303 12.76 16.55 10.87
C ASN A 303 11.75 16.62 9.74
N TYR A 304 11.23 17.82 9.52
CA TYR A 304 10.69 18.22 8.24
C TYR A 304 11.47 19.41 7.73
N GLY A 305 11.64 19.48 6.42
CA GLY A 305 12.34 20.59 5.82
C GLY A 305 12.44 20.41 4.32
N GLU A 306 13.01 21.42 3.68
CA GLU A 306 13.18 21.39 2.24
C GLU A 306 14.18 22.46 1.84
N TYR A 307 14.79 22.25 0.67
CA TYR A 307 15.55 23.29 -0.02
C TYR A 307 15.09 23.31 -1.47
N SER A 308 14.88 24.51 -2.01
CA SER A 308 14.43 24.66 -3.38
C SER A 308 14.81 26.05 -3.86
N GLY A 309 14.45 26.34 -5.12
CA GLY A 309 14.82 27.61 -5.72
C GLY A 309 16.28 27.69 -6.11
N ALA A 310 16.91 26.56 -6.41
CA ALA A 310 18.28 26.53 -6.90
C ALA A 310 19.26 27.18 -5.94
N PRO A 311 19.42 26.64 -4.73
CA PRO A 311 20.47 27.13 -3.85
C PRO A 311 21.84 26.76 -4.40
N SER A 312 22.85 27.51 -3.97
CA SER A 312 24.21 27.29 -4.43
C SER A 312 24.82 26.07 -3.75
N GLU A 313 25.95 25.62 -4.32
CA GLU A 313 26.73 24.57 -3.67
C GLU A 313 27.02 24.92 -2.22
N GLN A 314 27.38 26.18 -1.95
CA GLN A 314 27.76 26.56 -0.60
C GLN A 314 26.56 26.61 0.34
N GLN A 315 25.44 27.15 -0.14
CA GLN A 315 24.23 27.17 0.68
C GLN A 315 23.77 25.75 1.00
N THR A 316 23.88 24.84 0.03
CA THR A 316 23.44 23.47 0.25
C THR A 316 24.39 22.74 1.20
N TYR A 317 25.68 23.01 1.10
CA TYR A 317 26.63 22.46 2.06
C TYR A 317 26.28 22.89 3.48
N ASP A 318 25.96 24.18 3.66
CA ASP A 318 25.64 24.67 4.99
C ASP A 318 24.33 24.07 5.49
N TYR A 319 23.37 23.86 4.60
CA TYR A 319 22.14 23.17 4.99
C TYR A 319 22.43 21.73 5.37
N ALA A 320 23.14 21.01 4.52
CA ALA A 320 23.40 19.59 4.75
C ALA A 320 24.19 19.36 6.04
N LYS A 321 25.20 20.19 6.29
CA LYS A 321 26.04 19.95 7.47
C LYS A 321 25.26 20.18 8.77
N THR A 322 24.24 21.03 8.73
CA THR A 322 23.36 21.17 9.88
C THR A 322 22.60 19.87 10.14
N ILE A 323 22.15 19.20 9.09
CA ILE A 323 21.47 17.92 9.25
C ILE A 323 22.42 16.88 9.81
N LEU A 324 23.60 16.74 9.18
CA LEU A 324 24.51 15.67 9.58
C LEU A 324 24.97 15.84 11.03
N SER A 325 25.17 17.07 11.47
CA SER A 325 25.51 17.29 12.87
C SER A 325 24.35 16.90 13.78
N LEU A 326 23.13 17.28 13.40
CA LEU A 326 21.97 17.00 14.24
C LEU A 326 21.70 15.50 14.37
N MET A 327 22.03 14.72 13.36
CA MET A 327 21.76 13.29 13.40
C MET A 327 22.93 12.48 13.93
N THR A 328 24.01 13.13 14.38
CA THR A 328 25.14 12.45 15.00
C THR A 328 25.36 12.94 16.42
N ARG A 329 24.28 13.31 17.12
CA ARG A 329 24.39 13.78 18.49
C ARG A 329 24.45 12.62 19.48
N GLU A 330 23.72 11.55 19.19
CA GLU A 330 23.73 10.35 20.01
C GLU A 330 23.50 9.14 19.12
N LYS A 331 23.80 7.96 19.64
CA LYS A 331 23.69 6.72 18.88
C LYS A 331 22.31 6.10 19.06
N HIS A 332 21.82 5.49 17.98
CA HIS A 332 20.63 4.67 18.05
C HIS A 332 21.04 3.21 17.89
N PRO A 333 20.52 2.28 18.70
CA PRO A 333 20.96 0.88 18.60
C PRO A 333 20.84 0.31 17.21
N ASP A 334 19.82 0.70 16.44
CA ASP A 334 19.60 0.21 15.09
C ASP A 334 20.18 1.14 14.02
N GLY A 335 21.09 2.04 14.41
CA GLY A 335 21.59 3.01 13.48
C GLY A 335 20.51 4.00 13.05
N LYS A 336 20.82 4.73 11.98
CA LYS A 336 19.95 5.77 11.47
C LYS A 336 19.98 5.77 9.95
N ILE A 337 18.99 6.43 9.35
CA ILE A 337 18.83 6.45 7.90
C ILE A 337 18.64 7.89 7.45
N LEU A 338 19.27 8.23 6.33
CA LEU A 338 19.17 9.57 5.73
C LEU A 338 18.56 9.44 4.34
N ILE A 339 17.44 10.10 4.12
CA ILE A 339 16.69 10.04 2.87
C ILE A 339 16.93 11.35 2.11
N ILE A 340 17.73 11.30 1.06
CA ILE A 340 18.07 12.47 0.25
C ILE A 340 17.26 12.34 -1.03
N GLY A 341 16.03 12.87 -1.00
CA GLY A 341 15.10 12.68 -2.10
C GLY A 341 14.70 14.00 -2.74
N GLY A 342 13.82 13.88 -3.73
CA GLY A 342 13.31 15.03 -4.44
C GLY A 342 12.65 14.60 -5.72
N SER A 343 11.86 15.53 -6.28
CA SER A 343 11.28 15.31 -7.59
C SER A 343 12.36 15.44 -8.66
N ILE A 344 11.95 15.32 -9.92
CA ILE A 344 12.80 15.66 -11.05
C ILE A 344 12.78 17.18 -11.17
N ALA A 345 13.81 17.83 -10.64
CA ALA A 345 13.79 19.28 -10.51
C ALA A 345 13.64 19.96 -11.87
N ASN A 346 13.03 21.15 -11.84
CA ASN A 346 12.94 21.99 -13.04
C ASN A 346 14.19 22.84 -13.21
N PHE A 347 14.84 23.23 -12.11
CA PHE A 347 15.61 24.46 -12.08
C PHE A 347 16.84 24.30 -11.19
N THR A 348 16.65 23.75 -9.99
CA THR A 348 17.76 23.48 -9.09
C THR A 348 18.84 22.66 -9.79
N ASN A 349 20.09 23.09 -9.66
CA ASN A 349 21.22 22.38 -10.23
C ASN A 349 21.54 21.17 -9.34
N VAL A 350 21.28 19.97 -9.85
CA VAL A 350 21.45 18.77 -9.05
C VAL A 350 22.92 18.50 -8.77
N ALA A 351 23.77 18.68 -9.77
CA ALA A 351 25.22 18.52 -9.56
C ALA A 351 25.72 19.50 -8.52
N ALA A 352 25.39 20.78 -8.67
CA ALA A 352 25.93 21.80 -7.76
C ALA A 352 25.43 21.57 -6.34
N THR A 353 24.16 21.19 -6.17
CA THR A 353 23.62 20.99 -4.83
C THR A 353 24.12 19.68 -4.22
N PHE A 354 24.22 18.62 -5.02
CA PHE A 354 24.70 17.35 -4.48
C PHE A 354 26.19 17.39 -4.20
N LYS A 355 26.95 18.20 -4.94
CA LYS A 355 28.35 18.43 -4.60
C LYS A 355 28.46 19.04 -3.20
N GLY A 356 27.52 19.91 -2.83
CA GLY A 356 27.56 20.50 -1.50
C GLY A 356 27.19 19.51 -0.42
N ILE A 357 26.19 18.66 -0.68
CA ILE A 357 25.84 17.60 0.26
C ILE A 357 26.99 16.61 0.39
N VAL A 358 27.64 16.29 -0.74
CA VAL A 358 28.79 15.38 -0.71
C VAL A 358 29.90 15.97 0.14
N ARG A 359 30.19 17.26 -0.05
CA ARG A 359 31.18 17.93 0.79
C ARG A 359 30.85 17.79 2.26
N ALA A 360 29.57 17.99 2.61
CA ALA A 360 29.16 17.83 4.01
C ALA A 360 29.34 16.39 4.47
N ILE A 361 28.86 15.43 3.68
CA ILE A 361 29.05 14.02 4.02
C ILE A 361 30.53 13.74 4.25
N ARG A 362 31.38 14.22 3.35
CA ARG A 362 32.82 14.01 3.47
C ARG A 362 33.35 14.55 4.79
N ASP A 363 32.97 15.78 5.14
CA ASP A 363 33.45 16.40 6.38
C ASP A 363 32.88 15.75 7.63
N TYR A 364 31.82 14.94 7.50
CA TYR A 364 31.21 14.26 8.63
C TYR A 364 31.28 12.74 8.49
N GLN A 365 32.19 12.23 7.67
CA GLN A 365 32.19 10.80 7.38
C GLN A 365 32.49 9.98 8.64
N GLY A 366 33.37 10.48 9.50
CA GLY A 366 33.66 9.82 10.75
C GLY A 366 32.42 9.64 11.60
N PRO A 367 31.77 10.75 11.96
CA PRO A 367 30.53 10.64 12.75
C PRO A 367 29.44 9.83 12.08
N LEU A 368 29.38 9.84 10.74
CA LEU A 368 28.32 9.10 10.06
C LEU A 368 28.55 7.60 10.15
N LYS A 369 29.79 7.16 9.93
CA LYS A 369 30.12 5.75 10.13
C LYS A 369 29.97 5.36 11.60
N GLU A 370 30.37 6.27 12.50
CA GLU A 370 30.27 5.99 13.93
C GLU A 370 28.81 5.77 14.36
N HIS A 371 27.87 6.45 13.72
CA HIS A 371 26.46 6.35 14.05
C HIS A 371 25.70 5.40 13.13
N GLU A 372 26.39 4.65 12.28
CA GLU A 372 25.77 3.63 11.44
C GLU A 372 24.65 4.23 10.61
N VAL A 373 24.98 5.26 9.84
CA VAL A 373 24.02 5.96 9.01
C VAL A 373 24.03 5.37 7.61
N THR A 374 22.87 4.98 7.12
CA THR A 374 22.68 4.51 5.75
C THR A 374 21.93 5.60 4.98
N ILE A 375 22.40 5.91 3.77
CA ILE A 375 21.88 7.01 2.99
C ILE A 375 21.18 6.46 1.76
N PHE A 376 19.98 6.97 1.48
CA PHE A 376 19.20 6.61 0.31
C PHE A 376 18.95 7.88 -0.50
N VAL A 377 19.24 7.82 -1.80
CA VAL A 377 19.19 8.99 -2.67
C VAL A 377 18.28 8.70 -3.84
N ARG A 378 17.39 9.65 -4.16
CA ARG A 378 16.59 9.62 -5.37
C ARG A 378 16.47 11.05 -5.87
N ARG A 379 16.89 11.29 -7.11
CA ARG A 379 16.91 12.65 -7.61
C ARG A 379 16.91 12.65 -9.13
N GLY A 380 16.20 13.63 -9.69
CA GLY A 380 16.36 14.01 -11.07
C GLY A 380 16.47 15.52 -11.19
N GLY A 381 16.74 15.98 -12.41
CA GLY A 381 16.83 17.39 -12.66
C GLY A 381 18.06 17.76 -13.45
N PRO A 382 18.31 19.07 -13.59
CA PRO A 382 19.48 19.52 -14.37
C PRO A 382 20.78 18.94 -13.82
N ASN A 383 21.51 18.26 -14.69
CA ASN A 383 22.81 17.66 -14.35
C ASN A 383 22.66 16.60 -13.26
N TYR A 384 21.55 15.85 -13.30
CA TYR A 384 21.32 14.87 -12.23
C TYR A 384 22.24 13.66 -12.36
N GLN A 385 22.72 13.35 -13.57
CA GLN A 385 23.62 12.22 -13.73
C GLN A 385 24.93 12.48 -12.99
N GLU A 386 25.51 13.66 -13.18
CA GLU A 386 26.67 14.06 -12.41
C GLU A 386 26.35 14.05 -10.92
N GLY A 387 25.19 14.57 -10.53
CA GLY A 387 24.84 14.59 -9.12
C GLY A 387 24.78 13.19 -8.51
N LEU A 388 24.18 12.24 -9.23
CA LEU A 388 24.12 10.87 -8.72
C LEU A 388 25.49 10.21 -8.73
N ARG A 389 26.33 10.55 -9.70
CA ARG A 389 27.66 9.98 -9.76
C ARG A 389 28.50 10.41 -8.56
N VAL A 390 28.58 11.72 -8.32
CA VAL A 390 29.39 12.20 -7.20
C VAL A 390 28.83 11.70 -5.89
N MET A 391 27.53 11.43 -5.84
CA MET A 391 26.91 10.91 -4.62
C MET A 391 27.27 9.45 -4.41
N GLY A 392 27.43 8.68 -5.49
CA GLY A 392 27.95 7.34 -5.36
C GLY A 392 29.45 7.30 -5.14
N GLU A 393 30.17 8.27 -5.71
CA GLU A 393 31.61 8.36 -5.50
C GLU A 393 31.93 8.55 -4.03
N VAL A 394 31.24 9.47 -3.36
CA VAL A 394 31.55 9.73 -1.96
C VAL A 394 31.24 8.51 -1.09
N GLY A 395 30.29 7.69 -1.51
CA GLY A 395 30.03 6.46 -0.77
C GLY A 395 31.17 5.47 -0.86
N LYS A 396 31.80 5.38 -2.03
CA LYS A 396 32.88 4.42 -2.23
C LYS A 396 34.14 4.86 -1.52
N THR A 397 34.44 6.17 -1.52
CA THR A 397 35.68 6.65 -0.91
C THR A 397 35.58 6.70 0.62
N THR A 398 34.37 6.88 1.16
CA THR A 398 34.20 6.96 2.61
C THR A 398 33.84 5.63 3.24
N GLY A 399 33.34 4.67 2.47
CA GLY A 399 32.78 3.46 3.03
C GLY A 399 31.40 3.63 3.64
N ILE A 400 30.77 4.78 3.46
CA ILE A 400 29.41 4.97 3.95
C ILE A 400 28.43 4.31 2.98
N PRO A 401 27.52 3.47 3.45
CA PRO A 401 26.53 2.87 2.54
C PRO A 401 25.57 3.92 2.01
N ILE A 402 25.63 4.15 0.69
CA ILE A 402 24.77 5.12 0.02
C ILE A 402 24.14 4.44 -1.18
N HIS A 403 22.83 4.28 -1.15
CA HIS A 403 22.09 3.66 -2.25
C HIS A 403 21.45 4.76 -3.08
N VAL A 404 21.80 4.80 -4.37
CA VAL A 404 21.50 5.93 -5.24
C VAL A 404 20.56 5.47 -6.34
N PHE A 405 19.55 6.29 -6.64
CA PHE A 405 18.56 5.97 -7.65
C PHE A 405 18.22 7.22 -8.45
N GLY A 406 17.80 7.02 -9.70
CA GLY A 406 17.50 8.09 -10.61
C GLY A 406 16.03 8.21 -10.92
N THR A 407 15.74 8.82 -12.08
CA THR A 407 14.36 9.08 -12.46
C THR A 407 13.59 7.81 -12.77
N GLU A 408 14.28 6.74 -13.15
CA GLU A 408 13.61 5.46 -13.39
C GLU A 408 12.92 4.93 -12.13
N THR A 409 13.34 5.37 -10.96
CA THR A 409 12.80 4.88 -9.70
C THR A 409 11.73 5.84 -9.21
N HIS A 410 10.59 5.29 -8.77
CA HIS A 410 9.51 6.11 -8.25
C HIS A 410 10.03 6.99 -7.12
N MET A 411 9.53 8.23 -7.08
CA MET A 411 10.09 9.24 -6.18
C MET A 411 10.17 8.72 -4.75
N THR A 412 9.08 8.15 -4.24
CA THR A 412 9.01 7.73 -2.86
C THR A 412 9.53 6.32 -2.61
N ALA A 413 10.03 5.64 -3.65
CA ALA A 413 10.41 4.24 -3.50
C ALA A 413 11.50 4.04 -2.45
N ILE A 414 12.41 5.00 -2.31
CA ILE A 414 13.50 4.84 -1.36
C ILE A 414 13.00 4.84 0.08
N VAL A 415 11.79 5.37 0.33
CA VAL A 415 11.26 5.35 1.68
C VAL A 415 10.97 3.91 2.12
N GLY A 416 10.27 3.15 1.27
CA GLY A 416 10.00 1.75 1.59
C GLY A 416 11.27 0.94 1.71
N MET A 417 12.23 1.16 0.81
CA MET A 417 13.54 0.55 0.94
C MET A 417 14.12 0.81 2.33
N ALA A 418 14.08 2.08 2.76
CA ALA A 418 14.75 2.47 4.00
C ALA A 418 14.02 1.95 5.24
N LEU A 419 12.69 1.83 5.17
CA LEU A 419 11.89 1.53 6.34
C LEU A 419 11.36 0.10 6.39
N GLY A 420 11.29 -0.61 5.27
CA GLY A 420 10.76 -1.96 5.28
C GLY A 420 11.49 -2.87 6.24
N HIS A 421 12.69 -2.49 6.65
CA HIS A 421 13.48 -3.18 7.66
C HIS A 421 14.62 -2.25 8.05
N ARG A 422 15.24 -2.56 9.17
CA ARG A 422 16.39 -1.79 9.63
C ARG A 422 17.65 -2.34 8.97
N PRO A 423 18.42 -1.52 8.24
CA PRO A 423 19.65 -2.02 7.61
C PRO A 423 20.47 -2.87 8.58
N ILE A 424 20.96 -3.99 8.06
CA ILE A 424 21.65 -4.99 8.88
C ILE A 424 22.96 -4.44 9.41
N GLY A 487 -15.34 34.63 -15.29
CA GLY A 487 -14.36 33.65 -15.72
C GLY A 487 -13.36 34.20 -16.72
N LYS A 488 -12.07 34.02 -16.45
CA LYS A 488 -11.04 34.55 -17.32
C LYS A 488 -10.80 33.60 -18.50
N SER A 489 -9.79 33.90 -19.30
CA SER A 489 -9.58 33.24 -20.58
C SER A 489 -9.43 31.73 -20.44
N THR A 490 -9.98 31.00 -21.41
CA THR A 490 -9.82 29.55 -21.47
C THR A 490 -8.41 29.18 -21.96
N THR A 491 -7.95 29.80 -23.04
CA THR A 491 -6.64 29.51 -23.61
C THR A 491 -5.66 30.60 -23.22
N LEU A 492 -4.56 30.23 -22.59
CA LEU A 492 -3.50 31.15 -22.20
C LEU A 492 -2.32 31.17 -23.16
N PHE A 493 -1.94 30.01 -23.69
CA PHE A 493 -0.74 29.88 -24.51
C PHE A 493 -1.04 29.11 -25.78
N SER A 494 -0.24 29.37 -26.81
CA SER A 494 -0.34 28.69 -28.09
C SER A 494 1.05 28.64 -28.71
N ARG A 495 1.16 27.94 -29.84
CA ARG A 495 2.40 27.96 -30.60
C ARG A 495 2.82 29.36 -30.99
N HIS A 496 1.91 30.33 -30.92
CA HIS A 496 2.17 31.69 -31.37
C HIS A 496 2.40 32.64 -30.19
N THR A 497 2.36 32.15 -28.96
CA THR A 497 2.58 33.00 -27.80
C THR A 497 3.90 33.75 -27.91
N LYS A 498 3.84 35.05 -27.64
CA LYS A 498 5.02 35.92 -27.53
C LYS A 498 5.02 36.54 -26.14
N ALA A 499 6.19 36.54 -25.50
CA ALA A 499 6.29 36.94 -24.10
C ALA A 499 7.40 37.96 -23.91
N ILE A 500 7.22 38.80 -22.90
CA ILE A 500 8.27 39.64 -22.33
C ILE A 500 8.75 38.99 -21.04
N VAL A 501 10.07 38.96 -20.85
CA VAL A 501 10.67 38.45 -19.62
C VAL A 501 11.22 39.64 -18.84
N TRP A 502 10.75 39.80 -17.60
CA TRP A 502 11.24 40.85 -16.71
C TRP A 502 12.39 40.29 -15.88
N GLY A 503 13.54 40.94 -15.95
CA GLY A 503 14.73 40.50 -15.27
C GLY A 503 15.79 40.01 -16.24
N MET A 504 17.00 39.81 -15.71
CA MET A 504 18.12 39.30 -16.49
C MET A 504 18.20 37.80 -16.25
N GLN A 505 17.68 37.03 -17.21
CA GLN A 505 17.51 35.59 -17.07
C GLN A 505 17.89 34.93 -18.39
N THR A 506 19.14 35.15 -18.82
CA THR A 506 19.62 34.61 -20.08
C THR A 506 19.42 33.10 -20.12
N ARG A 507 19.75 32.40 -19.04
CA ARG A 507 19.66 30.94 -19.03
C ARG A 507 18.21 30.49 -19.12
N ALA A 508 17.30 31.18 -18.44
CA ALA A 508 15.88 30.84 -18.54
C ALA A 508 15.35 31.07 -19.95
N VAL A 509 15.65 32.22 -20.53
CA VAL A 509 15.18 32.51 -21.89
C VAL A 509 15.75 31.48 -22.86
N GLN A 510 17.04 31.17 -22.75
CA GLN A 510 17.65 30.18 -23.63
C GLN A 510 16.97 28.82 -23.48
N GLY A 511 16.61 28.46 -22.25
CA GLY A 511 15.91 27.20 -22.04
C GLY A 511 14.55 27.18 -22.72
N MET A 512 13.87 28.33 -22.73
CA MET A 512 12.60 28.44 -23.44
C MET A 512 12.80 28.31 -24.96
N LEU A 513 13.83 28.98 -25.49
CA LEU A 513 14.07 28.92 -26.93
C LEU A 513 14.43 27.51 -27.37
N ASP A 514 15.22 26.79 -26.58
CA ASP A 514 15.50 25.40 -26.90
C ASP A 514 14.21 24.59 -26.97
N PHE A 515 13.31 24.80 -26.01
CA PHE A 515 12.03 24.11 -26.02
C PHE A 515 11.20 24.53 -27.23
N ASP A 516 11.17 25.83 -27.52
CA ASP A 516 10.46 26.30 -28.70
C ASP A 516 10.98 25.65 -29.97
N TYR A 517 12.30 25.44 -30.06
CA TYR A 517 12.88 24.89 -31.29
C TYR A 517 12.49 23.43 -31.48
N VAL A 518 12.71 22.60 -30.47
CA VAL A 518 12.37 21.18 -30.60
C VAL A 518 10.86 20.97 -30.69
N CYS A 519 10.07 21.97 -30.31
CA CYS A 519 8.63 21.91 -30.54
C CYS A 519 8.25 22.27 -31.97
N SER A 520 9.22 22.68 -32.79
CA SER A 520 8.96 23.09 -34.16
C SER A 520 8.09 24.35 -34.20
N ARG A 521 8.39 25.30 -33.32
CA ARG A 521 7.77 26.61 -33.41
C ARG A 521 8.39 27.40 -34.55
N ASP A 522 7.59 28.24 -35.18
CA ASP A 522 8.11 29.09 -36.26
C ASP A 522 9.06 30.14 -35.73
N GLU A 523 8.79 30.68 -34.55
CA GLU A 523 9.52 31.81 -34.01
C GLU A 523 9.78 31.60 -32.53
N PRO A 524 10.78 32.29 -31.97
CA PRO A 524 11.01 32.21 -30.53
C PRO A 524 9.82 32.76 -29.74
N SER A 525 9.62 32.19 -28.55
CA SER A 525 8.51 32.62 -27.70
C SER A 525 8.80 33.91 -26.95
N VAL A 526 10.08 34.27 -26.81
CA VAL A 526 10.49 35.48 -26.11
C VAL A 526 10.79 36.54 -27.17
N ALA A 527 9.97 37.60 -27.20
CA ALA A 527 10.15 38.68 -28.16
C ALA A 527 11.05 39.79 -27.61
N ALA A 528 11.09 39.97 -26.30
CA ALA A 528 11.88 41.04 -25.71
C ALA A 528 12.02 40.77 -24.22
N MET A 529 12.93 41.50 -23.59
CA MET A 529 13.16 41.45 -22.16
C MET A 529 13.15 42.86 -21.60
N VAL A 530 12.86 42.97 -20.31
CA VAL A 530 12.80 44.25 -19.61
C VAL A 530 13.67 44.15 -18.37
N TYR A 531 14.60 45.07 -18.22
CA TYR A 531 15.40 45.14 -17.00
C TYR A 531 15.82 46.58 -16.77
N PRO A 532 15.25 47.27 -15.77
CA PRO A 532 15.47 48.71 -15.62
C PRO A 532 16.77 49.11 -14.95
N PHE A 533 17.69 48.18 -14.71
CA PHE A 533 18.99 48.50 -14.12
C PHE A 533 20.12 48.44 -15.14
N THR A 534 19.80 48.18 -16.41
CA THR A 534 20.74 48.31 -17.51
C THR A 534 20.05 49.08 -18.63
N GLY A 535 20.86 49.55 -19.59
CA GLY A 535 20.34 50.30 -20.71
C GLY A 535 19.89 49.40 -21.85
N ASP A 536 19.20 50.02 -22.81
CA ASP A 536 18.76 49.28 -24.00
C ASP A 536 19.95 48.64 -24.70
N HIS A 537 19.80 47.38 -25.07
CA HIS A 537 20.84 46.63 -25.77
C HIS A 537 20.24 45.34 -26.31
N LYS A 538 20.99 44.70 -27.20
CA LYS A 538 20.63 43.38 -27.71
C LYS A 538 21.28 42.30 -26.86
N GLN A 539 20.74 41.08 -26.96
CA GLN A 539 21.24 39.94 -26.20
C GLN A 539 21.30 38.75 -27.13
N LYS A 540 22.48 38.16 -27.25
CA LYS A 540 22.67 37.02 -28.15
C LYS A 540 22.00 35.77 -27.59
N PHE A 541 21.33 35.02 -28.46
CA PHE A 541 20.74 33.74 -28.11
C PHE A 541 20.93 32.77 -29.26
N TYR A 542 20.65 31.50 -28.99
CA TYR A 542 20.69 30.44 -29.99
C TYR A 542 19.27 30.01 -30.32
N TRP A 543 18.90 30.11 -31.58
CA TRP A 543 17.64 29.56 -32.10
C TRP A 543 18.02 28.34 -32.93
N GLY A 544 17.84 27.16 -32.36
CA GLY A 544 18.41 25.96 -32.94
C GLY A 544 19.93 26.02 -32.84
N HIS A 545 20.61 25.98 -33.98
CA HIS A 545 22.05 26.22 -34.03
C HIS A 545 22.39 27.64 -34.44
N LYS A 546 21.50 28.28 -35.19
CA LYS A 546 21.69 29.68 -35.57
C LYS A 546 21.62 30.59 -34.35
N GLU A 547 22.25 31.74 -34.45
CA GLU A 547 22.33 32.72 -33.38
C GLU A 547 21.45 33.91 -33.72
N ILE A 548 20.77 34.46 -32.72
CA ILE A 548 19.80 35.54 -32.91
C ILE A 548 19.98 36.59 -31.82
N LEU A 549 19.31 37.73 -32.01
CA LEU A 549 19.31 38.82 -31.06
C LEU A 549 17.89 39.07 -30.57
N ILE A 550 17.75 39.25 -29.26
CA ILE A 550 16.48 39.58 -28.63
C ILE A 550 16.66 40.93 -27.94
N PRO A 551 15.81 41.92 -28.20
CA PRO A 551 16.02 43.24 -27.60
C PRO A 551 15.76 43.21 -26.10
N VAL A 552 16.57 44.00 -25.37
CA VAL A 552 16.42 44.19 -23.94
C VAL A 552 16.18 45.67 -23.70
N PHE A 553 15.14 45.98 -22.93
CA PHE A 553 14.72 47.35 -22.73
C PHE A 553 14.89 47.75 -21.27
N LYS A 554 15.27 49.00 -21.04
CA LYS A 554 15.32 49.56 -19.70
C LYS A 554 13.92 49.92 -19.20
N ASN A 555 13.09 50.46 -20.08
CA ASN A 555 11.76 50.94 -19.73
C ASN A 555 10.71 49.97 -20.26
N MET A 556 9.80 49.54 -19.38
CA MET A 556 8.74 48.65 -19.81
C MET A 556 7.89 49.30 -20.90
N ALA A 557 7.63 50.59 -20.77
CA ALA A 557 6.83 51.29 -21.78
C ALA A 557 7.40 51.09 -23.18
N ASP A 558 8.73 51.11 -23.30
CA ASP A 558 9.35 50.92 -24.61
C ASP A 558 9.15 49.51 -25.13
N ALA A 559 9.31 48.51 -24.27
CA ALA A 559 9.11 47.13 -24.70
C ALA A 559 7.68 46.87 -25.13
N MET A 560 6.71 47.51 -24.45
CA MET A 560 5.31 47.28 -24.75
C MET A 560 4.93 47.90 -26.10
N ARG A 561 5.29 49.17 -26.29
CA ARG A 561 4.85 49.89 -27.49
C ARG A 561 5.50 49.32 -28.76
N LYS A 562 6.68 48.72 -28.63
CA LYS A 562 7.35 48.13 -29.79
C LYS A 562 6.98 46.68 -30.03
N HIS A 563 6.22 46.05 -29.13
CA HIS A 563 5.84 44.65 -29.27
C HIS A 563 4.40 44.44 -28.82
N PRO A 564 3.43 45.03 -29.54
CA PRO A 564 2.01 44.75 -29.22
C PRO A 564 1.63 43.29 -29.42
N GLU A 565 2.45 42.49 -30.10
CA GLU A 565 2.17 41.08 -30.27
C GLU A 565 2.35 40.28 -28.99
N VAL A 566 2.98 40.85 -27.96
CA VAL A 566 3.21 40.14 -26.72
C VAL A 566 1.97 40.20 -25.86
N ASP A 567 1.54 39.04 -25.33
CA ASP A 567 0.44 38.99 -24.38
C ASP A 567 0.79 38.22 -23.11
N VAL A 568 2.04 37.79 -22.95
CA VAL A 568 2.50 37.14 -21.73
C VAL A 568 3.72 37.88 -21.19
N LEU A 569 3.77 38.03 -19.87
CA LEU A 569 4.97 38.53 -19.20
C LEU A 569 5.34 37.58 -18.09
N ILE A 570 6.58 37.11 -18.10
CA ILE A 570 7.12 36.24 -17.06
C ILE A 570 8.00 37.10 -16.18
N ASN A 571 7.57 37.31 -14.94
CA ASN A 571 8.23 38.25 -14.04
C ASN A 571 9.20 37.51 -13.12
N PHE A 572 10.50 37.65 -13.39
CA PHE A 572 11.54 37.10 -12.54
C PHE A 572 12.05 38.09 -11.49
N ALA A 573 11.29 39.15 -11.23
CA ALA A 573 11.70 40.12 -10.22
C ALA A 573 11.85 39.45 -8.87
N SER A 574 12.77 39.98 -8.06
CA SER A 574 12.91 39.52 -6.69
C SER A 574 11.63 39.83 -5.91
N LEU A 575 11.54 39.23 -4.72
CA LEU A 575 10.33 39.41 -3.91
C LEU A 575 10.12 40.88 -3.52
N ARG A 576 11.20 41.66 -3.45
CA ARG A 576 11.09 43.05 -3.02
C ARG A 576 10.53 43.96 -4.11
N SER A 577 10.82 43.65 -5.37
CA SER A 577 10.37 44.47 -6.49
C SER A 577 9.31 43.79 -7.36
N ALA A 578 8.88 42.58 -6.99
CA ALA A 578 7.89 41.88 -7.81
C ALA A 578 6.53 42.57 -7.77
N TYR A 579 6.18 43.18 -6.64
CA TYR A 579 4.88 43.85 -6.53
C TYR A 579 4.77 45.01 -7.51
N ASP A 580 5.73 45.92 -7.49
CA ASP A 580 5.63 47.11 -8.33
C ASP A 580 5.73 46.76 -9.81
N SER A 581 6.61 45.82 -10.17
CA SER A 581 6.77 45.46 -11.57
C SER A 581 5.54 44.74 -12.11
N THR A 582 4.83 44.00 -11.26
CA THR A 582 3.62 43.32 -11.71
C THR A 582 2.45 44.28 -11.81
N MET A 583 2.34 45.23 -10.86
CA MET A 583 1.33 46.26 -10.97
C MET A 583 1.54 47.12 -12.22
N GLU A 584 2.80 47.42 -12.54
CA GLU A 584 3.08 48.19 -13.75
C GLU A 584 2.64 47.43 -14.99
N THR A 585 2.98 46.13 -15.06
CA THR A 585 2.58 45.32 -16.21
C THR A 585 1.09 45.42 -16.48
N MET A 586 0.28 45.50 -15.44
CA MET A 586 -1.16 45.53 -15.58
C MET A 586 -1.69 46.91 -15.96
N ASN A 587 -0.81 47.87 -16.26
CA ASN A 587 -1.20 49.08 -16.94
C ASN A 587 -1.22 48.91 -18.46
N TYR A 588 -0.79 47.75 -18.96
CA TYR A 588 -0.69 47.49 -20.40
C TYR A 588 -1.66 46.37 -20.75
N ALA A 589 -2.83 46.76 -21.28
CA ALA A 589 -3.88 45.79 -21.58
C ALA A 589 -3.43 44.71 -22.55
N GLN A 590 -2.34 44.94 -23.30
CA GLN A 590 -1.90 43.92 -24.24
C GLN A 590 -1.46 42.64 -23.54
N ILE A 591 -1.03 42.75 -22.28
CA ILE A 591 -0.62 41.58 -21.51
C ILE A 591 -1.85 40.95 -20.88
N ARG A 592 -2.13 39.69 -21.23
CA ARG A 592 -3.28 38.96 -20.70
C ARG A 592 -2.91 37.91 -19.67
N THR A 593 -1.64 37.48 -19.62
CA THR A 593 -1.21 36.44 -18.70
C THR A 593 0.12 36.85 -18.09
N ILE A 594 0.18 36.84 -16.76
CA ILE A 594 1.38 37.20 -16.02
C ILE A 594 1.80 36.00 -15.15
N ALA A 595 3.03 35.54 -15.34
CA ALA A 595 3.65 34.58 -14.44
C ALA A 595 4.55 35.32 -13.46
N ILE A 596 4.24 35.21 -12.17
CA ILE A 596 5.05 35.80 -11.11
C ILE A 596 5.86 34.68 -10.47
N ILE A 597 7.19 34.77 -10.57
CA ILE A 597 8.05 33.66 -10.16
C ILE A 597 8.40 33.75 -8.67
N ALA A 598 8.59 34.95 -8.15
CA ALA A 598 9.24 35.13 -6.86
C ALA A 598 8.44 34.47 -5.73
N GLU A 599 9.15 33.76 -4.88
CA GLU A 599 8.62 33.29 -3.61
C GLU A 599 9.00 34.29 -2.52
N GLY A 600 8.08 34.53 -1.58
CA GLY A 600 8.31 35.42 -0.47
C GLY A 600 7.62 36.76 -0.55
N ILE A 601 6.65 36.92 -1.44
CA ILE A 601 5.89 38.18 -1.47
C ILE A 601 4.92 38.19 -0.30
N PRO A 602 4.83 39.27 0.49
CA PRO A 602 3.83 39.33 1.55
C PRO A 602 2.42 39.12 0.99
N GLU A 603 1.62 38.34 1.73
CA GLU A 603 0.30 37.96 1.25
C GLU A 603 -0.58 39.16 0.99
N ALA A 604 -0.45 40.21 1.81
CA ALA A 604 -1.29 41.40 1.64
C ALA A 604 -1.01 42.10 0.33
N LEU A 605 0.23 42.02 -0.17
CA LEU A 605 0.54 42.61 -1.47
C LEU A 605 0.00 41.74 -2.61
N THR A 606 0.09 40.42 -2.47
CA THR A 606 -0.44 39.53 -3.49
C THR A 606 -1.95 39.72 -3.62
N ARG A 607 -2.65 39.98 -2.51
CA ARG A 607 -4.08 40.27 -2.58
C ARG A 607 -4.34 41.50 -3.43
N LYS A 608 -3.50 42.53 -3.31
CA LYS A 608 -3.64 43.71 -4.16
C LYS A 608 -3.31 43.36 -5.61
N LEU A 609 -2.36 42.46 -5.83
CA LEU A 609 -2.11 41.98 -7.18
C LEU A 609 -3.32 41.23 -7.71
N ILE A 610 -3.97 40.42 -6.87
CA ILE A 610 -5.15 39.68 -7.29
C ILE A 610 -6.30 40.64 -7.59
N LYS A 611 -6.46 41.67 -6.76
CA LYS A 611 -7.55 42.62 -6.98
C LYS A 611 -7.41 43.31 -8.33
N LYS A 612 -6.22 43.81 -8.63
CA LYS A 612 -6.02 44.48 -9.91
C LYS A 612 -6.13 43.49 -11.06
N ALA A 613 -5.55 42.30 -10.90
CA ALA A 613 -5.67 41.28 -11.94
C ALA A 613 -7.12 40.96 -12.22
N ASP A 614 -7.95 40.86 -11.18
CA ASP A 614 -9.36 40.54 -11.38
C ASP A 614 -10.08 41.71 -12.04
N GLN A 615 -9.72 42.94 -11.67
CA GLN A 615 -10.34 44.11 -12.29
C GLN A 615 -9.97 44.23 -13.77
N LYS A 616 -8.75 43.83 -14.14
CA LYS A 616 -8.28 43.93 -15.51
C LYS A 616 -8.56 42.69 -16.34
N GLY A 617 -9.04 41.61 -15.72
CA GLY A 617 -9.23 40.37 -16.46
C GLY A 617 -7.95 39.67 -16.84
N VAL A 618 -6.86 39.92 -16.10
CA VAL A 618 -5.55 39.36 -16.40
C VAL A 618 -5.37 38.09 -15.60
N THR A 619 -4.91 37.03 -16.26
CA THR A 619 -4.61 35.78 -15.58
C THR A 619 -3.23 35.85 -14.95
N ILE A 620 -3.15 35.55 -13.66
CA ILE A 620 -1.89 35.50 -12.94
C ILE A 620 -1.58 34.07 -12.59
N ILE A 621 -0.39 33.60 -12.95
CA ILE A 621 0.13 32.31 -12.56
C ILE A 621 1.23 32.56 -11.54
N GLY A 622 0.96 32.24 -10.28
CA GLY A 622 1.89 32.52 -9.21
C GLY A 622 1.21 33.31 -8.09
N PRO A 623 1.99 33.86 -7.16
CA PRO A 623 3.46 33.80 -7.12
C PRO A 623 4.02 32.48 -6.59
N ALA A 624 5.31 32.49 -6.25
CA ALA A 624 5.97 31.32 -5.66
C ALA A 624 5.75 30.07 -6.52
N THR A 625 6.14 30.18 -7.79
CA THR A 625 5.97 29.07 -8.73
C THR A 625 7.06 29.11 -9.78
N VAL A 626 7.41 27.94 -10.29
CA VAL A 626 8.26 27.88 -11.49
C VAL A 626 7.47 28.22 -12.74
N GLY A 627 6.14 28.11 -12.69
CA GLY A 627 5.29 28.52 -13.80
C GLY A 627 4.38 27.43 -14.33
N GLY A 628 4.83 26.73 -15.36
CA GLY A 628 4.00 25.77 -16.04
C GLY A 628 4.47 25.62 -17.48
N ILE A 629 3.83 24.70 -18.19
CA ILE A 629 4.28 24.34 -19.53
C ILE A 629 3.09 23.87 -20.35
N LYS A 630 3.10 24.20 -21.63
CA LYS A 630 2.12 23.70 -22.60
C LYS A 630 2.90 23.03 -23.72
N PRO A 631 3.07 21.71 -23.68
CA PRO A 631 3.94 21.05 -24.66
C PRO A 631 3.58 21.41 -26.09
N GLY A 632 4.61 21.59 -26.91
CA GLY A 632 4.44 21.98 -28.28
C GLY A 632 4.18 23.46 -28.51
N CYS A 633 4.04 24.25 -27.45
CA CYS A 633 3.56 25.62 -27.58
C CYS A 633 4.40 26.63 -26.81
N PHE A 634 4.60 26.40 -25.51
CA PHE A 634 5.13 27.44 -24.66
C PHE A 634 5.45 26.85 -23.29
N LYS A 635 6.50 27.37 -22.65
CA LYS A 635 6.81 27.01 -21.28
C LYS A 635 7.31 28.23 -20.54
N ILE A 636 6.85 28.38 -19.30
CA ILE A 636 7.15 29.57 -18.50
C ILE A 636 8.54 29.41 -17.88
N GLY A 637 9.50 30.16 -18.38
CA GLY A 637 10.80 30.24 -17.73
C GLY A 637 11.48 28.89 -17.61
N ASN A 638 11.85 28.54 -16.39
CA ASN A 638 12.63 27.34 -16.12
C ASN A 638 11.80 26.07 -16.08
N THR A 639 10.49 26.15 -16.24
CA THR A 639 9.64 24.97 -16.13
C THR A 639 10.06 23.92 -17.15
N GLY A 640 10.19 22.68 -16.70
CA GLY A 640 10.56 21.58 -17.57
C GLY A 640 12.04 21.36 -17.74
N GLY A 641 12.88 22.30 -17.28
CA GLY A 641 14.31 22.05 -17.22
C GLY A 641 14.99 22.01 -18.58
N MET A 642 16.01 21.16 -18.66
CA MET A 642 16.87 21.09 -19.82
C MET A 642 16.24 20.25 -20.93
N LEU A 643 16.85 20.30 -22.11
CA LEU A 643 16.34 19.56 -23.26
C LEU A 643 16.18 18.08 -22.96
N ASP A 644 17.12 17.50 -22.19
CA ASP A 644 17.05 16.07 -21.93
C ASP A 644 15.78 15.71 -21.16
N ASN A 645 15.29 16.61 -20.31
CA ASN A 645 14.01 16.37 -19.66
C ASN A 645 12.85 16.63 -20.62
N ILE A 646 12.97 17.67 -21.45
CA ILE A 646 11.93 17.94 -22.44
C ILE A 646 11.72 16.73 -23.33
N LEU A 647 12.80 16.01 -23.67
CA LEU A 647 12.70 14.87 -24.57
C LEU A 647 12.23 13.62 -23.84
N ALA A 648 12.77 13.36 -22.64
CA ALA A 648 12.42 12.16 -21.91
C ALA A 648 10.93 12.14 -21.56
N SER A 649 10.39 13.27 -21.14
CA SER A 649 8.99 13.37 -20.77
C SER A 649 8.09 13.76 -21.95
N LYS A 650 8.62 13.74 -23.16
CA LYS A 650 7.81 13.95 -24.37
C LYS A 650 7.07 15.29 -24.32
N LEU A 651 7.72 16.30 -23.74
CA LEU A 651 7.12 17.61 -23.59
C LEU A 651 7.28 18.48 -24.84
N TYR A 652 7.78 17.91 -25.93
CA TYR A 652 7.89 18.63 -27.19
C TYR A 652 6.64 18.52 -28.05
N ARG A 653 5.66 17.71 -27.65
CA ARG A 653 4.39 17.63 -28.36
C ARG A 653 3.30 17.29 -27.36
N PRO A 654 2.07 17.70 -27.60
CA PRO A 654 1.01 17.56 -26.60
C PRO A 654 0.43 16.15 -26.52
N GLY A 655 -0.19 15.88 -25.38
CA GLY A 655 -1.02 14.71 -25.20
C GLY A 655 -2.44 15.10 -24.87
N SER A 656 -3.14 14.28 -24.10
CA SER A 656 -4.53 14.54 -23.76
C SER A 656 -4.73 14.89 -22.28
N VAL A 657 -3.66 14.96 -21.50
CA VAL A 657 -3.74 15.06 -20.05
C VAL A 657 -3.33 16.46 -19.62
N ALA A 658 -4.22 17.14 -18.91
CA ALA A 658 -3.93 18.43 -18.31
C ALA A 658 -3.82 18.26 -16.80
N TYR A 659 -2.96 19.06 -16.18
CA TYR A 659 -2.79 19.00 -14.74
C TYR A 659 -2.55 20.38 -14.16
N VAL A 660 -2.89 20.52 -12.88
CA VAL A 660 -2.57 21.70 -12.10
C VAL A 660 -2.11 21.24 -10.72
N SER A 661 -1.03 21.84 -10.22
CA SER A 661 -0.51 21.53 -8.90
C SER A 661 -0.07 22.82 -8.23
N ARG A 662 0.12 22.75 -6.91
CA ARG A 662 0.74 23.86 -6.19
C ARG A 662 2.26 23.82 -6.33
N SER A 663 2.85 22.63 -6.25
CA SER A 663 4.29 22.48 -6.23
C SER A 663 4.85 22.54 -7.65
N GLY A 664 5.91 23.33 -7.83
CA GLY A 664 6.56 23.43 -9.13
C GLY A 664 7.43 22.23 -9.40
N GLY A 665 8.14 21.74 -8.37
CA GLY A 665 8.95 20.56 -8.53
C GLY A 665 8.13 19.32 -8.78
N MET A 666 7.04 19.15 -8.03
CA MET A 666 6.16 18.00 -8.26
C MET A 666 5.50 18.07 -9.63
N SER A 667 5.26 19.28 -10.14
CA SER A 667 4.68 19.40 -11.48
C SER A 667 5.57 18.74 -12.52
N ASN A 668 6.88 18.81 -12.35
CA ASN A 668 7.79 18.15 -13.28
C ASN A 668 7.84 16.65 -13.05
N GLU A 669 7.60 16.20 -11.82
CA GLU A 669 7.35 14.78 -11.58
C GLU A 669 6.12 14.32 -12.33
N LEU A 670 5.05 15.13 -12.30
CA LEU A 670 3.84 14.79 -13.04
C LEU A 670 4.10 14.78 -14.54
N ASN A 671 4.96 15.69 -15.03
CA ASN A 671 5.36 15.62 -16.43
C ASN A 671 5.90 14.24 -16.76
N ASN A 672 6.78 13.73 -15.91
CA ASN A 672 7.38 12.42 -16.14
C ASN A 672 6.37 11.29 -15.94
N ILE A 673 5.61 11.36 -14.86
CA ILE A 673 4.60 10.33 -14.59
C ILE A 673 3.59 10.25 -15.71
N ILE A 674 3.03 11.40 -16.09
CA ILE A 674 2.02 11.43 -17.15
C ILE A 674 2.63 11.00 -18.48
N SER A 675 3.91 11.34 -18.71
CA SER A 675 4.57 10.92 -19.94
C SER A 675 4.62 9.41 -20.09
N ARG A 676 4.73 8.69 -18.97
CA ARG A 676 4.96 7.25 -19.01
C ARG A 676 3.68 6.43 -18.98
N THR A 677 2.53 7.06 -18.74
CA THR A 677 1.28 6.33 -18.56
C THR A 677 0.16 6.78 -19.48
N THR A 678 0.39 7.80 -20.31
CA THR A 678 -0.63 8.35 -21.17
C THR A 678 0.04 8.83 -22.45
N ASP A 679 -0.72 9.51 -23.31
CA ASP A 679 -0.13 10.07 -24.52
C ASP A 679 0.65 11.35 -24.25
N GLY A 680 0.58 11.88 -23.03
CA GLY A 680 1.43 12.99 -22.63
C GLY A 680 0.64 14.13 -22.04
N VAL A 681 1.39 15.11 -21.54
CA VAL A 681 0.80 16.32 -20.98
C VAL A 681 0.27 17.19 -22.11
N TYR A 682 -0.97 17.65 -21.97
CA TYR A 682 -1.51 18.68 -22.86
C TYR A 682 -1.14 20.07 -22.35
N GLU A 683 -1.41 20.34 -21.08
CA GLU A 683 -0.99 21.58 -20.45
C GLU A 683 -0.82 21.33 -18.96
N GLY A 684 0.22 21.92 -18.40
CA GLY A 684 0.45 21.84 -16.96
C GLY A 684 0.70 23.21 -16.37
N VAL A 685 0.15 23.44 -15.19
CA VAL A 685 0.28 24.71 -14.49
C VAL A 685 0.60 24.43 -13.03
N ALA A 686 1.59 25.14 -12.50
CA ALA A 686 1.88 25.15 -11.06
C ALA A 686 1.45 26.49 -10.50
N ILE A 687 0.36 26.49 -9.71
CA ILE A 687 -0.20 27.74 -9.21
C ILE A 687 0.58 28.34 -8.05
N GLY A 688 1.63 27.67 -7.59
CA GLY A 688 2.45 28.17 -6.52
C GLY A 688 1.95 27.77 -5.14
N GLY A 689 2.83 27.95 -4.15
CA GLY A 689 2.57 27.53 -2.79
C GLY A 689 2.02 28.59 -1.85
N ASP A 690 1.80 29.80 -2.32
CA ASP A 690 1.38 30.87 -1.43
C ASP A 690 -0.07 30.68 -1.02
N ARG A 691 -0.48 31.42 0.02
CA ARG A 691 -1.82 31.24 0.56
C ARG A 691 -2.89 31.74 -0.42
N TYR A 692 -2.62 32.83 -1.12
CA TYR A 692 -3.54 33.39 -2.11
C TYR A 692 -2.85 33.33 -3.47
N PRO A 693 -2.99 32.23 -4.21
CA PRO A 693 -2.43 32.18 -5.56
C PRO A 693 -3.24 33.07 -6.51
N GLY A 694 -2.53 33.63 -7.49
CA GLY A 694 -3.19 34.49 -8.45
C GLY A 694 -4.28 33.77 -9.23
N SER A 695 -4.09 32.48 -9.51
CA SER A 695 -5.11 31.63 -10.09
C SER A 695 -5.20 30.36 -9.27
N THR A 696 -6.41 29.84 -9.13
CA THR A 696 -6.71 28.73 -8.23
C THR A 696 -6.76 27.41 -9.00
N PHE A 697 -6.88 26.32 -8.24
CA PHE A 697 -7.12 25.01 -8.85
C PHE A 697 -8.36 25.04 -9.72
N MET A 698 -9.47 25.56 -9.18
CA MET A 698 -10.72 25.57 -9.92
C MET A 698 -10.59 26.38 -11.22
N ASP A 699 -9.84 27.49 -11.17
CA ASP A 699 -9.68 28.33 -12.36
C ASP A 699 -9.13 27.51 -13.52
N HIS A 700 -8.11 26.70 -13.28
CA HIS A 700 -7.48 25.96 -14.36
C HIS A 700 -8.25 24.69 -14.69
N VAL A 701 -8.85 24.04 -13.69
CA VAL A 701 -9.71 22.90 -13.97
C VAL A 701 -10.84 23.32 -14.92
N LEU A 702 -11.39 24.52 -14.71
CA LEU A 702 -12.41 25.04 -15.60
C LEU A 702 -11.87 25.24 -17.01
N ARG A 703 -10.68 25.83 -17.14
CA ARG A 703 -10.07 25.97 -18.46
C ARG A 703 -9.95 24.64 -19.17
N TYR A 704 -9.59 23.59 -18.43
CA TYR A 704 -9.41 22.27 -19.03
C TYR A 704 -10.74 21.65 -19.44
N GLN A 705 -11.77 21.83 -18.62
CA GLN A 705 -13.12 21.41 -19.01
C GLN A 705 -13.53 22.03 -20.34
N ASP A 706 -13.18 23.31 -20.55
CA ASP A 706 -13.59 24.03 -21.74
C ASP A 706 -12.58 23.95 -22.86
N THR A 707 -11.53 23.13 -22.71
CA THR A 707 -10.54 22.95 -23.75
C THR A 707 -10.77 21.61 -24.43
N PRO A 708 -11.18 21.58 -25.70
CA PRO A 708 -11.55 20.28 -26.30
C PRO A 708 -10.41 19.28 -26.34
N GLY A 709 -9.18 19.74 -26.61
CA GLY A 709 -8.04 18.84 -26.66
C GLY A 709 -7.76 18.12 -25.35
N VAL A 710 -8.31 18.61 -24.24
CA VAL A 710 -8.12 18.00 -22.94
C VAL A 710 -9.19 16.92 -22.74
N LYS A 711 -8.75 15.71 -22.38
CA LYS A 711 -9.68 14.62 -22.15
C LYS A 711 -9.69 14.10 -20.72
N MET A 712 -8.68 14.42 -19.91
CA MET A 712 -8.63 14.01 -18.52
C MET A 712 -7.79 15.03 -17.77
N ILE A 713 -8.09 15.18 -16.48
CA ILE A 713 -7.52 16.24 -15.67
C ILE A 713 -6.92 15.63 -14.40
N VAL A 714 -5.69 16.04 -14.07
CA VAL A 714 -4.99 15.58 -12.88
C VAL A 714 -4.75 16.78 -11.97
N VAL A 715 -5.11 16.65 -10.70
CA VAL A 715 -4.96 17.72 -9.72
C VAL A 715 -4.13 17.18 -8.57
N LEU A 716 -3.03 17.85 -8.27
CA LEU A 716 -2.20 17.52 -7.12
C LEU A 716 -2.50 18.56 -6.03
N GLY A 717 -3.45 18.22 -5.17
CA GLY A 717 -3.88 19.13 -4.13
C GLY A 717 -2.95 19.09 -2.93
N GLU A 718 -3.35 19.81 -1.88
CA GLU A 718 -2.48 20.01 -0.74
C GLU A 718 -3.31 20.41 0.47
N ILE A 719 -2.87 19.96 1.64
CA ILE A 719 -3.46 20.36 2.92
C ILE A 719 -3.52 21.88 2.99
N GLY A 720 -4.56 22.41 3.61
CA GLY A 720 -4.72 23.84 3.76
C GLY A 720 -5.75 24.42 2.81
N GLY A 721 -6.58 25.33 3.31
CA GLY A 721 -7.62 25.92 2.50
C GLY A 721 -8.69 24.91 2.13
N THR A 722 -9.69 25.40 1.39
CA THR A 722 -10.84 24.59 0.97
C THR A 722 -11.00 24.59 -0.54
N GLU A 723 -9.93 24.88 -1.28
CA GLU A 723 -10.05 25.05 -2.72
C GLU A 723 -10.52 23.76 -3.40
N GLU A 724 -10.02 22.61 -2.97
CA GLU A 724 -10.34 21.36 -3.64
C GLU A 724 -11.84 21.05 -3.59
N TYR A 725 -12.57 21.60 -2.61
CA TYR A 725 -13.99 21.32 -2.53
C TYR A 725 -14.76 21.95 -3.68
N LYS A 726 -14.26 23.06 -4.23
CA LYS A 726 -14.89 23.66 -5.40
C LYS A 726 -14.92 22.69 -6.58
N ILE A 727 -13.94 21.78 -6.66
CA ILE A 727 -13.98 20.72 -7.66
C ILE A 727 -15.18 19.81 -7.41
N CYS A 728 -15.45 19.50 -6.14
CA CYS A 728 -16.59 18.66 -5.80
C CYS A 728 -17.90 19.32 -6.22
N ARG A 729 -18.09 20.59 -5.84
CA ARG A 729 -19.31 21.30 -6.20
C ARG A 729 -19.45 21.40 -7.72
N GLY A 730 -18.33 21.56 -8.42
CA GLY A 730 -18.40 21.67 -9.87
C GLY A 730 -18.91 20.40 -10.51
N ILE A 731 -18.48 19.23 -10.00
CA ILE A 731 -19.01 17.96 -10.47
C ILE A 731 -20.49 17.86 -10.15
N LYS A 732 -20.87 18.24 -8.93
CA LYS A 732 -22.26 18.08 -8.48
C LYS A 732 -23.22 18.95 -9.30
N GLU A 733 -22.74 20.05 -9.85
CA GLU A 733 -23.57 20.96 -10.62
C GLU A 733 -23.50 20.71 -12.12
N GLY A 734 -22.73 19.74 -12.56
CA GLY A 734 -22.63 19.42 -13.97
C GLY A 734 -21.70 20.31 -14.76
N ARG A 735 -20.98 21.21 -14.10
CA ARG A 735 -20.01 22.04 -14.82
C ARG A 735 -18.79 21.24 -15.25
N LEU A 736 -18.37 20.29 -14.42
CA LEU A 736 -17.20 19.47 -14.69
C LEU A 736 -17.66 18.05 -15.00
N THR A 737 -17.32 17.56 -16.19
CA THR A 737 -17.75 16.25 -16.64
C THR A 737 -16.61 15.36 -17.10
N LYS A 738 -15.47 15.90 -17.50
CA LYS A 738 -14.34 15.07 -17.88
C LYS A 738 -13.79 14.36 -16.65
N PRO A 739 -13.09 13.24 -16.85
CA PRO A 739 -12.52 12.53 -15.70
C PRO A 739 -11.49 13.39 -14.98
N ILE A 740 -11.54 13.35 -13.64
CA ILE A 740 -10.60 14.09 -12.80
C ILE A 740 -9.92 13.11 -11.86
N VAL A 741 -8.60 13.05 -11.93
CA VAL A 741 -7.77 12.35 -10.95
C VAL A 741 -7.19 13.38 -10.00
N CYS A 742 -7.32 13.14 -8.70
CA CYS A 742 -6.78 14.06 -7.72
C CYS A 742 -6.18 13.32 -6.53
N TRP A 743 -5.02 13.81 -6.08
CA TRP A 743 -4.43 13.40 -4.81
C TRP A 743 -3.98 14.64 -4.07
N CYS A 744 -4.33 14.72 -2.78
CA CYS A 744 -3.96 15.85 -1.94
C CYS A 744 -2.85 15.42 -0.99
N ILE A 745 -1.70 16.08 -1.10
CA ILE A 745 -0.56 15.75 -0.26
C ILE A 745 -0.73 16.34 1.13
N GLY A 746 0.01 15.80 2.09
CA GLY A 746 -0.04 16.25 3.46
C GLY A 746 -0.81 15.36 4.41
N THR A 747 -1.01 14.09 4.07
CA THR A 747 -1.80 13.20 4.93
C THR A 747 -1.15 12.98 6.29
N CYS A 748 0.18 13.17 6.39
CA CYS A 748 0.87 12.92 7.66
C CYS A 748 0.72 14.06 8.65
N ALA A 749 0.15 15.20 8.26
CA ALA A 749 0.07 16.34 9.18
C ALA A 749 -0.76 16.01 10.41
N THR A 750 -1.80 15.19 10.26
CA THR A 750 -2.66 14.84 11.37
C THR A 750 -2.04 13.82 12.31
N MET A 751 -0.94 13.18 11.91
CA MET A 751 -0.30 12.18 12.76
C MET A 751 0.59 12.78 13.84
N PHE A 752 0.78 14.10 13.84
CA PHE A 752 1.71 14.73 14.76
C PHE A 752 0.99 15.22 16.01
N SER A 753 1.73 15.22 17.13
CA SER A 753 1.15 15.69 18.39
C SER A 753 1.01 17.20 18.40
N SER A 754 1.88 17.91 17.70
CA SER A 754 1.80 19.36 17.55
C SER A 754 1.58 19.69 16.08
N GLU A 755 1.18 20.93 15.82
CA GLU A 755 1.05 21.39 14.44
C GLU A 755 2.42 21.62 13.82
N VAL A 756 2.50 21.42 12.52
CA VAL A 756 3.72 21.64 11.75
C VAL A 756 3.33 22.35 10.46
N GLN A 757 4.08 23.39 10.10
CA GLN A 757 3.84 24.14 8.87
C GLN A 757 4.87 23.71 7.84
N PHE A 758 4.38 23.32 6.66
CA PHE A 758 5.23 22.74 5.64
C PHE A 758 5.94 23.84 4.85
N GLY A 759 6.64 23.46 3.78
CA GLY A 759 7.46 24.42 3.07
C GLY A 759 6.64 25.53 2.45
N HIS A 760 5.56 25.18 1.75
CA HIS A 760 4.71 26.18 1.12
C HIS A 760 4.02 27.03 2.18
N ALA A 761 3.95 28.34 1.92
CA ALA A 761 3.42 29.26 2.91
C ALA A 761 1.94 29.03 3.20
N GLY A 762 1.21 28.47 2.24
CA GLY A 762 -0.21 28.22 2.40
C GLY A 762 -0.59 26.85 2.89
N ALA A 763 0.39 25.95 3.08
CA ALA A 763 0.12 24.58 3.49
C ALA A 763 -0.06 24.51 5.01
N CYS A 764 -1.15 25.13 5.47
CA CYS A 764 -1.48 25.20 6.88
C CYS A 764 -2.97 24.97 7.05
N ALA A 765 -3.33 24.04 7.93
CA ALA A 765 -4.73 23.63 8.12
C ALA A 765 -5.23 24.13 9.47
N ASN A 766 -6.33 24.88 9.45
CA ASN A 766 -7.03 25.28 10.66
C ASN A 766 -8.12 24.27 11.03
N GLN A 767 -9.03 23.99 10.09
CA GLN A 767 -10.17 23.13 10.33
C GLN A 767 -9.87 21.70 9.94
N ALA A 768 -10.71 20.78 10.41
CA ALA A 768 -10.59 19.38 10.01
C ALA A 768 -10.86 19.20 8.53
N SER A 769 -11.69 20.06 7.94
CA SER A 769 -12.01 19.98 6.51
C SER A 769 -10.80 20.34 5.64
N GLU A 770 -9.85 21.10 6.17
CA GLU A 770 -8.70 21.52 5.39
C GLU A 770 -7.59 20.49 5.35
N THR A 771 -7.78 19.32 5.96
CA THR A 771 -6.76 18.28 5.94
C THR A 771 -6.77 17.56 4.61
N ALA A 772 -5.60 17.03 4.22
CA ALA A 772 -5.52 16.27 2.98
C ALA A 772 -6.39 15.03 3.02
N VAL A 773 -6.52 14.41 4.19
CA VAL A 773 -7.33 13.21 4.32
C VAL A 773 -8.80 13.54 4.09
N ALA A 774 -9.29 14.61 4.72
CA ALA A 774 -10.69 14.97 4.55
C ALA A 774 -10.99 15.33 3.11
N LYS A 775 -10.09 16.07 2.46
CA LYS A 775 -10.31 16.48 1.07
C LYS A 775 -10.25 15.29 0.13
N ASN A 776 -9.35 14.35 0.40
CA ASN A 776 -9.29 13.15 -0.43
C ASN A 776 -10.59 12.36 -0.36
N GLN A 777 -11.15 12.21 0.84
CA GLN A 777 -12.43 11.51 0.97
C GLN A 777 -13.54 12.27 0.24
N ALA A 778 -13.63 13.58 0.45
CA ALA A 778 -14.65 14.38 -0.22
C ALA A 778 -14.52 14.27 -1.73
N LEU A 779 -13.31 14.45 -2.24
CA LEU A 779 -13.08 14.30 -3.67
C LEU A 779 -13.54 12.94 -4.17
N LYS A 780 -13.18 11.88 -3.44
CA LYS A 780 -13.51 10.52 -3.89
C LYS A 780 -15.02 10.29 -3.88
N GLU A 781 -15.73 10.84 -2.90
CA GLU A 781 -17.17 10.63 -2.81
C GLU A 781 -17.91 11.34 -3.92
N ALA A 782 -17.36 12.44 -4.43
CA ALA A 782 -18.02 13.20 -5.48
C ALA A 782 -17.78 12.67 -6.88
N GLY A 783 -17.02 11.58 -7.01
CA GLY A 783 -16.73 11.01 -8.32
C GLY A 783 -15.34 11.29 -8.83
N VAL A 784 -14.50 11.98 -8.07
CA VAL A 784 -13.10 12.12 -8.45
C VAL A 784 -12.39 10.79 -8.24
N PHE A 785 -11.42 10.51 -9.10
CA PHE A 785 -10.60 9.31 -8.97
C PHE A 785 -9.42 9.64 -8.07
N VAL A 786 -9.44 9.10 -6.86
CA VAL A 786 -8.44 9.39 -5.84
C VAL A 786 -7.67 8.11 -5.56
N PRO A 787 -6.35 8.09 -5.74
CA PRO A 787 -5.57 6.90 -5.35
C PRO A 787 -5.53 6.75 -3.84
N ARG A 788 -5.07 5.57 -3.39
CA ARG A 788 -4.92 5.35 -1.96
C ARG A 788 -3.82 6.24 -1.38
N SER A 789 -2.73 6.40 -2.13
CA SER A 789 -1.62 7.25 -1.71
C SER A 789 -0.99 7.84 -2.98
N PHE A 790 0.02 8.68 -2.78
CA PHE A 790 0.73 9.25 -3.93
C PHE A 790 1.39 8.17 -4.77
N ASP A 791 1.73 7.02 -4.16
CA ASP A 791 2.39 5.96 -4.91
C ASP A 791 1.51 5.39 -6.00
N GLU A 792 0.19 5.38 -5.79
CA GLU A 792 -0.75 4.85 -6.76
C GLU A 792 -1.25 5.91 -7.74
N LEU A 793 -0.79 7.16 -7.61
CA LEU A 793 -1.26 8.20 -8.51
C LEU A 793 -0.95 7.83 -9.95
N GLY A 794 0.29 7.41 -10.23
CA GLY A 794 0.64 6.97 -11.57
C GLY A 794 -0.20 5.79 -12.03
N GLU A 795 -0.58 4.92 -11.10
CA GLU A 795 -1.40 3.76 -11.46
C GLU A 795 -2.79 4.20 -11.93
N ILE A 796 -3.45 5.05 -11.15
CA ILE A 796 -4.82 5.40 -11.47
C ILE A 796 -4.89 6.32 -12.68
N ILE A 797 -3.82 7.08 -12.96
CA ILE A 797 -3.78 7.90 -14.17
C ILE A 797 -3.72 7.00 -15.40
N GLN A 798 -2.84 6.00 -15.37
CA GLN A 798 -2.78 5.06 -16.49
C GLN A 798 -4.13 4.38 -16.69
N SER A 799 -4.84 4.09 -15.61
CA SER A 799 -6.07 3.32 -15.70
C SER A 799 -7.21 4.16 -16.26
N VAL A 800 -7.32 5.41 -15.81
CA VAL A 800 -8.32 6.32 -16.39
C VAL A 800 -8.04 6.53 -17.86
N TYR A 801 -6.76 6.69 -18.22
CA TYR A 801 -6.37 6.89 -19.61
C TYR A 801 -6.87 5.74 -20.49
N GLU A 802 -6.55 4.50 -20.10
CA GLU A 802 -6.84 3.36 -20.97
C GLU A 802 -8.33 3.16 -21.16
N ASP A 803 -9.14 3.51 -20.15
CA ASP A 803 -10.59 3.54 -20.34
C ASP A 803 -10.96 4.48 -21.48
N LEU A 804 -10.43 5.71 -21.45
CA LEU A 804 -10.76 6.69 -22.49
C LEU A 804 -10.27 6.21 -23.85
N VAL A 805 -9.09 5.57 -23.90
CA VAL A 805 -8.64 4.97 -25.15
C VAL A 805 -9.62 3.88 -25.59
N ALA A 806 -10.04 3.03 -24.66
CA ALA A 806 -10.94 1.94 -25.00
C ALA A 806 -12.29 2.46 -25.45
N ASN A 807 -12.80 3.52 -24.80
CA ASN A 807 -14.09 4.08 -25.17
C ASN A 807 -14.02 4.98 -26.40
N GLY A 808 -12.84 5.14 -27.00
CA GLY A 808 -12.69 5.96 -28.18
C GLY A 808 -12.52 7.45 -27.91
N VAL A 809 -12.48 7.86 -26.64
CA VAL A 809 -12.41 9.29 -26.34
C VAL A 809 -11.01 9.83 -26.65
N ILE A 810 -9.98 8.99 -26.56
CA ILE A 810 -8.61 9.39 -26.86
C ILE A 810 -8.09 8.49 -27.96
N VAL A 811 -7.52 9.09 -29.00
CA VAL A 811 -6.95 8.35 -30.13
C VAL A 811 -5.52 8.83 -30.35
N PRO A 812 -4.49 8.07 -29.94
CA PRO A 812 -3.10 8.48 -30.15
C PRO A 812 -2.56 8.10 -31.53
N SER B 2 -7.45 -32.21 -1.37
CA SER B 2 -7.93 -31.50 -0.18
C SER B 2 -8.86 -32.37 0.64
N ALA B 3 -8.81 -32.22 1.96
CA ALA B 3 -9.80 -32.82 2.84
C ALA B 3 -11.06 -31.97 2.76
N LYS B 4 -12.21 -32.63 2.64
CA LYS B 4 -13.48 -31.94 2.49
C LYS B 4 -14.49 -32.49 3.48
N ALA B 5 -15.29 -31.60 4.06
CA ALA B 5 -16.32 -32.01 5.00
C ALA B 5 -17.47 -32.68 4.27
N ILE B 6 -18.15 -33.56 4.98
CA ILE B 6 -19.38 -34.19 4.50
C ILE B 6 -20.47 -33.92 5.52
N SER B 7 -21.71 -34.04 5.07
CA SER B 7 -22.85 -33.81 5.94
C SER B 7 -22.93 -34.92 6.99
N GLU B 8 -23.69 -34.65 8.06
CA GLU B 8 -23.86 -35.66 9.10
C GLU B 8 -24.58 -36.89 8.57
N GLN B 9 -25.54 -36.69 7.67
CA GLN B 9 -26.25 -37.83 7.08
C GLN B 9 -25.29 -38.71 6.29
N THR B 10 -24.46 -38.09 5.45
CA THR B 10 -23.50 -38.85 4.66
C THR B 10 -22.56 -39.66 5.55
N GLY B 11 -22.05 -39.03 6.61
CA GLY B 11 -21.15 -39.75 7.50
C GLY B 11 -21.83 -40.89 8.21
N LYS B 12 -23.06 -40.67 8.69
CA LYS B 12 -23.80 -41.75 9.32
C LYS B 12 -24.18 -42.82 8.30
N GLU B 13 -24.51 -42.39 7.08
CA GLU B 13 -24.73 -43.33 5.97
C GLU B 13 -23.54 -44.27 5.83
N LEU B 14 -22.33 -43.70 5.68
CA LEU B 14 -21.14 -44.52 5.53
C LEU B 14 -20.91 -45.40 6.75
N LEU B 15 -21.16 -44.87 7.94
CA LEU B 15 -20.89 -45.63 9.16
C LEU B 15 -21.85 -46.79 9.30
N TYR B 16 -23.14 -46.56 9.07
CA TYR B 16 -24.12 -47.64 9.20
C TYR B 16 -23.87 -48.75 8.20
N LYS B 17 -23.35 -48.41 7.01
CA LYS B 17 -23.13 -49.41 5.97
C LYS B 17 -21.82 -50.18 6.19
N PHE B 18 -20.78 -49.51 6.68
CA PHE B 18 -19.43 -50.03 6.56
C PHE B 18 -18.68 -50.21 7.86
N ILE B 19 -19.20 -49.75 9.00
CA ILE B 19 -18.49 -50.00 10.24
C ILE B 19 -18.49 -51.50 10.50
N SER B 20 -17.30 -52.05 10.76
CA SER B 20 -17.13 -53.47 10.97
C SER B 20 -16.91 -53.67 12.46
N THR B 21 -17.96 -54.06 13.17
CA THR B 21 -17.89 -54.15 14.62
C THR B 21 -18.85 -55.20 15.13
N THR B 22 -18.47 -55.84 16.23
CA THR B 22 -19.36 -56.71 16.98
C THR B 22 -20.21 -55.95 17.99
N SER B 23 -20.06 -54.63 18.06
CA SER B 23 -20.89 -53.81 18.93
C SER B 23 -22.26 -53.58 18.31
N ALA B 24 -23.25 -53.35 19.17
CA ALA B 24 -24.61 -53.05 18.72
C ALA B 24 -24.75 -51.54 18.54
N ILE B 25 -24.97 -51.11 17.31
CA ILE B 25 -25.09 -49.70 16.97
C ILE B 25 -26.57 -49.43 16.72
N GLN B 26 -27.21 -48.78 17.67
CA GLN B 26 -28.66 -48.63 17.68
C GLN B 26 -29.11 -47.55 16.70
N ASN B 27 -30.38 -47.66 16.28
CA ASN B 27 -31.02 -46.70 15.38
C ASN B 27 -30.29 -46.61 14.03
N ARG B 28 -29.59 -47.67 13.63
CA ARG B 28 -28.97 -47.64 12.32
C ARG B 28 -30.03 -47.41 11.25
N PHE B 29 -29.72 -46.52 10.31
CA PHE B 29 -30.58 -46.12 9.20
C PHE B 29 -31.90 -45.49 9.66
N LYS B 30 -32.00 -45.11 10.93
CA LYS B 30 -33.17 -44.35 11.41
C LYS B 30 -32.82 -42.86 11.35
N TYR B 31 -32.87 -42.31 10.13
CA TYR B 31 -32.79 -40.89 9.92
C TYR B 31 -33.65 -40.55 8.70
N ALA B 32 -34.08 -39.30 8.63
CA ALA B 32 -34.96 -38.83 7.56
C ALA B 32 -34.56 -37.41 7.17
N ARG B 33 -34.31 -37.22 5.88
CA ARG B 33 -33.84 -35.95 5.36
C ARG B 33 -35.01 -35.09 4.94
N VAL B 34 -34.97 -33.81 5.30
CA VAL B 34 -36.07 -32.88 5.08
C VAL B 34 -35.54 -31.69 4.29
N THR B 35 -36.12 -31.46 3.12
CA THR B 35 -35.84 -30.34 2.24
C THR B 35 -37.13 -29.58 2.00
N PRO B 36 -37.05 -28.32 1.54
CA PRO B 36 -38.30 -27.62 1.16
C PRO B 36 -39.11 -28.36 0.12
N ASP B 37 -38.53 -29.30 -0.61
CA ASP B 37 -39.22 -30.06 -1.64
C ASP B 37 -39.62 -31.46 -1.17
N THR B 38 -39.53 -31.74 0.12
CA THR B 38 -39.80 -33.09 0.61
C THR B 38 -41.23 -33.50 0.31
N ASP B 39 -41.38 -34.75 -0.12
CA ASP B 39 -42.68 -35.40 -0.25
C ASP B 39 -42.98 -36.09 1.07
N TRP B 40 -43.73 -35.43 1.94
CA TRP B 40 -43.90 -35.92 3.30
C TRP B 40 -44.67 -37.25 3.34
N ALA B 41 -45.44 -37.58 2.30
CA ALA B 41 -46.11 -38.87 2.28
C ALA B 41 -45.10 -39.99 2.06
N ARG B 42 -44.23 -39.84 1.05
CA ARG B 42 -43.15 -40.80 0.84
C ARG B 42 -42.26 -40.89 2.06
N LEU B 43 -41.91 -39.74 2.65
CA LEU B 43 -41.01 -39.74 3.80
C LEU B 43 -41.55 -40.61 4.92
N LEU B 44 -42.86 -40.50 5.22
CA LEU B 44 -43.44 -41.32 6.28
C LEU B 44 -43.52 -42.78 5.87
N GLN B 45 -43.80 -43.05 4.59
CA GLN B 45 -43.82 -44.43 4.13
C GLN B 45 -42.45 -45.06 4.22
N ASP B 46 -41.42 -44.34 3.74
CA ASP B 46 -40.07 -44.89 3.73
C ASP B 46 -39.45 -44.94 5.13
N HIS B 47 -39.93 -44.10 6.06
CA HIS B 47 -39.39 -44.05 7.41
C HIS B 47 -40.56 -44.13 8.40
N PRO B 48 -41.19 -45.29 8.51
CA PRO B 48 -42.41 -45.40 9.33
C PRO B 48 -42.18 -45.16 10.81
N TRP B 49 -40.96 -45.35 11.31
CA TRP B 49 -40.67 -45.07 12.71
C TRP B 49 -40.89 -43.61 13.08
N LEU B 50 -41.05 -42.72 12.09
CA LEU B 50 -41.33 -41.32 12.37
C LEU B 50 -42.61 -41.15 13.18
N LEU B 51 -43.56 -42.07 13.03
CA LEU B 51 -44.88 -41.92 13.63
C LEU B 51 -45.01 -42.62 14.99
N SER B 52 -44.02 -43.40 15.41
CA SER B 52 -44.18 -44.28 16.58
C SER B 52 -43.19 -43.97 17.70
N GLN B 53 -42.43 -42.89 17.61
CA GLN B 53 -41.56 -42.51 18.72
C GLN B 53 -41.20 -41.03 18.59
N ASN B 54 -40.73 -40.47 19.70
CA ASN B 54 -40.37 -39.06 19.72
C ASN B 54 -39.05 -38.85 18.97
N LEU B 55 -38.88 -37.63 18.45
CA LEU B 55 -37.88 -37.35 17.43
C LEU B 55 -36.98 -36.20 17.86
N VAL B 56 -35.90 -36.04 17.11
CA VAL B 56 -35.02 -34.89 17.18
C VAL B 56 -34.86 -34.36 15.76
N VAL B 57 -34.88 -33.04 15.61
CA VAL B 57 -34.75 -32.41 14.30
C VAL B 57 -33.68 -31.33 14.39
N LYS B 58 -32.87 -31.21 13.34
CA LYS B 58 -31.78 -30.24 13.31
C LYS B 58 -31.38 -30.03 11.85
N PRO B 59 -30.79 -28.89 11.53
CA PRO B 59 -30.23 -28.72 10.18
C PRO B 59 -28.95 -29.50 10.03
N ASP B 60 -28.72 -29.97 8.80
CA ASP B 60 -27.52 -30.71 8.45
C ASP B 60 -26.82 -29.94 7.33
N GLN B 61 -26.10 -28.88 7.70
CA GLN B 61 -25.49 -27.98 6.74
C GLN B 61 -24.11 -27.50 7.20
N LEU B 62 -23.36 -28.36 7.90
CA LEU B 62 -22.03 -28.02 8.34
C LEU B 62 -22.05 -26.81 9.26
N ILE B 63 -23.08 -26.73 10.10
CA ILE B 63 -23.20 -25.69 11.12
C ILE B 63 -22.73 -26.29 12.44
N LYS B 64 -21.72 -25.68 13.03
CA LYS B 64 -21.19 -26.11 14.31
C LYS B 64 -21.91 -25.38 15.43
N ARG B 65 -21.92 -26.00 16.62
CA ARG B 65 -22.59 -25.43 17.78
C ARG B 65 -24.08 -25.21 17.51
N ARG B 66 -24.74 -26.20 16.92
CA ARG B 66 -26.17 -26.09 16.67
C ARG B 66 -26.96 -25.96 17.97
N GLY B 67 -26.40 -26.38 19.09
CA GLY B 67 -27.02 -26.18 20.38
C GLY B 67 -27.06 -24.71 20.75
N LYS B 68 -25.89 -24.07 20.84
CA LYS B 68 -25.84 -22.64 21.16
C LYS B 68 -26.62 -21.79 20.18
N LEU B 69 -26.82 -22.27 18.96
CA LEU B 69 -27.55 -21.51 17.96
C LEU B 69 -29.06 -21.76 18.01
N GLY B 70 -29.52 -22.63 18.91
CA GLY B 70 -30.95 -22.89 19.02
C GLY B 70 -31.55 -23.54 17.79
N LEU B 71 -30.80 -24.41 17.12
CA LEU B 71 -31.22 -25.04 15.88
C LEU B 71 -31.56 -26.52 16.05
N VAL B 72 -31.98 -26.94 17.25
CA VAL B 72 -32.21 -28.35 17.53
C VAL B 72 -33.52 -28.49 18.31
N GLY B 73 -34.57 -28.96 17.63
CA GLY B 73 -35.79 -29.38 18.29
C GLY B 73 -35.62 -30.73 18.95
N VAL B 74 -35.89 -30.81 20.26
CA VAL B 74 -35.53 -31.96 21.08
C VAL B 74 -36.79 -32.60 21.64
N ASN B 75 -36.90 -33.93 21.48
CA ASN B 75 -37.96 -34.71 22.09
C ASN B 75 -39.35 -34.22 21.66
N LEU B 76 -39.60 -34.33 20.35
CA LEU B 76 -40.84 -33.88 19.75
C LEU B 76 -41.54 -35.03 19.04
N THR B 77 -42.87 -34.94 18.98
CA THR B 77 -43.63 -35.82 18.11
C THR B 77 -43.48 -35.34 16.66
N LEU B 78 -44.01 -36.13 15.73
CA LEU B 78 -43.89 -35.74 14.33
C LEU B 78 -44.61 -34.43 14.06
N ASP B 79 -45.75 -34.21 14.70
CA ASP B 79 -46.45 -32.94 14.56
C ASP B 79 -45.61 -31.80 15.11
N GLY B 80 -44.96 -32.00 16.25
CA GLY B 80 -44.07 -30.97 16.78
C GLY B 80 -42.91 -30.68 15.86
N VAL B 81 -42.38 -31.72 15.19
CA VAL B 81 -41.30 -31.50 14.22
C VAL B 81 -41.80 -30.66 13.06
N LYS B 82 -42.96 -31.03 12.50
CA LYS B 82 -43.55 -30.23 11.43
C LYS B 82 -43.76 -28.79 11.88
N SER B 83 -44.10 -28.59 13.15
CA SER B 83 -44.32 -27.25 13.68
C SER B 83 -43.01 -26.52 13.93
N TRP B 84 -42.04 -27.21 14.55
CA TRP B 84 -40.71 -26.64 14.72
C TRP B 84 -40.12 -26.21 13.38
N LEU B 85 -40.43 -26.93 12.31
CA LEU B 85 -39.86 -26.65 10.99
C LEU B 85 -40.56 -25.52 10.27
N LYS B 86 -41.81 -25.21 10.62
CA LYS B 86 -42.58 -24.27 9.81
C LYS B 86 -41.99 -22.86 9.84
N PRO B 87 -41.57 -22.30 10.97
CA PRO B 87 -40.92 -20.98 10.94
C PRO B 87 -39.49 -21.00 10.42
N ARG B 88 -38.83 -22.16 10.37
CA ARG B 88 -37.40 -22.23 10.11
C ARG B 88 -37.06 -22.68 8.71
N LEU B 89 -37.79 -23.64 8.14
CA LEU B 89 -37.41 -24.21 6.85
C LEU B 89 -37.57 -23.18 5.74
N GLY B 90 -36.50 -22.97 4.98
CA GLY B 90 -36.49 -21.99 3.92
C GLY B 90 -36.22 -20.57 4.37
N GLN B 91 -35.90 -20.38 5.64
CA GLN B 91 -35.68 -19.05 6.21
C GLN B 91 -34.20 -18.83 6.52
N GLU B 92 -33.79 -17.57 6.49
CA GLU B 92 -32.39 -17.22 6.72
C GLU B 92 -32.00 -17.44 8.18
N ALA B 93 -30.71 -17.67 8.38
CA ALA B 93 -30.14 -17.79 9.72
C ALA B 93 -28.69 -17.30 9.66
N THR B 94 -28.18 -16.88 10.81
CA THR B 94 -26.84 -16.33 10.92
C THR B 94 -26.05 -17.11 11.95
N VAL B 95 -24.87 -17.58 11.54
CA VAL B 95 -23.93 -18.25 12.43
C VAL B 95 -22.62 -17.49 12.34
N GLY B 96 -22.30 -16.73 13.38
CA GLY B 96 -21.13 -15.87 13.32
C GLY B 96 -21.29 -14.88 12.18
N LYS B 97 -20.26 -14.80 11.33
CA LYS B 97 -20.28 -13.91 10.18
C LYS B 97 -21.12 -14.44 9.03
N ALA B 98 -21.44 -15.73 9.03
CA ALA B 98 -22.06 -16.37 7.87
C ALA B 98 -23.58 -16.29 7.95
N THR B 99 -24.22 -16.11 6.80
CA THR B 99 -25.66 -16.09 6.69
C THR B 99 -26.09 -16.93 5.50
N GLY B 100 -27.09 -17.78 5.70
CA GLY B 100 -27.58 -18.64 4.63
C GLY B 100 -28.93 -19.22 5.00
N PHE B 101 -29.53 -19.89 4.02
CA PHE B 101 -30.87 -20.45 4.19
C PHE B 101 -30.80 -21.80 4.89
N LEU B 102 -31.67 -21.98 5.89
CA LEU B 102 -31.86 -23.30 6.51
C LEU B 102 -32.78 -24.11 5.61
N LYS B 103 -32.20 -25.01 4.82
CA LYS B 103 -32.95 -25.75 3.81
C LYS B 103 -32.72 -27.26 3.85
N ASN B 104 -31.79 -27.77 4.65
CA ASN B 104 -31.49 -29.19 4.71
C ASN B 104 -31.49 -29.62 6.17
N PHE B 105 -32.46 -30.47 6.54
CA PHE B 105 -32.67 -30.90 7.90
C PHE B 105 -32.64 -32.42 7.99
N LEU B 106 -32.36 -32.91 9.20
CA LEU B 106 -32.27 -34.34 9.46
C LEU B 106 -33.08 -34.67 10.69
N ILE B 107 -34.01 -35.60 10.55
CA ILE B 107 -34.83 -36.09 11.65
C ILE B 107 -34.28 -37.45 12.08
N GLU B 108 -34.17 -37.65 13.39
CA GLU B 108 -33.70 -38.90 13.96
C GLU B 108 -34.50 -39.19 15.22
N PRO B 109 -34.52 -40.45 15.67
CA PRO B 109 -35.23 -40.75 16.92
C PRO B 109 -34.59 -40.06 18.11
N PHE B 110 -35.43 -39.66 19.05
CA PHE B 110 -34.93 -39.14 20.32
C PHE B 110 -34.48 -40.29 21.20
N VAL B 111 -33.33 -40.11 21.85
CA VAL B 111 -32.71 -41.14 22.66
C VAL B 111 -32.69 -40.67 24.11
N PRO B 112 -33.64 -41.12 24.93
CA PRO B 112 -33.57 -40.79 26.37
C PRO B 112 -32.31 -41.37 26.98
N HIS B 113 -31.53 -40.50 27.64
CA HIS B 113 -30.27 -40.93 28.21
C HIS B 113 -29.86 -39.97 29.33
N SER B 114 -29.05 -40.49 30.24
CA SER B 114 -28.46 -39.67 31.30
C SER B 114 -27.31 -38.83 30.76
N GLN B 115 -26.99 -37.77 31.51
CA GLN B 115 -25.76 -37.03 31.24
C GLN B 115 -24.54 -37.93 31.36
N ALA B 116 -24.60 -38.94 32.24
CA ALA B 116 -23.46 -39.83 32.43
C ALA B 116 -23.27 -40.80 31.26
N GLU B 117 -24.25 -40.92 30.38
CA GLU B 117 -24.16 -41.82 29.24
C GLU B 117 -23.62 -41.15 27.99
N GLU B 118 -23.26 -39.86 28.05
CA GLU B 118 -22.68 -39.16 26.91
C GLU B 118 -21.16 -39.22 26.97
N PHE B 119 -20.54 -39.47 25.81
CA PHE B 119 -19.10 -39.56 25.70
C PHE B 119 -18.64 -38.82 24.46
N TYR B 120 -17.40 -38.35 24.50
CA TYR B 120 -16.77 -37.66 23.39
C TYR B 120 -15.75 -38.58 22.72
N VAL B 121 -15.81 -38.67 21.39
CA VAL B 121 -14.84 -39.44 20.61
C VAL B 121 -14.49 -38.63 19.37
N CYS B 122 -13.19 -38.54 19.06
CA CYS B 122 -12.75 -37.84 17.87
C CYS B 122 -11.49 -38.50 17.33
N ILE B 123 -11.40 -38.61 16.01
CA ILE B 123 -10.22 -39.12 15.32
C ILE B 123 -9.84 -38.11 14.25
N TYR B 124 -8.58 -37.68 14.24
CA TYR B 124 -8.10 -36.71 13.25
C TYR B 124 -6.67 -37.05 12.86
N ALA B 125 -6.31 -36.62 11.65
CA ALA B 125 -5.04 -36.99 11.03
C ALA B 125 -3.98 -35.92 11.23
N THR B 126 -2.74 -36.36 11.43
CA THR B 126 -1.57 -35.50 11.44
C THR B 126 -0.47 -36.16 10.62
N ARG B 127 0.65 -35.45 10.46
CA ARG B 127 1.79 -35.99 9.74
C ARG B 127 2.28 -37.28 10.40
N GLU B 128 2.26 -37.33 11.73
CA GLU B 128 2.82 -38.46 12.48
C GLU B 128 1.82 -39.59 12.71
N GLY B 129 0.58 -39.45 12.25
CA GLY B 129 -0.42 -40.50 12.41
C GLY B 129 -1.76 -39.91 12.77
N ASP B 130 -2.63 -40.76 13.30
CA ASP B 130 -4.01 -40.39 13.64
C ASP B 130 -4.20 -40.45 15.14
N TYR B 131 -4.73 -39.37 15.71
CA TYR B 131 -4.96 -39.26 17.14
C TYR B 131 -6.40 -39.64 17.46
N VAL B 132 -6.58 -40.33 18.59
CA VAL B 132 -7.91 -40.71 19.08
C VAL B 132 -8.13 -39.98 20.41
N LEU B 133 -9.18 -39.17 20.46
CA LEU B 133 -9.54 -38.44 21.67
C LEU B 133 -10.77 -39.08 22.30
N PHE B 134 -10.78 -39.10 23.63
CA PHE B 134 -11.91 -39.65 24.36
C PHE B 134 -12.04 -38.97 25.72
N HIS B 135 -13.28 -38.68 26.12
CA HIS B 135 -13.56 -38.19 27.47
C HIS B 135 -15.06 -38.17 27.74
N ALA B 149 -9.70 -34.98 27.12
CA ALA B 149 -8.92 -35.56 28.20
C ALA B 149 -7.90 -36.57 27.66
N GLN B 150 -8.35 -37.80 27.41
CA GLN B 150 -7.44 -38.87 27.02
C GLN B 150 -7.14 -38.81 25.52
N LYS B 151 -5.87 -38.95 25.17
CA LYS B 151 -5.38 -38.77 23.82
C LYS B 151 -4.38 -39.87 23.49
N LEU B 152 -4.60 -40.56 22.37
CA LEU B 152 -3.76 -41.68 21.97
C LEU B 152 -3.38 -41.54 20.50
N LEU B 153 -2.09 -41.71 20.20
CA LEU B 153 -1.58 -41.61 18.83
C LEU B 153 -1.46 -43.00 18.21
N VAL B 154 -2.08 -43.18 17.05
CA VAL B 154 -1.86 -44.36 16.22
C VAL B 154 -0.91 -43.96 15.10
N GLY B 155 0.30 -44.52 15.11
CA GLY B 155 1.31 -44.14 14.16
C GLY B 155 0.98 -44.57 12.74
N VAL B 156 1.74 -44.03 11.80
CA VAL B 156 1.59 -44.40 10.39
C VAL B 156 1.87 -45.89 10.23
N ASP B 157 0.95 -46.58 9.55
CA ASP B 157 1.04 -48.00 9.27
C ASP B 157 0.97 -48.87 10.52
N GLU B 158 0.57 -48.28 11.65
CA GLU B 158 0.32 -49.06 12.85
C GLU B 158 -1.17 -49.41 12.94
N LYS B 159 -1.50 -50.22 13.94
CA LYS B 159 -2.87 -50.60 14.21
C LYS B 159 -3.21 -50.22 15.65
N LEU B 160 -4.52 -50.15 15.93
CA LEU B 160 -5.02 -49.71 17.22
C LEU B 160 -5.32 -50.95 18.06
N ASN B 161 -4.43 -51.22 19.01
CA ASN B 161 -4.60 -52.37 19.90
C ASN B 161 -5.79 -52.12 20.81
N PRO B 162 -6.82 -52.98 20.79
CA PRO B 162 -7.96 -52.77 21.70
C PRO B 162 -7.54 -52.66 23.16
N GLU B 163 -6.41 -53.26 23.53
CA GLU B 163 -5.88 -53.06 24.88
C GLU B 163 -5.30 -51.67 25.05
N ASP B 164 -4.82 -51.05 23.97
CA ASP B 164 -4.37 -49.67 24.05
C ASP B 164 -5.55 -48.73 24.30
N ILE B 165 -6.73 -49.07 23.77
CA ILE B 165 -7.93 -48.28 24.07
C ILE B 165 -8.31 -48.44 25.54
N LYS B 166 -8.25 -49.67 26.05
CA LYS B 166 -8.66 -49.91 27.44
C LYS B 166 -7.70 -49.26 28.43
N LYS B 167 -6.40 -49.28 28.12
CA LYS B 167 -5.40 -48.86 29.08
C LYS B 167 -5.13 -47.35 29.07
N HIS B 168 -5.28 -46.71 27.91
CA HIS B 168 -4.97 -45.29 27.76
C HIS B 168 -6.19 -44.41 27.53
N LEU B 169 -7.13 -44.85 26.70
CA LEU B 169 -8.31 -44.02 26.42
C LEU B 169 -9.35 -44.12 27.52
N LEU B 170 -9.62 -45.33 28.02
CA LEU B 170 -10.76 -45.57 28.90
C LEU B 170 -10.35 -45.73 30.36
N VAL B 171 -9.31 -45.03 30.81
CA VAL B 171 -8.94 -45.08 32.23
C VAL B 171 -10.07 -44.55 33.09
N HIS B 172 -10.66 -43.41 32.70
CA HIS B 172 -11.72 -42.76 33.47
C HIS B 172 -13.10 -43.11 32.94
N ALA B 173 -13.29 -44.35 32.48
CA ALA B 173 -14.56 -44.79 31.92
C ALA B 173 -15.22 -45.82 32.84
N PRO B 174 -16.55 -45.85 32.91
CA PRO B 174 -17.21 -46.83 33.78
C PRO B 174 -16.88 -48.25 33.35
N GLU B 175 -16.65 -49.12 34.33
CA GLU B 175 -16.18 -50.47 34.06
C GLU B 175 -17.22 -51.28 33.29
N ASP B 176 -18.50 -51.01 33.48
CA ASP B 176 -19.53 -51.78 32.78
C ASP B 176 -19.57 -51.41 31.30
N LYS B 177 -19.47 -50.11 30.99
CA LYS B 177 -19.45 -49.62 29.63
C LYS B 177 -18.11 -49.79 28.92
N LYS B 178 -17.10 -50.36 29.61
CA LYS B 178 -15.74 -50.29 29.11
C LYS B 178 -15.51 -51.22 27.93
N GLU B 179 -16.25 -52.32 27.83
CA GLU B 179 -15.98 -53.28 26.75
C GLU B 179 -16.70 -52.92 25.46
N ILE B 180 -17.89 -52.31 25.54
CA ILE B 180 -18.57 -51.87 24.33
C ILE B 180 -17.89 -50.63 23.76
N LEU B 181 -17.30 -49.80 24.63
CA LEU B 181 -16.57 -48.63 24.15
C LEU B 181 -15.33 -49.03 23.38
N ALA B 182 -14.51 -49.91 23.95
CA ALA B 182 -13.31 -50.36 23.25
C ALA B 182 -13.68 -51.02 21.92
N SER B 183 -14.74 -51.81 21.91
CA SER B 183 -15.16 -52.47 20.67
C SER B 183 -15.63 -51.45 19.64
N PHE B 184 -16.46 -50.50 20.07
CA PHE B 184 -16.93 -49.45 19.15
C PHE B 184 -15.78 -48.62 18.61
N ILE B 185 -14.86 -48.21 19.49
CA ILE B 185 -13.76 -47.35 19.07
C ILE B 185 -12.87 -48.06 18.07
N SER B 186 -12.57 -49.34 18.31
CA SER B 186 -11.75 -50.10 17.37
C SER B 186 -12.40 -50.16 16.00
N GLY B 187 -13.69 -50.48 15.96
CA GLY B 187 -14.40 -50.50 14.70
C GLY B 187 -14.44 -49.13 14.03
N LEU B 188 -14.70 -48.09 14.80
CA LEU B 188 -14.74 -46.74 14.23
C LEU B 188 -13.39 -46.36 13.64
N PHE B 189 -12.29 -46.80 14.27
CA PHE B 189 -10.97 -46.44 13.75
C PHE B 189 -10.66 -47.16 12.44
N ASN B 190 -10.99 -48.45 12.36
CA ASN B 190 -10.78 -49.16 11.11
C ASN B 190 -11.64 -48.58 10.00
N PHE B 191 -12.90 -48.25 10.31
CA PHE B 191 -13.75 -47.55 9.36
C PHE B 191 -13.16 -46.21 8.95
N TYR B 192 -12.66 -45.46 9.95
CA TYR B 192 -12.01 -44.18 9.68
C TYR B 192 -10.89 -44.32 8.66
N GLU B 193 -10.03 -45.33 8.83
CA GLU B 193 -8.89 -45.49 7.93
C GLU B 193 -9.30 -46.10 6.60
N ASP B 194 -10.13 -47.14 6.63
CA ASP B 194 -10.51 -47.81 5.40
C ASP B 194 -11.14 -46.84 4.41
N LEU B 195 -11.99 -45.94 4.89
CA LEU B 195 -12.68 -45.00 4.01
C LEU B 195 -11.96 -43.65 3.89
N TYR B 196 -10.71 -43.58 4.34
CA TYR B 196 -9.85 -42.42 4.09
C TYR B 196 -10.43 -41.14 4.70
N PHE B 197 -10.94 -41.25 5.92
CA PHE B 197 -11.27 -40.07 6.71
C PHE B 197 -9.99 -39.38 7.18
N THR B 198 -10.09 -38.06 7.36
CA THR B 198 -9.06 -37.27 8.02
C THR B 198 -9.56 -36.61 9.30
N TYR B 199 -10.88 -36.57 9.50
CA TYR B 199 -11.48 -36.02 10.70
C TYR B 199 -12.80 -36.73 10.91
N LEU B 200 -13.04 -37.17 12.15
CA LEU B 200 -14.29 -37.86 12.48
C LEU B 200 -14.58 -37.57 13.94
N GLU B 201 -15.67 -36.86 14.22
CA GLU B 201 -16.02 -36.46 15.57
C GLU B 201 -17.44 -36.88 15.86
N ILE B 202 -17.64 -37.53 17.00
CA ILE B 202 -18.96 -37.91 17.48
C ILE B 202 -19.12 -37.27 18.85
N ASN B 203 -20.04 -36.32 18.95
CA ASN B 203 -20.17 -35.49 20.15
C ASN B 203 -21.61 -35.00 20.32
N PRO B 204 -22.41 -35.69 21.14
CA PRO B 204 -22.05 -36.82 22.02
C PRO B 204 -22.21 -38.20 21.40
N LEU B 205 -21.44 -39.14 21.93
CA LEU B 205 -21.69 -40.57 21.75
C LEU B 205 -22.45 -41.05 22.98
N VAL B 206 -23.65 -41.60 22.77
CA VAL B 206 -24.49 -42.06 23.86
C VAL B 206 -24.37 -43.57 23.95
N VAL B 207 -24.05 -44.05 25.15
CA VAL B 207 -23.92 -45.48 25.42
C VAL B 207 -24.85 -45.80 26.58
N THR B 208 -25.92 -46.52 26.30
CA THR B 208 -26.89 -46.92 27.30
C THR B 208 -26.80 -48.42 27.54
N LYS B 209 -27.73 -48.95 28.34
CA LYS B 209 -27.82 -50.38 28.55
C LYS B 209 -28.12 -51.13 27.26
N ASP B 210 -28.74 -50.47 26.30
CA ASP B 210 -29.14 -51.11 25.05
C ASP B 210 -28.07 -51.06 23.97
N GLY B 211 -27.06 -50.20 24.10
CA GLY B 211 -25.98 -50.17 23.15
C GLY B 211 -25.42 -48.78 22.86
N VAL B 212 -25.01 -48.57 21.62
CA VAL B 212 -24.32 -47.36 21.20
C VAL B 212 -25.25 -46.54 20.30
N TYR B 213 -25.35 -45.24 20.57
CA TYR B 213 -26.11 -44.31 19.74
C TYR B 213 -25.19 -43.20 19.26
N VAL B 214 -25.26 -42.90 17.97
CA VAL B 214 -24.45 -41.85 17.36
C VAL B 214 -25.35 -40.63 17.24
N LEU B 215 -25.31 -39.75 18.25
CA LEU B 215 -26.22 -38.61 18.29
C LEU B 215 -25.77 -37.48 17.36
N ASP B 216 -24.47 -37.28 17.20
CA ASP B 216 -23.95 -36.24 16.33
C ASP B 216 -22.70 -36.75 15.63
N LEU B 217 -22.50 -36.28 14.40
CA LEU B 217 -21.34 -36.68 13.63
C LEU B 217 -20.92 -35.53 12.72
N ALA B 218 -19.66 -35.11 12.85
CA ALA B 218 -19.01 -34.21 11.91
C ALA B 218 -17.76 -34.92 11.39
N ALA B 219 -17.45 -34.73 10.12
CA ALA B 219 -16.37 -35.51 9.52
C ALA B 219 -15.86 -34.84 8.26
N LYS B 220 -14.60 -35.13 7.93
CA LYS B 220 -13.99 -34.78 6.66
C LYS B 220 -13.32 -36.02 6.09
N VAL B 221 -13.37 -36.17 4.76
CA VAL B 221 -12.68 -37.23 4.07
C VAL B 221 -11.69 -36.63 3.08
N ASP B 222 -10.63 -37.37 2.80
CA ASP B 222 -9.64 -36.95 1.81
C ASP B 222 -10.22 -37.20 0.43
N ALA B 223 -10.70 -36.14 -0.21
CA ALA B 223 -11.39 -36.29 -1.49
C ALA B 223 -10.49 -36.84 -2.58
N THR B 224 -9.16 -36.75 -2.42
CA THR B 224 -8.26 -37.27 -3.44
C THR B 224 -8.22 -38.78 -3.47
N ALA B 225 -8.78 -39.45 -2.46
CA ALA B 225 -8.85 -40.90 -2.43
C ALA B 225 -10.08 -41.45 -3.12
N ASP B 226 -10.75 -40.63 -3.95
CA ASP B 226 -11.94 -41.09 -4.67
C ASP B 226 -11.66 -42.39 -5.42
N TYR B 227 -10.54 -42.43 -6.16
CA TYR B 227 -10.23 -43.60 -6.97
C TYR B 227 -10.03 -44.86 -6.12
N ILE B 228 -9.78 -44.71 -4.82
CA ILE B 228 -9.66 -45.86 -3.93
C ILE B 228 -11.01 -46.21 -3.31
N CYS B 229 -11.80 -45.21 -2.92
CA CYS B 229 -12.99 -45.42 -2.12
C CYS B 229 -14.28 -45.27 -2.92
N LYS B 230 -14.19 -45.13 -4.24
CA LYS B 230 -15.36 -44.93 -5.09
C LYS B 230 -16.52 -45.85 -4.71
N VAL B 231 -16.24 -47.15 -4.57
CA VAL B 231 -17.30 -48.13 -4.37
C VAL B 231 -18.06 -47.82 -3.09
N LYS B 232 -17.34 -47.59 -1.99
CA LYS B 232 -17.99 -47.41 -0.70
C LYS B 232 -18.54 -46.00 -0.53
N TRP B 233 -17.86 -44.99 -1.06
CA TRP B 233 -18.35 -43.62 -0.97
C TRP B 233 -19.64 -43.42 -1.76
N GLY B 234 -19.78 -44.12 -2.88
CA GLY B 234 -20.90 -43.86 -3.76
C GLY B 234 -20.83 -42.44 -4.32
N ASP B 235 -22.00 -41.88 -4.61
CA ASP B 235 -22.07 -40.53 -5.15
C ASP B 235 -22.00 -39.53 -4.00
N ILE B 236 -20.81 -39.47 -3.40
CA ILE B 236 -20.62 -38.73 -2.16
C ILE B 236 -20.76 -37.23 -2.42
N GLU B 237 -21.35 -36.53 -1.46
CA GLU B 237 -21.70 -35.13 -1.59
C GLU B 237 -20.80 -34.31 -0.65
N PHE B 238 -20.07 -33.34 -1.22
CA PHE B 238 -19.23 -32.46 -0.43
C PHE B 238 -19.90 -31.08 -0.32
N PRO B 239 -20.63 -30.80 0.75
CA PRO B 239 -21.47 -29.59 0.77
C PRO B 239 -20.61 -28.35 1.00
N PRO B 240 -21.07 -27.19 0.54
CA PRO B 240 -20.36 -25.95 0.83
C PRO B 240 -20.49 -25.58 2.30
N PRO B 241 -19.56 -24.77 2.83
CA PRO B 241 -19.74 -24.29 4.20
C PRO B 241 -20.98 -23.43 4.30
N PHE B 242 -21.54 -23.34 5.50
CA PHE B 242 -22.76 -22.57 5.68
C PHE B 242 -22.50 -21.09 5.36
N GLY B 243 -23.47 -20.47 4.69
CA GLY B 243 -23.36 -19.12 4.21
C GLY B 243 -23.27 -19.04 2.69
N ARG B 244 -22.72 -20.08 2.05
CA ARG B 244 -22.59 -20.13 0.61
C ARG B 244 -23.48 -21.25 0.07
N GLU B 245 -23.72 -21.18 -1.24
CA GLU B 245 -24.52 -22.17 -1.94
C GLU B 245 -23.65 -23.00 -2.87
N ALA B 246 -24.15 -24.17 -3.25
CA ALA B 246 -23.51 -25.00 -4.26
C ALA B 246 -24.11 -24.69 -5.61
N TYR B 247 -23.28 -24.73 -6.66
CA TYR B 247 -23.70 -24.32 -7.99
C TYR B 247 -23.32 -25.39 -9.01
N PRO B 248 -24.14 -25.60 -10.04
CA PRO B 248 -23.83 -26.66 -11.01
C PRO B 248 -22.50 -26.45 -11.70
N GLU B 249 -22.07 -25.20 -11.85
CA GLU B 249 -20.81 -24.92 -12.54
C GLU B 249 -19.62 -25.42 -11.73
N GLU B 250 -19.73 -25.42 -10.40
CA GLU B 250 -18.66 -25.97 -9.59
C GLU B 250 -18.53 -27.47 -9.80
N ALA B 251 -19.66 -28.18 -9.86
CA ALA B 251 -19.63 -29.61 -10.13
C ALA B 251 -19.08 -29.87 -11.54
N TYR B 252 -19.48 -29.06 -12.51
CA TYR B 252 -18.96 -29.21 -13.87
C TYR B 252 -17.43 -29.09 -13.87
N ILE B 253 -16.91 -28.07 -13.19
CA ILE B 253 -15.46 -27.88 -13.16
C ILE B 253 -14.81 -29.04 -12.43
N ALA B 254 -15.43 -29.53 -11.36
CA ALA B 254 -14.90 -30.69 -10.67
C ALA B 254 -14.80 -31.89 -11.61
N ASP B 255 -15.83 -32.10 -12.45
CA ASP B 255 -15.77 -33.20 -13.40
CA ASP B 255 -15.77 -33.20 -13.40
C ASP B 255 -14.60 -33.04 -14.35
N LEU B 256 -14.33 -31.82 -14.81
CA LEU B 256 -13.19 -31.59 -15.67
C LEU B 256 -11.88 -31.90 -14.94
N ASP B 257 -11.83 -31.56 -13.65
CA ASP B 257 -10.61 -31.80 -12.87
C ASP B 257 -10.36 -33.29 -12.70
N ALA B 258 -11.43 -34.08 -12.53
CA ALA B 258 -11.27 -35.51 -12.34
C ALA B 258 -10.76 -36.20 -13.61
N LYS B 259 -11.14 -35.69 -14.78
CA LYS B 259 -10.75 -36.31 -16.05
C LYS B 259 -9.46 -35.73 -16.62
N SER B 260 -8.59 -35.17 -15.80
CA SER B 260 -7.37 -34.54 -16.28
CA SER B 260 -7.38 -34.55 -16.29
C SER B 260 -6.30 -34.61 -15.22
N GLY B 261 -5.04 -34.72 -15.67
CA GLY B 261 -3.92 -34.60 -14.78
C GLY B 261 -3.63 -33.17 -14.37
N ALA B 262 -4.03 -32.21 -15.20
CA ALA B 262 -3.96 -30.81 -14.83
C ALA B 262 -4.98 -30.51 -13.74
N SER B 263 -4.77 -29.40 -13.05
CA SER B 263 -5.61 -29.01 -11.93
C SER B 263 -6.58 -27.93 -12.39
N LEU B 264 -7.86 -28.11 -12.05
CA LEU B 264 -8.92 -27.19 -12.45
C LEU B 264 -9.88 -27.06 -11.27
N LYS B 265 -9.94 -25.88 -10.67
CA LYS B 265 -10.75 -25.66 -9.48
C LYS B 265 -11.50 -24.35 -9.62
N LEU B 266 -12.71 -24.32 -9.04
CA LEU B 266 -13.54 -23.14 -9.08
C LEU B 266 -14.48 -23.18 -7.88
N THR B 267 -14.46 -22.11 -7.09
CA THR B 267 -15.40 -21.91 -6.00
C THR B 267 -16.08 -20.55 -6.20
N LEU B 268 -17.40 -20.55 -6.14
CA LEU B 268 -18.15 -19.31 -6.25
C LEU B 268 -18.35 -18.70 -4.87
N LEU B 269 -17.94 -17.44 -4.74
CA LEU B 269 -18.13 -16.70 -3.49
C LEU B 269 -19.31 -15.75 -3.57
N ASN B 270 -19.47 -15.06 -4.70
CA ASN B 270 -20.55 -14.08 -4.87
C ASN B 270 -20.91 -14.03 -6.34
N PRO B 271 -21.94 -14.78 -6.77
CA PRO B 271 -22.28 -14.80 -8.20
C PRO B 271 -22.60 -13.44 -8.78
N LYS B 272 -22.99 -12.47 -7.95
CA LYS B 272 -23.34 -11.13 -8.41
C LYS B 272 -22.17 -10.15 -8.33
N GLY B 273 -21.10 -10.49 -7.63
CA GLY B 273 -19.95 -9.60 -7.58
C GLY B 273 -19.42 -9.27 -8.95
N ARG B 274 -18.74 -8.13 -9.06
CA ARG B 274 -18.27 -7.63 -10.34
C ARG B 274 -16.80 -7.89 -10.59
N ILE B 275 -16.08 -8.49 -9.64
CA ILE B 275 -14.67 -8.83 -9.81
C ILE B 275 -14.58 -10.34 -10.04
N TRP B 276 -14.19 -10.72 -11.26
CA TRP B 276 -14.04 -12.12 -11.63
C TRP B 276 -12.58 -12.38 -11.98
N THR B 277 -12.08 -13.55 -11.57
CA THR B 277 -10.70 -13.94 -11.81
C THR B 277 -10.64 -15.25 -12.59
N MET B 278 -9.61 -15.37 -13.42
CA MET B 278 -9.27 -16.61 -14.12
C MET B 278 -7.75 -16.69 -14.10
N VAL B 279 -7.21 -17.09 -12.95
CA VAL B 279 -5.77 -17.04 -12.69
C VAL B 279 -5.20 -18.44 -12.77
N ALA B 280 -4.00 -18.55 -13.34
CA ALA B 280 -3.28 -19.81 -13.41
C ALA B 280 -2.42 -19.98 -12.17
N GLY B 281 -2.48 -21.18 -11.58
CA GLY B 281 -1.64 -21.50 -10.45
C GLY B 281 -2.34 -21.36 -9.11
N GLY B 282 -2.21 -22.37 -8.26
CA GLY B 282 -2.81 -22.29 -6.95
C GLY B 282 -2.20 -21.19 -6.09
N GLY B 283 -0.89 -20.99 -6.21
CA GLY B 283 -0.24 -19.93 -5.48
C GLY B 283 -0.63 -18.55 -5.99
N ALA B 284 -0.43 -18.31 -7.29
CA ALA B 284 -0.71 -17.00 -7.86
C ALA B 284 -2.15 -16.58 -7.61
N SER B 285 -3.08 -17.53 -7.70
CA SER B 285 -4.49 -17.17 -7.53
C SER B 285 -4.79 -16.74 -6.10
N VAL B 286 -4.08 -17.30 -5.12
CA VAL B 286 -4.22 -16.82 -3.75
C VAL B 286 -3.65 -15.41 -3.63
N VAL B 287 -2.59 -15.10 -4.37
CA VAL B 287 -1.97 -13.78 -4.26
C VAL B 287 -2.86 -12.72 -4.90
N TYR B 288 -3.44 -13.00 -6.07
CA TYR B 288 -4.38 -12.07 -6.68
C TYR B 288 -5.55 -11.81 -5.75
N SER B 289 -6.10 -12.87 -5.14
CA SER B 289 -7.17 -12.70 -4.17
C SER B 289 -6.73 -11.85 -2.99
N ASP B 290 -5.51 -12.08 -2.50
CA ASP B 290 -4.96 -11.24 -1.42
C ASP B 290 -4.92 -9.77 -1.85
N THR B 291 -4.42 -9.51 -3.05
CA THR B 291 -4.35 -8.14 -3.55
C THR B 291 -5.73 -7.52 -3.63
N ILE B 292 -6.68 -8.24 -4.24
CA ILE B 292 -8.05 -7.76 -4.32
C ILE B 292 -8.59 -7.43 -2.93
N GLY B 293 -8.35 -8.33 -1.98
CA GLY B 293 -8.81 -8.10 -0.62
C GLY B 293 -8.20 -6.85 0.00
N ASP B 294 -6.92 -6.60 -0.28
CA ASP B 294 -6.25 -5.43 0.29
C ASP B 294 -6.75 -4.13 -0.31
N LEU B 295 -7.36 -4.18 -1.50
CA LEU B 295 -7.88 -2.99 -2.16
C LEU B 295 -9.40 -2.86 -2.01
N GLY B 296 -9.97 -3.47 -0.98
CA GLY B 296 -11.37 -3.31 -0.66
C GLY B 296 -12.34 -4.08 -1.53
N GLY B 297 -11.86 -4.91 -2.45
CA GLY B 297 -12.71 -5.59 -3.39
C GLY B 297 -13.27 -6.91 -2.93
N VAL B 298 -13.11 -7.27 -1.65
CA VAL B 298 -13.52 -8.60 -1.20
C VAL B 298 -15.03 -8.81 -1.40
N ASN B 299 -15.83 -7.80 -1.09
CA ASN B 299 -17.29 -7.97 -1.20
C ASN B 299 -17.75 -8.12 -2.64
N GLU B 300 -16.98 -7.64 -3.60
CA GLU B 300 -17.31 -7.77 -5.02
C GLU B 300 -16.57 -8.92 -5.68
N LEU B 301 -15.76 -9.67 -4.93
CA LEU B 301 -15.02 -10.79 -5.49
C LEU B 301 -15.97 -11.96 -5.70
N ALA B 302 -16.12 -12.38 -6.95
CA ALA B 302 -17.14 -13.34 -7.30
C ALA B 302 -16.69 -14.79 -7.11
N ASN B 303 -15.43 -15.09 -7.38
CA ASN B 303 -14.96 -16.46 -7.42
C ASN B 303 -13.54 -16.55 -6.87
N TYR B 304 -13.20 -17.75 -6.40
CA TYR B 304 -11.82 -18.19 -6.32
C TYR B 304 -11.67 -19.46 -7.16
N GLY B 305 -10.50 -19.58 -7.78
CA GLY B 305 -10.22 -20.77 -8.58
C GLY B 305 -8.85 -20.65 -9.21
N GLU B 306 -8.47 -21.72 -9.90
CA GLU B 306 -7.19 -21.75 -10.59
C GLU B 306 -7.19 -22.89 -11.59
N TYR B 307 -6.33 -22.76 -12.58
CA TYR B 307 -5.98 -23.86 -13.47
C TYR B 307 -4.45 -23.95 -13.54
N SER B 308 -3.93 -25.17 -13.48
CA SER B 308 -2.49 -25.37 -13.53
C SER B 308 -2.21 -26.80 -13.95
N GLY B 309 -0.93 -27.15 -14.04
CA GLY B 309 -0.53 -28.45 -14.53
C GLY B 309 -0.67 -28.60 -16.03
N ALA B 310 -0.57 -27.51 -16.77
CA ALA B 310 -0.57 -27.54 -18.23
C ALA B 310 -1.84 -28.18 -18.78
N PRO B 311 -3.01 -27.60 -18.55
CA PRO B 311 -4.21 -28.10 -19.20
C PRO B 311 -4.17 -27.84 -20.70
N SER B 312 -4.96 -28.62 -21.44
CA SER B 312 -5.00 -28.50 -22.88
C SER B 312 -5.81 -27.28 -23.29
N GLU B 313 -5.68 -26.91 -24.56
CA GLU B 313 -6.52 -25.86 -25.13
C GLU B 313 -8.00 -26.13 -24.89
N GLN B 314 -8.43 -27.39 -25.04
CA GLN B 314 -9.86 -27.71 -24.91
C GLN B 314 -10.30 -27.64 -23.46
N GLN B 315 -9.49 -28.17 -22.54
CA GLN B 315 -9.81 -28.08 -21.13
C GLN B 315 -9.87 -26.61 -20.67
N THR B 316 -8.98 -25.78 -21.19
CA THR B 316 -8.97 -24.37 -20.79
C THR B 316 -10.18 -23.63 -21.36
N TYR B 317 -10.57 -23.96 -22.60
CA TYR B 317 -11.78 -23.36 -23.16
C TYR B 317 -13.00 -23.71 -22.31
N ASP B 318 -13.12 -24.99 -21.93
CA ASP B 318 -14.27 -25.39 -21.12
C ASP B 318 -14.22 -24.76 -19.73
N TYR B 319 -13.03 -24.58 -19.18
CA TYR B 319 -12.91 -23.86 -17.92
C TYR B 319 -13.30 -22.39 -18.10
N ALA B 320 -12.73 -21.74 -19.12
CA ALA B 320 -12.98 -20.32 -19.33
C ALA B 320 -14.45 -20.04 -19.61
N LYS B 321 -15.10 -20.88 -20.43
CA LYS B 321 -16.48 -20.60 -20.80
C LYS B 321 -17.42 -20.73 -19.61
N THR B 322 -17.05 -21.56 -18.63
CA THR B 322 -17.81 -21.60 -17.38
C THR B 322 -17.75 -20.26 -16.66
N ILE B 323 -16.58 -19.62 -16.67
CA ILE B 323 -16.45 -18.30 -16.06
C ILE B 323 -17.30 -17.28 -16.80
N LEU B 324 -17.15 -17.22 -18.12
CA LEU B 324 -17.81 -16.17 -18.90
C LEU B 324 -19.33 -16.29 -18.80
N SER B 325 -19.86 -17.51 -18.78
CA SER B 325 -21.28 -17.67 -18.59
C SER B 325 -21.72 -17.19 -17.21
N LEU B 326 -20.95 -17.53 -16.18
CA LEU B 326 -21.32 -17.18 -14.82
C LEU B 326 -21.31 -15.67 -14.60
N MET B 327 -20.45 -14.94 -15.28
CA MET B 327 -20.33 -13.50 -15.09
C MET B 327 -21.21 -12.70 -16.03
N THR B 328 -22.04 -13.36 -16.83
CA THR B 328 -22.98 -12.71 -17.73
C THR B 328 -24.42 -13.11 -17.43
N ARG B 329 -24.71 -13.42 -16.17
CA ARG B 329 -26.06 -13.80 -15.77
C ARG B 329 -26.95 -12.60 -15.54
N GLU B 330 -26.39 -11.51 -15.02
CA GLU B 330 -27.14 -10.29 -14.81
C GLU B 330 -26.18 -9.11 -14.96
N LYS B 331 -26.75 -7.92 -15.13
CA LYS B 331 -25.96 -6.72 -15.36
C LYS B 331 -25.59 -6.06 -14.05
N HIS B 332 -24.39 -5.50 -14.00
CA HIS B 332 -23.98 -4.64 -12.90
C HIS B 332 -23.89 -3.21 -13.42
N PRO B 333 -24.43 -2.22 -12.70
CA PRO B 333 -24.42 -0.84 -13.24
C PRO B 333 -23.05 -0.34 -13.66
N ASP B 334 -21.99 -0.73 -12.95
CA ASP B 334 -20.64 -0.29 -13.24
C ASP B 334 -19.86 -1.28 -14.10
N GLY B 335 -20.56 -2.17 -14.79
CA GLY B 335 -19.89 -3.22 -15.55
C GLY B 335 -19.18 -4.20 -14.62
N LYS B 336 -18.31 -4.99 -15.23
CA LYS B 336 -17.61 -6.05 -14.52
C LYS B 336 -16.18 -6.16 -15.04
N ILE B 337 -15.36 -6.85 -14.26
CA ILE B 337 -13.93 -6.96 -14.53
C ILE B 337 -13.52 -8.43 -14.48
N LEU B 338 -12.69 -8.83 -15.43
CA LEU B 338 -12.14 -10.18 -15.48
C LEU B 338 -10.62 -10.08 -15.40
N ILE B 339 -10.04 -10.73 -14.40
CA ILE B 339 -8.59 -10.69 -14.16
C ILE B 339 -8.00 -12.02 -14.62
N ILE B 340 -7.32 -12.01 -15.76
CA ILE B 340 -6.71 -13.21 -16.32
C ILE B 340 -5.21 -13.10 -16.04
N GLY B 341 -4.81 -13.57 -14.85
CA GLY B 341 -3.45 -13.40 -14.38
C GLY B 341 -2.74 -14.71 -14.15
N GLY B 342 -1.50 -14.58 -13.67
CA GLY B 342 -0.68 -15.73 -13.36
C GLY B 342 0.77 -15.34 -13.23
N SER B 343 1.53 -16.23 -12.60
CA SER B 343 2.97 -16.09 -12.53
C SER B 343 3.59 -16.36 -13.90
N ILE B 344 4.93 -16.32 -13.94
CA ILE B 344 5.68 -16.79 -15.10
C ILE B 344 5.70 -18.31 -15.01
N ALA B 345 4.81 -18.97 -15.75
CA ALA B 345 4.64 -20.41 -15.60
C ALA B 345 5.94 -21.16 -15.89
N ASN B 346 6.09 -22.32 -15.24
CA ASN B 346 7.20 -23.21 -15.54
C ASN B 346 6.90 -24.10 -16.74
N PHE B 347 5.64 -24.45 -16.96
CA PHE B 347 5.30 -25.70 -17.62
C PHE B 347 4.05 -25.54 -18.48
N THR B 348 3.01 -24.93 -17.93
CA THR B 348 1.79 -24.66 -18.69
C THR B 348 2.11 -23.92 -19.98
N ASN B 349 1.54 -24.42 -21.09
CA ASN B 349 1.68 -23.78 -22.39
C ASN B 349 0.77 -22.56 -22.44
N VAL B 350 1.38 -21.37 -22.45
CA VAL B 350 0.60 -20.14 -22.40
C VAL B 350 -0.18 -19.94 -23.71
N ALA B 351 0.46 -20.22 -24.84
CA ALA B 351 -0.22 -20.11 -26.12
C ALA B 351 -1.44 -21.03 -26.16
N ALA B 352 -1.25 -22.30 -25.80
CA ALA B 352 -2.34 -23.27 -25.89
C ALA B 352 -3.48 -22.90 -24.94
N THR B 353 -3.16 -22.43 -23.75
CA THR B 353 -4.21 -22.09 -22.79
C THR B 353 -4.90 -20.77 -23.16
N PHE B 354 -4.14 -19.78 -23.61
CA PHE B 354 -4.75 -18.50 -23.96
C PHE B 354 -5.53 -18.60 -25.27
N LYS B 355 -5.14 -19.49 -26.18
CA LYS B 355 -5.97 -19.74 -27.35
C LYS B 355 -7.35 -20.25 -26.93
N GLY B 356 -7.39 -21.07 -25.88
CA GLY B 356 -8.67 -21.57 -25.41
C GLY B 356 -9.50 -20.52 -24.71
N ILE B 357 -8.86 -19.66 -23.91
CA ILE B 357 -9.59 -18.56 -23.28
C ILE B 357 -10.11 -17.61 -24.35
N VAL B 358 -9.29 -17.34 -25.37
CA VAL B 358 -9.71 -16.48 -26.47
C VAL B 358 -10.93 -17.07 -27.17
N ARG B 359 -10.88 -18.36 -27.48
CA ARG B 359 -12.01 -19.04 -28.09
C ARG B 359 -13.28 -18.86 -27.25
N ALA B 360 -13.16 -19.02 -25.93
CA ALA B 360 -14.30 -18.79 -25.05
C ALA B 360 -14.75 -17.34 -25.13
N ILE B 361 -13.82 -16.39 -25.04
CA ILE B 361 -14.14 -14.98 -25.16
C ILE B 361 -14.90 -14.73 -26.47
N ARG B 362 -14.39 -15.27 -27.57
CA ARG B 362 -15.02 -15.07 -28.87
C ARG B 362 -16.46 -15.59 -28.87
N ASP B 363 -16.66 -16.80 -28.33
CA ASP B 363 -18.00 -17.38 -28.31
C ASP B 363 -18.95 -16.67 -27.34
N TYR B 364 -18.42 -15.83 -26.45
CA TYR B 364 -19.23 -15.08 -25.50
C TYR B 364 -19.09 -13.58 -25.68
N GLN B 365 -18.63 -13.13 -26.85
CA GLN B 365 -18.33 -11.71 -27.02
C GLN B 365 -19.59 -10.86 -26.92
N GLY B 366 -20.72 -11.36 -27.42
CA GLY B 366 -21.97 -10.67 -27.30
C GLY B 366 -22.33 -10.39 -25.85
N PRO B 367 -22.48 -11.44 -25.06
CA PRO B 367 -22.78 -11.24 -23.63
C PRO B 367 -21.73 -10.41 -22.90
N LEU B 368 -20.46 -10.49 -23.30
CA LEU B 368 -19.42 -9.76 -22.59
C LEU B 368 -19.52 -8.27 -22.85
N LYS B 369 -19.74 -7.87 -24.10
CA LYS B 369 -19.98 -6.46 -24.40
C LYS B 369 -21.28 -5.99 -23.76
N GLU B 370 -22.31 -6.84 -23.77
CA GLU B 370 -23.60 -6.48 -23.19
C GLU B 370 -23.47 -6.19 -21.69
N HIS B 371 -22.57 -6.88 -21.01
CA HIS B 371 -22.37 -6.70 -19.58
C HIS B 371 -21.20 -5.77 -19.25
N GLU B 372 -20.63 -5.11 -20.26
CA GLU B 372 -19.62 -4.09 -20.05
C GLU B 372 -18.45 -4.66 -19.23
N VAL B 373 -17.88 -5.75 -19.76
CA VAL B 373 -16.78 -6.44 -19.11
C VAL B 373 -15.47 -5.89 -19.64
N THR B 374 -14.58 -5.50 -18.72
CA THR B 374 -13.22 -5.11 -19.06
C THR B 374 -12.27 -6.19 -18.56
N ILE B 375 -11.32 -6.57 -19.40
CA ILE B 375 -10.42 -7.70 -19.12
C ILE B 375 -9.01 -7.16 -18.94
N PHE B 376 -8.33 -7.65 -17.90
CA PHE B 376 -6.93 -7.32 -17.64
C PHE B 376 -6.13 -8.61 -17.61
N VAL B 377 -5.03 -8.66 -18.37
CA VAL B 377 -4.25 -9.87 -18.54
C VAL B 377 -2.79 -9.62 -18.17
N ARG B 378 -2.22 -10.54 -17.39
CA ARG B 378 -0.79 -10.56 -17.08
C ARG B 378 -0.36 -12.01 -17.05
N ARG B 379 0.63 -12.37 -17.87
CA ARG B 379 1.04 -13.76 -17.96
C ARG B 379 2.48 -13.84 -18.50
N GLY B 380 3.23 -14.80 -17.95
CA GLY B 380 4.45 -15.25 -18.58
C GLY B 380 4.48 -16.77 -18.60
N GLY B 381 5.50 -17.31 -19.26
CA GLY B 381 5.67 -18.74 -19.34
C GLY B 381 5.95 -19.20 -20.75
N PRO B 382 5.96 -20.52 -20.95
CA PRO B 382 6.26 -21.07 -22.28
C PRO B 382 5.31 -20.53 -23.34
N ASN B 383 5.87 -19.92 -24.37
CA ASN B 383 5.12 -19.38 -25.51
C ASN B 383 4.18 -18.26 -25.09
N TYR B 384 4.61 -17.44 -24.12
CA TYR B 384 3.73 -16.39 -23.64
C TYR B 384 3.59 -15.24 -24.63
N GLN B 385 4.58 -15.04 -25.50
CA GLN B 385 4.49 -13.95 -26.46
C GLN B 385 3.34 -14.19 -27.44
N GLU B 386 3.27 -15.41 -27.99
CA GLU B 386 2.12 -15.79 -28.80
C GLU B 386 0.83 -15.70 -27.99
N GLY B 387 0.87 -16.18 -26.74
CA GLY B 387 -0.33 -16.15 -25.91
C GLY B 387 -0.86 -14.74 -25.70
N LEU B 388 0.04 -13.79 -25.43
CA LEU B 388 -0.39 -12.41 -25.23
C LEU B 388 -0.84 -11.78 -26.55
N ARG B 389 -0.27 -12.20 -27.68
CA ARG B 389 -0.68 -11.65 -28.96
C ARG B 389 -2.12 -12.00 -29.28
N VAL B 390 -2.47 -13.29 -29.23
CA VAL B 390 -3.83 -13.69 -29.56
C VAL B 390 -4.82 -13.14 -28.55
N MET B 391 -4.38 -12.88 -27.32
CA MET B 391 -5.26 -12.31 -26.31
C MET B 391 -5.55 -10.84 -26.60
N GLY B 392 -4.58 -10.11 -27.17
CA GLY B 392 -4.84 -8.77 -27.64
C GLY B 392 -5.57 -8.73 -28.96
N GLU B 393 -5.30 -9.70 -29.83
CA GLU B 393 -5.99 -9.76 -31.11
C GLU B 393 -7.49 -9.90 -30.93
N VAL B 394 -7.92 -10.82 -30.05
CA VAL B 394 -9.34 -11.05 -29.85
C VAL B 394 -10.00 -9.81 -29.27
N GLY B 395 -9.24 -9.00 -28.53
CA GLY B 395 -9.78 -7.76 -28.02
C GLY B 395 -10.10 -6.78 -29.13
N LYS B 396 -9.24 -6.74 -30.16
CA LYS B 396 -9.45 -5.82 -31.27
C LYS B 396 -10.58 -6.29 -32.19
N THR B 397 -10.69 -7.61 -32.42
CA THR B 397 -11.70 -8.11 -33.33
C THR B 397 -13.10 -8.12 -32.71
N THR B 398 -13.19 -8.24 -31.38
CA THR B 398 -14.47 -8.27 -30.71
C THR B 398 -14.94 -6.90 -30.22
N GLY B 399 -14.02 -5.95 -30.09
CA GLY B 399 -14.32 -4.70 -29.43
C GLY B 399 -14.38 -4.79 -27.92
N ILE B 400 -13.98 -5.91 -27.34
CA ILE B 400 -13.93 -6.04 -25.88
C ILE B 400 -12.65 -5.36 -25.38
N PRO B 401 -12.74 -4.47 -24.40
CA PRO B 401 -11.51 -3.87 -23.85
C PRO B 401 -10.68 -4.90 -23.11
N ILE B 402 -9.48 -5.18 -23.63
CA ILE B 402 -8.57 -6.14 -23.02
C ILE B 402 -7.20 -5.48 -22.95
N HIS B 403 -6.72 -5.26 -21.72
CA HIS B 403 -5.41 -4.68 -21.48
C HIS B 403 -4.45 -5.81 -21.11
N VAL B 404 -3.38 -5.96 -21.89
CA VAL B 404 -2.51 -7.13 -21.84
C VAL B 404 -1.13 -6.71 -21.36
N PHE B 405 -0.55 -7.51 -20.46
CA PHE B 405 0.75 -7.21 -19.89
C PHE B 405 1.57 -8.48 -19.78
N GLY B 406 2.89 -8.32 -19.84
CA GLY B 406 3.82 -9.42 -19.83
C GLY B 406 4.65 -9.50 -18.57
N THR B 407 5.82 -10.14 -18.70
CA THR B 407 6.69 -10.36 -17.55
C THR B 407 7.29 -9.06 -17.02
N GLU B 408 7.39 -8.02 -17.86
CA GLU B 408 7.87 -6.73 -17.39
C GLU B 408 6.97 -6.14 -16.31
N THR B 409 5.71 -6.56 -16.26
CA THR B 409 4.73 -6.00 -15.34
C THR B 409 4.62 -6.88 -14.10
N HIS B 410 4.65 -6.25 -12.93
CA HIS B 410 4.51 -7.01 -11.67
C HIS B 410 3.22 -7.81 -11.70
N MET B 411 3.30 -9.03 -11.15
CA MET B 411 2.20 -9.99 -11.28
C MET B 411 0.86 -9.39 -10.86
N THR B 412 0.82 -8.75 -9.71
CA THR B 412 -0.43 -8.24 -9.16
C THR B 412 -0.78 -6.83 -9.64
N ALA B 413 0.05 -6.24 -10.51
CA ALA B 413 -0.15 -4.85 -10.88
C ALA B 413 -1.51 -4.63 -11.54
N ILE B 414 -2.01 -5.61 -12.30
CA ILE B 414 -3.27 -5.43 -13.00
C ILE B 414 -4.45 -5.35 -12.04
N VAL B 415 -4.29 -5.82 -10.80
CA VAL B 415 -5.38 -5.71 -9.84
C VAL B 415 -5.64 -4.25 -9.50
N GLY B 416 -4.58 -3.50 -9.21
CA GLY B 416 -4.75 -2.07 -8.93
C GLY B 416 -5.29 -1.31 -10.12
N MET B 417 -4.79 -1.61 -11.32
CA MET B 417 -5.36 -1.04 -12.53
C MET B 417 -6.86 -1.26 -12.59
N ALA B 418 -7.29 -2.50 -12.35
CA ALA B 418 -8.70 -2.85 -12.53
C ALA B 418 -9.58 -2.28 -11.42
N LEU B 419 -9.05 -2.14 -10.20
CA LEU B 419 -9.85 -1.81 -9.03
C LEU B 419 -9.69 -0.37 -8.56
N GLY B 420 -8.62 0.33 -8.95
CA GLY B 420 -8.42 1.69 -8.47
C GLY B 420 -9.58 2.61 -8.74
N HIS B 421 -10.47 2.23 -9.64
CA HIS B 421 -11.70 2.96 -9.92
C HIS B 421 -12.56 2.04 -10.76
N ARG B 422 -13.81 2.42 -10.94
CA ARG B 422 -14.69 1.67 -11.81
C ARG B 422 -14.45 2.11 -13.25
N PRO B 423 -14.06 1.21 -14.15
CA PRO B 423 -13.80 1.61 -15.54
C PRO B 423 -14.90 2.48 -16.11
N ILE B 424 -14.49 3.53 -16.81
CA ILE B 424 -15.42 4.54 -17.33
C ILE B 424 -16.24 3.90 -18.45
N PRO B 425 -17.58 3.86 -18.36
CA PRO B 425 -18.38 3.25 -19.42
C PRO B 425 -18.77 4.23 -20.53
N GLY B 487 18.65 -34.75 10.82
CA GLY B 487 18.81 -33.89 9.67
C GLY B 487 19.37 -34.61 8.46
N LYS B 488 18.69 -34.48 7.32
CA LYS B 488 19.11 -35.13 6.09
C LYS B 488 20.18 -34.27 5.40
N SER B 489 20.53 -34.64 4.16
CA SER B 489 21.67 -34.03 3.49
C SER B 489 21.53 -32.52 3.38
N THR B 490 22.67 -31.82 3.51
CA THR B 490 22.70 -30.38 3.29
C THR B 490 22.67 -30.04 1.82
N THR B 491 23.47 -30.73 1.00
CA THR B 491 23.54 -30.50 -0.44
C THR B 491 22.79 -31.63 -1.14
N LEU B 492 21.80 -31.28 -1.94
CA LEU B 492 21.03 -32.26 -2.70
C LEU B 492 21.50 -32.41 -4.14
N PHE B 493 21.88 -31.30 -4.77
CA PHE B 493 22.24 -31.30 -6.18
C PHE B 493 23.57 -30.58 -6.38
N SER B 494 24.25 -30.92 -7.47
CA SER B 494 25.52 -30.29 -7.81
C SER B 494 25.68 -30.33 -9.33
N ARG B 495 26.77 -29.72 -9.81
CA ARG B 495 27.12 -29.79 -11.22
C ARG B 495 27.25 -31.24 -11.71
N HIS B 496 27.45 -32.19 -10.80
CA HIS B 496 27.68 -33.58 -11.16
C HIS B 496 26.48 -34.47 -10.91
N THR B 497 25.36 -33.91 -10.45
CA THR B 497 24.17 -34.72 -10.22
C THR B 497 23.79 -35.52 -11.46
N LYS B 498 23.51 -36.80 -11.25
CA LYS B 498 22.99 -37.67 -12.29
C LYS B 498 21.66 -38.21 -11.81
N ALA B 499 20.64 -38.20 -12.68
CA ALA B 499 19.28 -38.51 -12.28
C ALA B 499 18.66 -39.55 -13.21
N ILE B 500 17.75 -40.32 -12.63
CA ILE B 500 16.81 -41.15 -13.38
C ILE B 500 15.46 -40.44 -13.40
N VAL B 501 14.81 -40.43 -14.55
CA VAL B 501 13.46 -39.88 -14.69
C VAL B 501 12.49 -41.03 -14.87
N TRP B 502 11.50 -41.11 -13.99
CA TRP B 502 10.46 -42.13 -14.08
C TRP B 502 9.31 -41.57 -14.91
N GLY B 503 8.95 -42.27 -15.98
CA GLY B 503 7.91 -41.84 -16.88
C GLY B 503 8.46 -41.43 -18.24
N MET B 504 7.54 -41.24 -19.18
CA MET B 504 7.88 -40.82 -20.53
C MET B 504 7.69 -39.31 -20.60
N GLN B 505 8.80 -38.58 -20.50
CA GLN B 505 8.78 -37.13 -20.37
C GLN B 505 9.89 -36.54 -21.24
N THR B 506 9.80 -36.81 -22.55
CA THR B 506 10.83 -36.36 -23.48
C THR B 506 11.04 -34.85 -23.39
N ARG B 507 9.94 -34.08 -23.36
CA ARG B 507 10.09 -32.63 -23.32
C ARG B 507 10.70 -32.15 -22.01
N ALA B 508 10.33 -32.79 -20.89
CA ALA B 508 10.91 -32.41 -19.61
C ALA B 508 12.41 -32.73 -19.60
N VAL B 509 12.78 -33.94 -20.00
CA VAL B 509 14.19 -34.32 -20.02
C VAL B 509 14.98 -33.39 -20.93
N GLN B 510 14.43 -33.10 -22.12
CA GLN B 510 15.13 -32.20 -23.03
C GLN B 510 15.32 -30.81 -22.42
N GLY B 511 14.30 -30.35 -21.68
CA GLY B 511 14.44 -29.06 -21.01
C GLY B 511 15.55 -29.04 -19.99
N MET B 512 15.75 -30.18 -19.30
CA MET B 512 16.87 -30.29 -18.38
C MET B 512 18.19 -30.27 -19.13
N LEU B 513 18.29 -31.00 -20.24
CA LEU B 513 19.52 -31.02 -21.02
C LEU B 513 19.85 -29.65 -21.60
N ASP B 514 18.83 -28.94 -22.08
CA ASP B 514 19.05 -27.57 -22.55
C ASP B 514 19.61 -26.70 -21.43
N PHE B 515 19.02 -26.82 -20.24
CA PHE B 515 19.50 -26.07 -19.08
C PHE B 515 20.91 -26.52 -18.69
N ASP B 516 21.16 -27.83 -18.67
CA ASP B 516 22.49 -28.33 -18.34
C ASP B 516 23.54 -27.76 -19.29
N TYR B 517 23.18 -27.61 -20.57
CA TYR B 517 24.15 -27.17 -21.56
C TYR B 517 24.54 -25.70 -21.35
N VAL B 518 23.54 -24.82 -21.23
CA VAL B 518 23.84 -23.41 -21.03
C VAL B 518 24.48 -23.16 -19.67
N CYS B 519 24.37 -24.10 -18.74
CA CYS B 519 25.11 -24.01 -17.48
C CYS B 519 26.56 -24.43 -17.62
N SER B 520 26.97 -24.91 -18.80
CA SER B 520 28.34 -25.38 -19.02
C SER B 520 28.65 -26.59 -18.14
N ARG B 521 27.69 -27.51 -18.04
CA ARG B 521 27.92 -28.78 -17.39
C ARG B 521 28.78 -29.67 -18.28
N ASP B 522 29.60 -30.51 -17.64
CA ASP B 522 30.43 -31.44 -18.40
C ASP B 522 29.58 -32.52 -19.06
N GLU B 523 28.53 -32.97 -18.39
CA GLU B 523 27.74 -34.10 -18.85
C GLU B 523 26.26 -33.81 -18.61
N PRO B 524 25.37 -34.48 -19.34
CA PRO B 524 23.93 -34.32 -19.09
C PRO B 524 23.55 -34.83 -17.70
N SER B 525 22.50 -34.20 -17.15
CA SER B 525 22.05 -34.53 -15.81
C SER B 525 21.17 -35.79 -15.76
N VAL B 526 20.59 -36.20 -16.89
CA VAL B 526 19.72 -37.37 -16.95
C VAL B 526 20.54 -38.53 -17.50
N ALA B 527 20.76 -39.55 -16.67
CA ALA B 527 21.53 -40.72 -17.08
C ALA B 527 20.66 -41.81 -17.68
N ALA B 528 19.41 -41.91 -17.28
CA ALA B 528 18.53 -42.97 -17.74
C ALA B 528 17.09 -42.60 -17.41
N MET B 529 16.16 -43.33 -18.01
CA MET B 529 14.74 -43.17 -17.74
C MET B 529 14.14 -44.54 -17.45
N VAL B 530 13.02 -44.54 -16.72
CA VAL B 530 12.32 -45.76 -16.36
C VAL B 530 10.85 -45.61 -16.74
N TYR B 531 10.34 -46.55 -17.52
CA TYR B 531 8.94 -46.57 -17.90
C TYR B 531 8.54 -48.02 -18.14
N PRO B 532 7.77 -48.64 -17.23
CA PRO B 532 7.53 -50.09 -17.30
C PRO B 532 6.45 -50.52 -18.29
N PHE B 533 5.92 -49.63 -19.12
CA PHE B 533 4.92 -50.01 -20.12
C PHE B 533 5.49 -50.06 -21.53
N THR B 534 6.79 -49.83 -21.69
CA THR B 534 7.50 -50.12 -22.93
C THR B 534 8.77 -50.88 -22.57
N GLY B 535 9.37 -51.50 -23.58
CA GLY B 535 10.58 -52.27 -23.35
C GLY B 535 11.82 -51.42 -23.39
N ASP B 536 12.94 -52.03 -22.98
CA ASP B 536 14.22 -51.34 -23.03
C ASP B 536 14.47 -50.83 -24.44
N HIS B 537 14.91 -49.59 -24.54
CA HIS B 537 15.20 -48.97 -25.83
C HIS B 537 15.98 -47.70 -25.56
N LYS B 538 16.58 -47.16 -26.61
CA LYS B 538 17.26 -45.88 -26.53
C LYS B 538 16.31 -44.76 -26.95
N GLN B 539 16.64 -43.55 -26.54
CA GLN B 539 15.83 -42.37 -26.83
C GLN B 539 16.76 -41.25 -27.25
N LYS B 540 16.54 -40.70 -28.44
CA LYS B 540 17.39 -39.63 -28.93
C LYS B 540 17.11 -38.34 -28.17
N PHE B 541 18.17 -37.64 -27.80
CA PHE B 541 18.07 -36.32 -27.19
C PHE B 541 19.16 -35.46 -27.79
N TYR B 542 19.06 -34.15 -27.56
CA TYR B 542 20.02 -33.19 -28.06
C TYR B 542 20.82 -32.61 -26.91
N TRP B 543 22.14 -32.74 -26.98
CA TRP B 543 23.06 -32.09 -26.04
C TRP B 543 23.67 -30.92 -26.80
N GLY B 544 23.18 -29.71 -26.53
CA GLY B 544 23.44 -28.59 -27.39
C GLY B 544 22.76 -28.84 -28.72
N HIS B 545 23.52 -28.85 -29.82
CA HIS B 545 23.00 -29.30 -31.10
C HIS B 545 23.41 -30.71 -31.45
N LYS B 546 24.51 -31.20 -30.90
CA LYS B 546 24.91 -32.59 -31.12
C LYS B 546 23.85 -33.53 -30.54
N GLU B 547 23.79 -34.74 -31.09
CA GLU B 547 22.76 -35.70 -30.75
C GLU B 547 23.34 -36.80 -29.86
N ILE B 548 22.55 -37.23 -28.88
CA ILE B 548 22.97 -38.22 -27.88
C ILE B 548 21.81 -39.19 -27.65
N LEU B 549 22.13 -40.28 -26.96
CA LEU B 549 21.15 -41.30 -26.58
C LEU B 549 21.13 -41.45 -25.07
N ILE B 550 19.94 -41.54 -24.50
CA ILE B 550 19.74 -41.79 -23.09
C ILE B 550 18.96 -43.10 -22.96
N PRO B 551 19.45 -44.09 -22.21
CA PRO B 551 18.75 -45.37 -22.14
C PRO B 551 17.44 -45.27 -21.38
N VAL B 552 16.45 -46.03 -21.83
CA VAL B 552 15.15 -46.15 -21.17
C VAL B 552 14.96 -47.60 -20.79
N PHE B 553 14.60 -47.85 -19.53
CA PHE B 553 14.48 -49.20 -19.00
C PHE B 553 13.04 -49.49 -18.61
N LYS B 554 12.63 -50.75 -18.82
CA LYS B 554 11.31 -51.18 -18.38
C LYS B 554 11.30 -51.45 -16.88
N ASN B 555 12.37 -52.03 -16.35
CA ASN B 555 12.47 -52.40 -14.95
C ASN B 555 13.41 -51.44 -14.23
N MET B 556 12.95 -50.90 -13.10
CA MET B 556 13.79 -49.99 -12.32
C MET B 556 15.08 -50.67 -11.88
N ALA B 557 15.00 -51.95 -11.49
CA ALA B 557 16.19 -52.66 -11.04
C ALA B 557 17.31 -52.60 -12.07
N ASP B 558 16.96 -52.72 -13.36
CA ASP B 558 17.98 -52.66 -14.40
C ASP B 558 18.60 -51.28 -14.50
N ALA B 559 17.78 -50.23 -14.44
CA ALA B 559 18.31 -48.87 -14.51
C ALA B 559 19.23 -48.57 -13.33
N MET B 560 18.89 -49.09 -12.15
CA MET B 560 19.68 -48.82 -10.96
C MET B 560 21.04 -49.52 -11.01
N ARG B 561 21.04 -50.81 -11.32
CA ARG B 561 22.28 -51.58 -11.29
C ARG B 561 23.25 -51.13 -12.38
N LYS B 562 22.74 -50.58 -13.49
CA LYS B 562 23.60 -50.10 -14.56
C LYS B 562 24.03 -48.65 -14.41
N HIS B 563 23.52 -47.93 -13.41
CA HIS B 563 23.86 -46.52 -13.20
C HIS B 563 23.99 -46.25 -11.71
N PRO B 564 24.99 -46.83 -11.06
CA PRO B 564 25.24 -46.50 -9.64
C PRO B 564 25.62 -45.06 -9.42
N GLU B 565 25.98 -44.32 -10.48
CA GLU B 565 26.31 -42.91 -10.32
C GLU B 565 25.09 -42.04 -10.07
N VAL B 566 23.88 -42.57 -10.27
CA VAL B 566 22.66 -41.80 -10.09
C VAL B 566 22.29 -41.77 -8.62
N ASP B 567 21.99 -40.57 -8.10
CA ASP B 567 21.49 -40.43 -6.75
C ASP B 567 20.22 -39.61 -6.65
N VAL B 568 19.63 -39.19 -7.77
CA VAL B 568 18.36 -38.49 -7.79
C VAL B 568 17.41 -39.23 -8.73
N LEU B 569 16.14 -39.33 -8.32
CA LEU B 569 15.08 -39.82 -9.21
C LEU B 569 13.94 -38.82 -9.21
N ILE B 570 13.55 -38.38 -10.41
CA ILE B 570 12.44 -37.46 -10.59
C ILE B 570 11.26 -38.29 -11.08
N ASN B 571 10.24 -38.41 -10.23
CA ASN B 571 9.11 -39.31 -10.48
C ASN B 571 7.97 -38.54 -11.14
N PHE B 572 7.77 -38.75 -12.43
CA PHE B 572 6.65 -38.18 -13.17
C PHE B 572 5.43 -39.11 -13.23
N ALA B 573 5.39 -40.13 -12.38
CA ALA B 573 4.25 -41.05 -12.38
C ALA B 573 2.97 -40.28 -12.07
N SER B 574 1.86 -40.77 -12.62
CA SER B 574 0.55 -40.24 -12.29
C SER B 574 0.25 -40.48 -10.80
N LEU B 575 -0.80 -39.83 -10.32
CA LEU B 575 -1.15 -39.94 -8.91
C LEU B 575 -1.50 -41.36 -8.51
N ARG B 576 -1.97 -42.17 -9.47
CA ARG B 576 -2.39 -43.53 -9.13
C ARG B 576 -1.21 -44.46 -8.93
N SER B 577 -0.12 -44.26 -9.66
CA SER B 577 1.05 -45.12 -9.56
C SER B 577 2.25 -44.44 -8.90
N ALA B 578 2.10 -43.20 -8.45
CA ALA B 578 3.22 -42.50 -7.83
C ALA B 578 3.61 -43.13 -6.51
N TYR B 579 2.63 -43.68 -5.77
CA TYR B 579 2.93 -44.28 -4.47
C TYR B 579 3.86 -45.48 -4.64
N ASP B 580 3.46 -46.43 -5.49
CA ASP B 580 4.24 -47.66 -5.64
C ASP B 580 5.61 -47.39 -6.27
N SER B 581 5.66 -46.49 -7.26
CA SER B 581 6.92 -46.21 -7.91
C SER B 581 7.90 -45.51 -6.98
N THR B 582 7.39 -44.69 -6.05
CA THR B 582 8.27 -44.00 -5.11
C THR B 582 8.75 -44.95 -4.01
N MET B 583 7.86 -45.82 -3.52
CA MET B 583 8.28 -46.82 -2.55
C MET B 583 9.33 -47.74 -3.14
N GLU B 584 9.17 -48.12 -4.41
CA GLU B 584 10.16 -48.96 -5.07
C GLU B 584 11.51 -48.27 -5.13
N THR B 585 11.53 -46.99 -5.53
CA THR B 585 12.78 -46.24 -5.60
C THR B 585 13.54 -46.29 -4.27
N MET B 586 12.82 -46.27 -3.16
CA MET B 586 13.44 -46.25 -1.84
C MET B 586 13.93 -47.62 -1.37
N ASN B 587 13.84 -48.64 -2.22
CA ASN B 587 14.56 -49.88 -1.98
C ASN B 587 15.99 -49.83 -2.49
N TYR B 588 16.38 -48.75 -3.17
CA TYR B 588 17.69 -48.60 -3.79
C TYR B 588 18.41 -47.46 -3.07
N ALA B 589 19.29 -47.82 -2.13
CA ALA B 589 19.96 -46.83 -1.31
C ALA B 589 20.76 -45.82 -2.11
N GLN B 590 21.09 -46.13 -3.37
CA GLN B 590 21.87 -45.18 -4.17
C GLN B 590 21.12 -43.89 -4.42
N ILE B 591 19.79 -43.92 -4.39
CA ILE B 591 18.97 -42.73 -4.59
C ILE B 591 18.84 -42.01 -3.26
N ARG B 592 19.32 -40.76 -3.19
CA ARG B 592 19.25 -39.98 -1.97
C ARG B 592 18.19 -38.88 -2.02
N THR B 593 17.72 -38.50 -3.20
CA THR B 593 16.73 -37.44 -3.35
C THR B 593 15.68 -37.85 -4.37
N ILE B 594 14.41 -37.79 -3.99
CA ILE B 594 13.29 -38.13 -4.86
C ILE B 594 12.40 -36.90 -4.97
N ALA B 595 12.18 -36.45 -6.21
CA ALA B 595 11.17 -35.44 -6.51
C ALA B 595 9.90 -36.15 -6.99
N ILE B 596 8.81 -35.98 -6.25
CA ILE B 596 7.51 -36.52 -6.62
C ILE B 596 6.69 -35.40 -7.22
N ILE B 597 6.32 -35.55 -8.50
CA ILE B 597 5.69 -34.46 -9.24
C ILE B 597 4.18 -34.47 -9.08
N ALA B 598 3.57 -35.65 -9.00
CA ALA B 598 2.13 -35.76 -9.16
C ALA B 598 1.37 -35.01 -8.08
N GLU B 599 0.36 -34.26 -8.50
CA GLU B 599 -0.62 -33.70 -7.59
C GLU B 599 -1.80 -34.64 -7.49
N GLY B 600 -2.36 -34.78 -6.29
CA GLY B 600 -3.51 -35.63 -6.06
C GLY B 600 -3.24 -36.95 -5.36
N ILE B 601 -2.06 -37.14 -4.78
CA ILE B 601 -1.82 -38.38 -4.03
C ILE B 601 -2.56 -38.31 -2.70
N PRO B 602 -3.30 -39.34 -2.31
CA PRO B 602 -3.95 -39.31 -0.99
C PRO B 602 -2.95 -39.05 0.14
N GLU B 603 -3.37 -38.21 1.08
CA GLU B 603 -2.48 -37.79 2.15
C GLU B 603 -2.02 -38.98 2.99
N ALA B 604 -2.90 -39.96 3.20
CA ALA B 604 -2.55 -41.11 4.01
C ALA B 604 -1.43 -41.93 3.37
N LEU B 605 -1.36 -41.94 2.04
CA LEU B 605 -0.28 -42.62 1.35
C LEU B 605 1.00 -41.81 1.43
N THR B 606 0.90 -40.49 1.29
CA THR B 606 2.08 -39.64 1.41
C THR B 606 2.72 -39.78 2.79
N ARG B 607 1.90 -39.97 3.83
CA ARG B 607 2.45 -40.22 5.16
C ARG B 607 3.28 -41.50 5.17
N LYS B 608 2.83 -42.54 4.48
CA LYS B 608 3.63 -43.75 4.37
C LYS B 608 4.90 -43.50 3.56
N LEU B 609 4.80 -42.66 2.52
CA LEU B 609 6.00 -42.27 1.79
C LEU B 609 6.97 -41.51 2.68
N ILE B 610 6.44 -40.65 3.55
CA ILE B 610 7.30 -39.87 4.43
C ILE B 610 7.96 -40.77 5.46
N LYS B 611 7.21 -41.75 5.98
CA LYS B 611 7.76 -42.65 7.00
C LYS B 611 8.96 -43.43 6.44
N LYS B 612 8.79 -44.02 5.26
CA LYS B 612 9.89 -44.78 4.67
C LYS B 612 11.05 -43.87 4.29
N ALA B 613 10.74 -42.70 3.72
CA ALA B 613 11.80 -41.75 3.39
C ALA B 613 12.61 -41.36 4.63
N ASP B 614 11.93 -41.16 5.76
CA ASP B 614 12.63 -40.80 6.99
C ASP B 614 13.44 -41.97 7.53
N GLN B 615 12.89 -43.19 7.43
CA GLN B 615 13.62 -44.37 7.86
C GLN B 615 14.86 -44.60 7.00
N LYS B 616 14.78 -44.28 5.71
CA LYS B 616 15.89 -44.48 4.78
C LYS B 616 16.80 -43.27 4.66
N GLY B 617 16.45 -42.14 5.26
CA GLY B 617 17.24 -40.93 5.13
C GLY B 617 17.18 -40.30 3.75
N VAL B 618 16.12 -40.55 2.99
CA VAL B 618 15.98 -40.04 1.64
C VAL B 618 15.21 -38.73 1.67
N THR B 619 15.72 -37.73 0.98
CA THR B 619 15.04 -36.44 0.89
C THR B 619 13.97 -36.51 -0.20
N ILE B 620 12.74 -36.14 0.17
CA ILE B 620 11.62 -36.10 -0.77
C ILE B 620 11.24 -34.65 -1.00
N ILE B 621 11.19 -34.27 -2.28
CA ILE B 621 10.69 -32.96 -2.70
C ILE B 621 9.35 -33.21 -3.38
N GLY B 622 8.26 -32.82 -2.73
CA GLY B 622 6.93 -33.09 -3.23
C GLY B 622 6.07 -33.80 -2.20
N PRO B 623 4.92 -34.35 -2.62
CA PRO B 623 4.40 -34.33 -3.99
C PRO B 623 3.76 -32.99 -4.39
N ALA B 624 3.02 -33.01 -5.48
CA ALA B 624 2.28 -31.84 -5.97
C ALA B 624 3.20 -30.63 -6.11
N THR B 625 4.26 -30.81 -6.89
CA THR B 625 5.24 -29.76 -7.12
C THR B 625 5.88 -29.92 -8.49
N VAL B 626 6.29 -28.79 -9.06
CA VAL B 626 7.11 -28.82 -10.27
C VAL B 626 8.56 -29.20 -9.96
N GLY B 627 8.99 -29.04 -8.70
CA GLY B 627 10.31 -29.47 -8.28
C GLY B 627 11.16 -28.38 -7.68
N GLY B 628 11.99 -27.76 -8.50
CA GLY B 628 12.95 -26.79 -8.02
C GLY B 628 14.14 -26.76 -8.96
N ILE B 629 15.06 -25.84 -8.66
CA ILE B 629 16.18 -25.58 -9.57
C ILE B 629 17.37 -25.11 -8.75
N LYS B 630 18.56 -25.53 -9.19
CA LYS B 630 19.83 -25.05 -8.62
C LYS B 630 20.67 -24.50 -9.75
N PRO B 631 20.65 -23.18 -9.99
CA PRO B 631 21.32 -22.63 -11.16
C PRO B 631 22.76 -23.07 -11.27
N GLY B 632 23.18 -23.36 -12.51
CA GLY B 632 24.52 -23.84 -12.77
C GLY B 632 24.73 -25.31 -12.49
N CYS B 633 23.73 -26.01 -11.96
CA CYS B 633 23.94 -27.36 -11.45
C CYS B 633 22.89 -28.34 -11.93
N PHE B 634 21.61 -28.04 -11.70
CA PHE B 634 20.57 -29.05 -11.86
C PHE B 634 19.21 -28.39 -11.72
N LYS B 635 18.23 -28.91 -12.46
CA LYS B 635 16.85 -28.47 -12.30
C LYS B 635 15.91 -29.67 -12.44
N ILE B 636 14.90 -29.70 -11.58
CA ILE B 636 14.00 -30.84 -11.50
C ILE B 636 12.95 -30.71 -12.60
N GLY B 637 13.05 -31.55 -13.62
CA GLY B 637 11.99 -31.65 -14.61
C GLY B 637 11.71 -30.33 -15.30
N ASN B 638 10.45 -29.90 -15.24
CA ASN B 638 9.98 -28.72 -15.97
C ASN B 638 10.30 -27.41 -15.26
N THR B 639 10.91 -27.45 -14.08
CA THR B 639 11.17 -26.21 -13.34
C THR B 639 12.03 -25.26 -14.16
N GLY B 640 11.64 -24.00 -14.21
CA GLY B 640 12.36 -22.99 -14.94
C GLY B 640 11.99 -22.85 -16.40
N GLY B 641 11.24 -23.79 -16.96
CA GLY B 641 10.66 -23.60 -18.28
C GLY B 641 11.68 -23.65 -19.40
N MET B 642 11.41 -22.84 -20.42
CA MET B 642 12.21 -22.85 -21.65
C MET B 642 13.46 -22.02 -21.47
N LEU B 643 14.36 -22.14 -22.45
CA LEU B 643 15.64 -21.44 -22.38
C LEU B 643 15.46 -19.94 -22.22
N ASP B 644 14.47 -19.35 -22.91
CA ASP B 644 14.31 -17.90 -22.85
C ASP B 644 14.03 -17.42 -21.44
N ASN B 645 13.35 -18.25 -20.63
CA ASN B 645 13.18 -17.92 -19.21
C ASN B 645 14.46 -18.19 -18.42
N ILE B 646 15.16 -19.29 -18.74
CA ILE B 646 16.42 -19.60 -18.07
C ILE B 646 17.39 -18.44 -18.21
N LEU B 647 17.40 -17.80 -19.39
CA LEU B 647 18.35 -16.72 -19.63
C LEU B 647 17.87 -15.41 -19.02
N ALA B 648 16.58 -15.10 -19.14
CA ALA B 648 16.07 -13.85 -18.59
C ALA B 648 16.26 -13.78 -17.08
N SER B 649 16.00 -14.87 -16.39
CA SER B 649 16.14 -14.93 -14.93
C SER B 649 17.54 -15.32 -14.47
N LYS B 650 18.50 -15.37 -15.39
CA LYS B 650 19.91 -15.61 -15.03
C LYS B 650 20.08 -16.91 -14.26
N LEU B 651 19.29 -17.92 -14.59
CA LEU B 651 19.35 -19.20 -13.91
C LEU B 651 20.44 -20.12 -14.46
N TYR B 652 21.30 -19.63 -15.35
CA TYR B 652 22.39 -20.43 -15.86
C TYR B 652 23.65 -20.34 -15.00
N ARG B 653 23.65 -19.50 -13.97
CA ARG B 653 24.76 -19.42 -13.02
C ARG B 653 24.20 -18.99 -11.68
N PRO B 654 24.84 -19.38 -10.58
CA PRO B 654 24.26 -19.12 -9.25
C PRO B 654 24.47 -17.69 -8.79
N GLY B 655 23.62 -17.29 -7.85
CA GLY B 655 23.78 -16.06 -7.10
C GLY B 655 23.94 -16.37 -5.64
N SER B 656 23.50 -15.47 -4.77
CA SER B 656 23.63 -15.66 -3.33
C SER B 656 22.31 -15.92 -2.63
N VAL B 657 21.20 -15.98 -3.35
CA VAL B 657 19.87 -15.98 -2.75
C VAL B 657 19.23 -17.35 -2.93
N ALA B 658 18.86 -17.97 -1.82
CA ALA B 658 18.12 -19.22 -1.82
C ALA B 658 16.69 -18.98 -1.38
N TYR B 659 15.76 -19.77 -1.93
CA TYR B 659 14.36 -19.64 -1.56
C TYR B 659 13.71 -21.00 -1.50
N VAL B 660 12.63 -21.07 -0.72
CA VAL B 660 11.76 -22.24 -0.67
C VAL B 660 10.32 -21.73 -0.64
N SER B 661 9.46 -22.34 -1.45
CA SER B 661 8.06 -21.97 -1.52
C SER B 661 7.21 -23.24 -1.63
N ARG B 662 5.91 -23.09 -1.40
CA ARG B 662 4.98 -24.18 -1.68
C ARG B 662 4.59 -24.20 -3.17
N SER B 663 4.36 -23.02 -3.74
CA SER B 663 3.85 -22.93 -5.10
C SER B 663 4.97 -23.07 -6.11
N GLY B 664 4.74 -23.89 -7.13
CA GLY B 664 5.71 -24.08 -8.20
C GLY B 664 5.70 -22.94 -9.19
N GLY B 665 4.51 -22.43 -9.51
CA GLY B 665 4.43 -21.29 -10.41
C GLY B 665 5.03 -20.04 -9.78
N MET B 666 4.75 -19.81 -8.50
CA MET B 666 5.32 -18.66 -7.81
C MET B 666 6.83 -18.78 -7.68
N SER B 667 7.36 -19.99 -7.57
CA SER B 667 8.80 -20.17 -7.49
C SER B 667 9.50 -19.62 -8.73
N ASN B 668 8.87 -19.74 -9.89
CA ASN B 668 9.46 -19.17 -11.10
C ASN B 668 9.27 -17.67 -11.16
N GLU B 669 8.21 -17.16 -10.53
CA GLU B 669 8.12 -15.72 -10.30
C GLU B 669 9.24 -15.26 -9.39
N LEU B 670 9.52 -16.02 -8.33
CA LEU B 670 10.63 -15.69 -7.43
C LEU B 670 11.96 -15.77 -8.15
N ASN B 671 12.11 -16.72 -9.07
CA ASN B 671 13.32 -16.76 -9.90
C ASN B 671 13.53 -15.42 -10.59
N ASN B 672 12.46 -14.89 -11.19
CA ASN B 672 12.56 -13.65 -11.94
C ASN B 672 12.73 -12.46 -10.98
N ILE B 673 11.95 -12.42 -9.91
CA ILE B 673 12.06 -11.33 -8.94
C ILE B 673 13.47 -11.28 -8.36
N ILE B 674 13.97 -12.42 -7.89
CA ILE B 674 15.31 -12.48 -7.30
C ILE B 674 16.35 -12.14 -8.35
N SER B 675 16.11 -12.55 -9.61
CA SER B 675 17.04 -12.22 -10.68
C SER B 675 17.18 -10.72 -10.87
N ARG B 676 16.11 -9.96 -10.63
CA ARG B 676 16.09 -8.53 -10.92
C ARG B 676 16.55 -7.67 -9.75
N THR B 677 16.73 -8.24 -8.56
CA THR B 677 17.03 -7.47 -7.38
C THR B 677 18.29 -7.93 -6.65
N THR B 678 18.94 -9.00 -7.10
CA THR B 678 20.10 -9.55 -6.43
C THR B 678 21.04 -10.11 -7.49
N ASP B 679 22.10 -10.79 -7.04
CA ASP B 679 23.01 -11.44 -7.97
C ASP B 679 22.45 -12.74 -8.53
N GLY B 680 21.31 -13.20 -8.03
CA GLY B 680 20.60 -14.31 -8.63
C GLY B 680 20.24 -15.39 -7.62
N VAL B 681 19.47 -16.36 -8.10
CA VAL B 681 19.08 -17.51 -7.30
C VAL B 681 20.28 -18.43 -7.12
N TYR B 682 20.54 -18.83 -5.87
CA TYR B 682 21.51 -19.88 -5.60
C TYR B 682 20.86 -21.26 -5.67
N GLU B 683 19.76 -21.44 -4.95
CA GLU B 683 18.97 -22.67 -5.02
C GLU B 683 17.53 -22.34 -4.65
N GLY B 684 16.61 -22.92 -5.39
CA GLY B 684 15.19 -22.77 -5.11
C GLY B 684 14.49 -24.11 -5.06
N VAL B 685 13.55 -24.23 -4.13
CA VAL B 685 12.80 -25.47 -3.93
C VAL B 685 11.32 -25.13 -3.76
N ALA B 686 10.47 -25.86 -4.48
CA ALA B 686 9.03 -25.81 -4.28
C ALA B 686 8.61 -27.12 -3.60
N ILE B 687 8.24 -27.03 -2.32
CA ILE B 687 7.94 -28.24 -1.55
C ILE B 687 6.56 -28.81 -1.83
N GLY B 688 5.78 -28.17 -2.70
CA GLY B 688 4.46 -28.66 -3.06
C GLY B 688 3.35 -28.13 -2.15
N GLY B 689 2.13 -28.32 -2.63
CA GLY B 689 0.95 -27.79 -1.96
C GLY B 689 0.22 -28.75 -1.05
N ASP B 690 0.69 -29.99 -0.92
CA ASP B 690 -0.05 -30.98 -0.16
C ASP B 690 0.05 -30.70 1.34
N ARG B 691 -0.80 -31.38 2.12
CA ARG B 691 -0.84 -31.10 3.55
C ARG B 691 0.43 -31.57 4.24
N TYR B 692 0.98 -32.71 3.81
CA TYR B 692 2.22 -33.25 4.35
C TYR B 692 3.24 -33.30 3.22
N PRO B 693 4.00 -32.24 3.01
CA PRO B 693 5.07 -32.31 2.01
C PRO B 693 6.20 -33.21 2.49
N GLY B 694 6.85 -33.87 1.54
CA GLY B 694 7.95 -34.76 1.88
C GLY B 694 9.08 -34.06 2.59
N SER B 695 9.33 -32.81 2.23
CA SER B 695 10.28 -31.96 2.93
C SER B 695 9.60 -30.63 3.24
N THR B 696 9.95 -30.06 4.39
CA THR B 696 9.27 -28.88 4.90
C THR B 696 10.07 -27.61 4.59
N PHE B 697 9.45 -26.46 4.87
CA PHE B 697 10.16 -25.19 4.79
C PHE B 697 11.40 -25.23 5.67
N MET B 698 11.24 -25.66 6.92
CA MET B 698 12.36 -25.69 7.85
C MET B 698 13.47 -26.60 7.33
N ASP B 699 13.11 -27.74 6.73
CA ASP B 699 14.12 -28.66 6.23
C ASP B 699 15.07 -27.96 5.27
N HIS B 700 14.52 -27.17 4.35
CA HIS B 700 15.35 -26.52 3.34
C HIS B 700 16.01 -25.25 3.86
N VAL B 701 15.33 -24.49 4.72
CA VAL B 701 15.96 -23.33 5.35
C VAL B 701 17.21 -23.75 6.09
N LEU B 702 17.14 -24.90 6.79
CA LEU B 702 18.32 -25.40 7.49
C LEU B 702 19.44 -25.73 6.51
N ARG B 703 19.10 -26.37 5.39
CA ARG B 703 20.12 -26.63 4.36
C ARG B 703 20.79 -25.33 3.94
N TYR B 704 20.00 -24.26 3.78
CA TYR B 704 20.56 -22.99 3.33
C TYR B 704 21.42 -22.36 4.41
N GLN B 705 20.98 -22.44 5.67
CA GLN B 705 21.80 -21.99 6.80
C GLN B 705 23.16 -22.65 6.79
N ASP B 706 23.22 -23.94 6.45
CA ASP B 706 24.47 -24.70 6.47
C ASP B 706 25.17 -24.71 5.12
N THR B 707 24.71 -23.91 4.15
CA THR B 707 25.36 -23.86 2.85
C THR B 707 26.13 -22.55 2.75
N PRO B 708 27.47 -22.59 2.70
CA PRO B 708 28.22 -21.32 2.75
C PRO B 708 27.92 -20.39 1.59
N GLY B 709 27.75 -20.93 0.39
CA GLY B 709 27.44 -20.09 -0.76
C GLY B 709 26.15 -19.32 -0.62
N VAL B 710 25.28 -19.74 0.29
CA VAL B 710 24.01 -19.07 0.53
C VAL B 710 24.24 -17.94 1.53
N LYS B 711 23.83 -16.73 1.15
CA LYS B 711 23.94 -15.56 2.00
C LYS B 711 22.59 -14.98 2.39
N MET B 712 21.51 -15.38 1.73
CA MET B 712 20.20 -14.81 1.95
C MET B 712 19.15 -15.87 1.66
N ILE B 713 18.03 -15.82 2.40
CA ILE B 713 17.00 -16.85 2.32
C ILE B 713 15.64 -16.18 2.17
N VAL B 714 14.86 -16.65 1.19
CA VAL B 714 13.51 -16.17 0.93
C VAL B 714 12.54 -17.32 1.11
N VAL B 715 11.48 -17.11 1.90
CA VAL B 715 10.47 -18.13 2.16
C VAL B 715 9.11 -17.56 1.76
N LEU B 716 8.41 -18.24 0.86
CA LEU B 716 7.05 -17.87 0.47
C LEU B 716 6.10 -18.83 1.19
N GLY B 717 5.63 -18.41 2.36
CA GLY B 717 4.76 -19.23 3.17
C GLY B 717 3.32 -19.16 2.70
N GLU B 718 2.45 -19.78 3.49
CA GLU B 718 1.07 -19.95 3.07
C GLU B 718 0.21 -20.25 4.28
N ILE B 719 -1.02 -19.75 4.23
CA ILE B 719 -2.03 -20.06 5.24
C ILE B 719 -2.13 -21.57 5.38
N GLY B 720 -2.38 -22.05 6.59
CA GLY B 720 -2.52 -23.47 6.83
C GLY B 720 -1.28 -24.06 7.47
N GLY B 721 -1.47 -24.94 8.45
CA GLY B 721 -0.36 -25.53 9.15
C GLY B 721 0.40 -24.51 9.98
N THR B 722 1.44 -25.00 10.67
CA THR B 722 2.24 -24.17 11.56
C THR B 722 3.73 -24.23 11.21
N GLU B 723 4.06 -24.60 9.97
CA GLU B 723 5.46 -24.82 9.61
C GLU B 723 6.29 -23.56 9.79
N GLU B 724 5.74 -22.40 9.42
CA GLU B 724 6.52 -21.17 9.45
C GLU B 724 6.99 -20.82 10.84
N TYR B 725 6.34 -21.32 11.88
CA TYR B 725 6.76 -21.01 13.24
C TYR B 725 8.09 -21.66 13.60
N LYS B 726 8.41 -22.81 12.97
CA LYS B 726 9.71 -23.41 13.21
C LYS B 726 10.84 -22.47 12.81
N ILE B 727 10.60 -21.60 11.82
CA ILE B 727 11.59 -20.58 11.49
C ILE B 727 11.78 -19.61 12.64
N CYS B 728 10.69 -19.26 13.31
CA CYS B 728 10.78 -18.37 14.47
C CYS B 728 11.58 -19.03 15.59
N ARG B 729 11.23 -20.27 15.94
CA ARG B 729 11.96 -20.98 16.98
C ARG B 729 13.43 -21.16 16.59
N GLY B 730 13.70 -21.38 15.31
CA GLY B 730 15.08 -21.56 14.88
C GLY B 730 15.92 -20.31 15.07
N ILE B 731 15.35 -19.14 14.76
CA ILE B 731 16.02 -17.88 15.04
C ILE B 731 16.21 -17.70 16.54
N LYS B 732 15.16 -17.99 17.32
CA LYS B 732 15.19 -17.72 18.75
C LYS B 732 16.25 -18.57 19.46
N GLU B 733 16.60 -19.72 18.90
CA GLU B 733 17.61 -20.59 19.50
C GLU B 733 19.00 -20.42 18.91
N GLY B 734 19.16 -19.52 17.93
CA GLY B 734 20.46 -19.28 17.34
C GLY B 734 20.88 -20.25 16.26
N ARG B 735 20.00 -21.17 15.85
CA ARG B 735 20.34 -22.08 14.76
C ARG B 735 20.35 -21.35 13.41
N LEU B 736 19.44 -20.39 13.24
CA LEU B 736 19.31 -19.63 12.01
C LEU B 736 19.81 -18.21 12.25
N THR B 737 20.82 -17.80 11.48
CA THR B 737 21.43 -16.49 11.65
C THR B 737 21.51 -15.68 10.37
N LYS B 738 21.49 -16.31 9.20
CA LYS B 738 21.49 -15.56 7.96
C LYS B 738 20.17 -14.80 7.81
N PRO B 739 20.16 -13.74 7.01
CA PRO B 739 18.91 -12.98 6.81
C PRO B 739 17.84 -13.85 6.14
N ILE B 740 16.62 -13.72 6.64
CA ILE B 740 15.47 -14.45 6.11
C ILE B 740 14.40 -13.44 5.73
N VAL B 741 14.00 -13.46 4.45
CA VAL B 741 12.83 -12.73 3.98
C VAL B 741 11.69 -13.72 3.84
N CYS B 742 10.52 -13.38 4.39
CA CYS B 742 9.37 -14.26 4.27
C CYS B 742 8.09 -13.45 4.10
N TRP B 743 7.22 -13.95 3.21
CA TRP B 743 5.85 -13.49 3.08
C TRP B 743 4.95 -14.70 2.99
N CYS B 744 3.87 -14.71 3.77
CA CYS B 744 2.91 -15.81 3.78
C CYS B 744 1.64 -15.37 3.05
N ILE B 745 1.31 -16.08 1.98
CA ILE B 745 0.13 -15.75 1.19
C ILE B 745 -1.12 -16.27 1.88
N GLY B 746 -2.27 -15.72 1.49
CA GLY B 746 -3.54 -16.09 2.06
C GLY B 746 -4.11 -15.11 3.05
N THR B 747 -3.66 -13.86 3.04
CA THR B 747 -4.14 -12.87 3.99
C THR B 747 -5.63 -12.57 3.83
N CYS B 748 -6.19 -12.81 2.65
CA CYS B 748 -7.60 -12.50 2.41
C CYS B 748 -8.55 -13.54 2.98
N ALA B 749 -8.03 -14.67 3.49
CA ALA B 749 -8.92 -15.73 3.95
C ALA B 749 -9.79 -15.28 5.11
N THR B 750 -9.27 -14.40 5.97
CA THR B 750 -10.04 -13.93 7.12
C THR B 750 -11.10 -12.91 6.76
N MET B 751 -11.05 -12.35 5.55
CA MET B 751 -12.02 -11.33 5.15
C MET B 751 -13.34 -11.92 4.68
N PHE B 752 -13.46 -13.22 4.58
CA PHE B 752 -14.66 -13.86 4.05
C PHE B 752 -15.61 -14.25 5.18
N SER B 753 -16.90 -14.21 4.88
CA SER B 753 -17.91 -14.59 5.86
C SER B 753 -17.94 -16.09 6.10
N SER B 754 -17.59 -16.88 5.09
CA SER B 754 -17.48 -18.33 5.22
C SER B 754 -16.03 -18.74 4.99
N GLU B 755 -15.72 -19.97 5.37
CA GLU B 755 -14.40 -20.51 5.08
C GLU B 755 -14.28 -20.83 3.60
N VAL B 756 -13.07 -20.71 3.07
CA VAL B 756 -12.79 -21.02 1.67
C VAL B 756 -11.46 -21.76 1.62
N GLN B 757 -11.42 -22.86 0.86
CA GLN B 757 -10.22 -23.66 0.69
C GLN B 757 -9.59 -23.35 -0.66
N PHE B 758 -8.30 -23.03 -0.65
CA PHE B 758 -7.61 -22.57 -1.85
C PHE B 758 -7.16 -23.78 -2.69
N GLY B 759 -6.40 -23.50 -3.75
CA GLY B 759 -6.04 -24.55 -4.69
C GLY B 759 -5.19 -25.64 -4.06
N HIS B 760 -4.14 -25.25 -3.34
CA HIS B 760 -3.26 -26.23 -2.71
C HIS B 760 -4.00 -27.00 -1.63
N ALA B 761 -3.74 -28.31 -1.58
CA ALA B 761 -4.50 -29.18 -0.68
C ALA B 761 -4.26 -28.86 0.79
N GLY B 762 -3.12 -28.25 1.12
CA GLY B 762 -2.80 -27.90 2.48
C GLY B 762 -3.13 -26.49 2.88
N ALA B 763 -3.63 -25.65 1.97
CA ALA B 763 -3.89 -24.24 2.27
C ALA B 763 -5.26 -24.11 2.93
N CYS B 764 -5.35 -24.66 4.14
CA CYS B 764 -6.58 -24.63 4.93
C CYS B 764 -6.20 -24.41 6.39
N ALA B 765 -6.82 -23.40 7.02
CA ALA B 765 -6.49 -23.01 8.38
C ALA B 765 -7.63 -23.37 9.32
N ASN B 766 -7.30 -24.12 10.37
CA ASN B 766 -8.26 -24.41 11.43
C ASN B 766 -8.19 -23.35 12.53
N GLN B 767 -7.00 -23.14 13.09
CA GLN B 767 -6.82 -22.23 14.20
C GLN B 767 -6.42 -20.84 13.71
N ALA B 768 -6.51 -19.88 14.63
CA ALA B 768 -6.08 -18.51 14.31
C ALA B 768 -4.59 -18.44 14.04
N SER B 769 -3.80 -19.33 14.65
CA SER B 769 -2.37 -19.31 14.44
C SER B 769 -1.97 -19.72 13.03
N GLU B 770 -2.82 -20.48 12.34
CA GLU B 770 -2.49 -20.95 11.00
C GLU B 770 -2.82 -19.95 9.91
N THR B 771 -3.32 -18.77 10.25
CA THR B 771 -3.64 -17.76 9.26
C THR B 771 -2.37 -17.08 8.77
N ALA B 772 -2.42 -16.59 7.52
CA ALA B 772 -1.27 -15.91 6.96
C ALA B 772 -0.96 -14.63 7.73
N VAL B 773 -1.99 -13.95 8.22
CA VAL B 773 -1.77 -12.69 8.94
C VAL B 773 -1.03 -12.95 10.25
N ALA B 774 -1.48 -13.96 11.00
CA ALA B 774 -0.84 -14.27 12.28
C ALA B 774 0.61 -14.71 12.09
N LYS B 775 0.87 -15.51 11.05
CA LYS B 775 2.23 -16.00 10.83
C LYS B 775 3.16 -14.88 10.37
N ASN B 776 2.66 -13.96 9.55
CA ASN B 776 3.49 -12.83 9.14
C ASN B 776 3.91 -11.98 10.33
N GLN B 777 2.97 -11.72 11.25
CA GLN B 777 3.30 -10.96 12.45
C GLN B 777 4.32 -11.72 13.30
N ALA B 778 4.09 -13.01 13.53
CA ALA B 778 5.02 -13.81 14.31
C ALA B 778 6.40 -13.80 13.69
N LEU B 779 6.48 -14.06 12.38
CA LEU B 779 7.76 -14.00 11.69
C LEU B 779 8.44 -12.64 11.87
N LYS B 780 7.67 -11.56 11.70
CA LYS B 780 8.27 -10.24 11.77
C LYS B 780 8.78 -9.93 13.18
N GLU B 781 8.05 -10.38 14.21
CA GLU B 781 8.49 -10.13 15.58
C GLU B 781 9.74 -10.92 15.93
N ALA B 782 9.95 -12.07 15.28
CA ALA B 782 11.11 -12.91 15.57
C ALA B 782 12.36 -12.47 14.83
N GLY B 783 12.29 -11.41 14.03
CA GLY B 783 13.44 -10.91 13.30
C GLY B 783 13.46 -11.25 11.82
N VAL B 784 12.44 -11.94 11.32
CA VAL B 784 12.33 -12.16 9.88
C VAL B 784 11.93 -10.85 9.20
N PHE B 785 12.43 -10.66 7.98
CA PHE B 785 12.09 -9.49 7.18
C PHE B 785 10.81 -9.80 6.40
N VAL B 786 9.71 -9.16 6.81
CA VAL B 786 8.39 -9.42 6.26
C VAL B 786 7.92 -8.17 5.53
N PRO B 787 7.63 -8.23 4.23
CA PRO B 787 7.04 -7.07 3.56
C PRO B 787 5.62 -6.83 4.01
N ARG B 788 5.09 -5.65 3.65
CA ARG B 788 3.70 -5.35 3.95
C ARG B 788 2.76 -6.26 3.19
N SER B 789 3.07 -6.53 1.92
CA SER B 789 2.27 -7.39 1.08
C SER B 789 3.23 -8.07 0.08
N PHE B 790 2.67 -8.96 -0.74
CA PHE B 790 3.50 -9.58 -1.77
C PHE B 790 4.06 -8.55 -2.73
N ASP B 791 3.38 -7.41 -2.86
CA ASP B 791 3.82 -6.37 -3.78
C ASP B 791 5.16 -5.77 -3.36
N GLU B 792 5.43 -5.73 -2.06
CA GLU B 792 6.69 -5.19 -1.55
C GLU B 792 7.76 -6.26 -1.38
N LEU B 793 7.46 -7.52 -1.67
CA LEU B 793 8.44 -8.58 -1.47
C LEU B 793 9.71 -8.30 -2.26
N GLY B 794 9.57 -7.95 -3.54
CA GLY B 794 10.74 -7.61 -4.33
C GLY B 794 11.51 -6.44 -3.75
N GLU B 795 10.82 -5.50 -3.12
CA GLU B 795 11.49 -4.35 -2.51
C GLU B 795 12.36 -4.78 -1.34
N ILE B 796 11.81 -5.58 -0.43
CA ILE B 796 12.55 -5.95 0.78
C ILE B 796 13.66 -6.94 0.46
N ILE B 797 13.51 -7.71 -0.62
CA ILE B 797 14.60 -8.59 -1.06
C ILE B 797 15.76 -7.75 -1.59
N GLN B 798 15.45 -6.75 -2.42
CA GLN B 798 16.50 -5.85 -2.91
C GLN B 798 17.19 -5.13 -1.75
N SER B 799 16.44 -4.79 -0.71
CA SER B 799 16.99 -3.99 0.38
C SER B 799 17.89 -4.83 1.28
N VAL B 800 17.47 -6.05 1.62
CA VAL B 800 18.32 -6.95 2.38
C VAL B 800 19.59 -7.27 1.59
N TYR B 801 19.45 -7.47 0.29
CA TYR B 801 20.61 -7.75 -0.56
C TYR B 801 21.64 -6.62 -0.46
N GLU B 802 21.22 -5.38 -0.70
CA GLU B 802 22.18 -4.29 -0.77
C GLU B 802 22.87 -4.06 0.57
N ASP B 803 22.18 -4.31 1.68
CA ASP B 803 22.86 -4.32 2.98
C ASP B 803 23.99 -5.32 3.00
N LEU B 804 23.73 -6.56 2.58
CA LEU B 804 24.76 -7.58 2.59
C LEU B 804 25.92 -7.18 1.69
N VAL B 805 25.63 -6.58 0.54
CA VAL B 805 26.69 -6.04 -0.31
C VAL B 805 27.45 -4.95 0.43
N ALA B 806 26.72 -4.05 1.10
CA ALA B 806 27.35 -2.94 1.80
C ALA B 806 28.22 -3.44 2.95
N ASN B 807 27.76 -4.46 3.66
CA ASN B 807 28.52 -5.03 4.77
C ASN B 807 29.63 -5.97 4.32
N GLY B 808 29.80 -6.17 3.02
CA GLY B 808 30.84 -7.05 2.51
C GLY B 808 30.49 -8.52 2.49
N VAL B 809 29.26 -8.90 2.88
CA VAL B 809 28.91 -10.31 2.95
C VAL B 809 28.70 -10.90 1.56
N ILE B 810 28.35 -10.07 0.58
CA ILE B 810 28.15 -10.51 -0.80
C ILE B 810 29.10 -9.71 -1.70
N VAL B 811 29.81 -10.42 -2.56
CA VAL B 811 30.73 -9.78 -3.52
C VAL B 811 30.37 -10.29 -4.91
N PRO B 812 29.69 -9.50 -5.75
CA PRO B 812 29.34 -9.93 -7.11
C PRO B 812 30.47 -9.68 -8.11
#